data_5HZK
#
_entry.id   5HZK
#
_cell.length_a   112.370
_cell.length_b   119.080
_cell.length_c   131.080
_cell.angle_alpha   90.00
_cell.angle_beta   90.00
_cell.angle_gamma   90.00
#
_symmetry.space_group_name_H-M   'P 21 21 21'
#
loop_
_entity.id
_entity.type
_entity.pdbx_description
1 polymer 'Cell division control protein 42 homolog'
2 polymer Intersectin-1,NPH1-1,Intersectin-1
3 non-polymer "GUANOSINE-5'-DIPHOSPHATE"
4 non-polymer 'FLAVIN MONONUCLEOTIDE'
#
loop_
_entity_poly.entity_id
_entity_poly.type
_entity_poly.pdbx_seq_one_letter_code
_entity_poly.pdbx_strand_id
1 'polypeptide(L)'
;GAMQTIKCVVVGDGAVGKTCLLISYTTNKFPSEYVPTVFDNYAVTVMIGGEPYTLGLFDTAGQEDYDRLRPLSYPQTDVF
LVCFSVVSPSSFENVKEKWVPEITHHCPKTPFLLVGTQIDLRDDPSTIEKLAKNKQKPITPETAEKLARDLKAVKYVECS
ALTQRGLKNVFDEAILAALEPPETQPKRKS
;
A,C
2 'polypeptide(L)'
;MLTPTERKRQGYIHELIVTEENYVNDLQLVTEIFQKPLMESELLTEKEVAMIFVNWKELIMCNIKLLKALRVRKKMSGEL
ATTLERIEKNFVITDPRLPDNPIIFASDSFLQLTEYSREEILGRNCRFLQGPETDRATVRKIRDAIDNQTEVTVQLINYT
KSGKKFWNLFHLQPMRDQKGDVQYFIGVQLDGTEHVRDAAEREGVMLIKKTAENIDEAAKELKMPVKMIGDILSAQLPHM
QPYIRFCSRQLNGAALIQQKTDEAPDFKEFVKRLAMDPRCKGMPLSSFILKPMQRVTRYPLIIKNILENTPENHPDHSHL
KHALEKAEELCSQVNEGVREKENSDRLEWIQAHVQCEGLSEQLVFNSVTNCLGPRKFLHSGKLYKAKSNKELYGFLFNDF
LLLTQITKPLGSSGTDKVFSPKSNLQYKMYKTPIFLNEVLVKLPTDPSGDEPIFHISHIDRVYTLRAESINERTAWVQKI
KAASELYIETEKKKLEHHHHHH
;
B,D
#
# COMPACT_ATOMS: atom_id res chain seq x y z
N THR A 5 -13.05 21.33 -32.06
CA THR A 5 -12.64 20.24 -31.18
C THR A 5 -11.22 19.79 -31.47
N ILE A 6 -10.38 19.83 -30.45
CA ILE A 6 -8.98 19.42 -30.59
C ILE A 6 -8.78 18.00 -30.06
N LYS A 7 -8.34 17.10 -30.92
CA LYS A 7 -8.13 15.71 -30.52
C LYS A 7 -6.77 15.53 -29.86
N CYS A 8 -6.80 15.19 -28.57
CA CYS A 8 -5.59 14.91 -27.82
C CYS A 8 -5.54 13.43 -27.46
N VAL A 9 -4.42 12.79 -27.75
CA VAL A 9 -4.26 11.37 -27.45
C VAL A 9 -3.13 11.14 -26.47
N VAL A 10 -3.41 10.39 -25.42
CA VAL A 10 -2.42 10.10 -24.38
C VAL A 10 -1.81 8.71 -24.60
N VAL A 11 -0.49 8.69 -24.83
CA VAL A 11 0.22 7.44 -25.04
C VAL A 11 1.36 7.26 -24.03
N GLY A 12 1.83 6.02 -23.89
CA GLY A 12 2.90 5.73 -22.94
C GLY A 12 2.81 4.31 -22.41
N ASP A 13 3.83 3.92 -21.65
CA ASP A 13 3.90 2.56 -21.10
C ASP A 13 2.75 2.27 -20.14
N GLY A 14 2.57 1.00 -19.82
CA GLY A 14 1.54 0.60 -18.89
C GLY A 14 1.86 1.06 -17.47
N ALA A 15 0.81 1.37 -16.71
CA ALA A 15 0.92 1.76 -15.32
C ALA A 15 1.83 2.98 -15.09
N VAL A 16 1.88 3.88 -16.06
CA VAL A 16 2.63 5.11 -15.86
C VAL A 16 1.74 6.23 -15.32
N GLY A 17 0.43 6.04 -15.45
CA GLY A 17 -0.52 6.99 -14.90
C GLY A 17 -1.31 7.73 -15.95
N LYS A 18 -1.51 7.12 -17.12
CA LYS A 18 -2.26 7.76 -18.20
C LYS A 18 -3.73 7.94 -17.85
N THR A 19 -4.38 6.86 -17.46
CA THR A 19 -5.80 6.88 -17.12
C THR A 19 -6.10 7.79 -15.95
N CYS A 20 -5.24 7.76 -14.93
CA CYS A 20 -5.47 8.57 -13.74
C CYS A 20 -5.43 10.07 -14.01
N LEU A 21 -4.44 10.52 -14.79
CA LEU A 21 -4.31 11.95 -15.06
C LEU A 21 -5.48 12.43 -15.92
N LEU A 22 -6.04 11.53 -16.72
CA LEU A 22 -7.21 11.86 -17.52
C LEU A 22 -8.44 11.98 -16.64
N ILE A 23 -8.61 11.02 -15.73
CA ILE A 23 -9.74 11.06 -14.81
C ILE A 23 -9.60 12.21 -13.82
N SER A 24 -8.40 12.39 -13.28
CA SER A 24 -8.16 13.45 -12.30
C SER A 24 -8.33 14.83 -12.90
N TYR A 25 -8.10 14.96 -14.20
CA TYR A 25 -8.24 16.25 -14.87
C TYR A 25 -9.72 16.54 -15.16
N THR A 26 -10.43 15.52 -15.63
CA THR A 26 -11.81 15.70 -16.04
C THR A 26 -12.77 15.70 -14.85
N THR A 27 -12.46 14.92 -13.82
CA THR A 27 -13.34 14.83 -12.65
C THR A 27 -12.83 15.66 -11.47
N ASN A 28 -11.71 16.35 -11.68
CA ASN A 28 -11.11 17.22 -10.67
C ASN A 28 -10.79 16.51 -9.35
N LYS A 29 -10.63 15.19 -9.41
CA LYS A 29 -10.27 14.41 -8.24
C LYS A 29 -9.56 13.12 -8.64
N PHE A 30 -8.56 12.73 -7.87
CA PHE A 30 -7.82 11.50 -8.15
C PHE A 30 -8.70 10.28 -7.86
N PRO A 31 -8.69 9.31 -8.79
CA PRO A 31 -9.52 8.11 -8.67
C PRO A 31 -9.26 7.33 -7.38
N SER A 32 -10.30 7.10 -6.60
CA SER A 32 -10.18 6.29 -5.40
C SER A 32 -9.87 4.86 -5.77
N GLU A 33 -9.08 4.18 -4.94
CA GLU A 33 -8.72 2.79 -5.20
C GLU A 33 -9.93 1.88 -5.11
N TYR A 34 -10.96 2.33 -4.40
CA TYR A 34 -12.14 1.52 -4.16
C TYR A 34 -13.22 1.78 -5.22
N VAL A 35 -13.12 2.92 -5.90
CA VAL A 35 -14.02 3.23 -7.00
C VAL A 35 -13.24 3.52 -8.28
N PRO A 36 -12.71 2.46 -8.93
CA PRO A 36 -11.89 2.60 -10.14
C PRO A 36 -12.68 2.42 -11.44
N THR A 37 -12.40 3.24 -12.43
CA THR A 37 -13.08 3.14 -13.73
C THR A 37 -12.12 3.27 -14.90
N VAL A 38 -12.65 3.12 -16.11
CA VAL A 38 -11.87 3.34 -17.33
C VAL A 38 -12.12 4.78 -17.79
N PHE A 39 -11.53 5.15 -18.92
CA PHE A 39 -11.73 6.50 -19.44
C PHE A 39 -12.30 6.50 -20.86
N ASP A 40 -13.62 6.67 -20.95
CA ASP A 40 -14.29 6.77 -22.25
C ASP A 40 -13.91 8.08 -22.93
N ASN A 41 -14.07 8.13 -24.24
CA ASN A 41 -13.73 9.32 -25.00
C ASN A 41 -14.51 10.53 -24.48
N TYR A 42 -13.78 11.49 -23.92
CA TYR A 42 -14.39 12.61 -23.22
C TYR A 42 -14.04 13.95 -23.85
N ALA A 43 -14.94 14.92 -23.72
CA ALA A 43 -14.71 16.26 -24.26
C ALA A 43 -14.87 17.32 -23.17
N VAL A 44 -13.82 18.12 -22.97
CA VAL A 44 -13.88 19.20 -21.99
C VAL A 44 -13.66 20.54 -22.69
N THR A 45 -14.22 21.59 -22.10
CA THR A 45 -14.07 22.93 -22.66
C THR A 45 -13.42 23.86 -21.66
N VAL A 46 -12.20 24.29 -21.96
CA VAL A 46 -11.47 25.18 -21.08
C VAL A 46 -11.47 26.60 -21.62
N MET A 47 -11.12 27.56 -20.77
CA MET A 47 -11.11 28.96 -21.16
C MET A 47 -9.70 29.53 -21.12
N ILE A 48 -9.19 29.92 -22.29
CA ILE A 48 -7.85 30.48 -22.38
C ILE A 48 -7.89 31.86 -23.06
N GLY A 49 -7.79 32.91 -22.25
CA GLY A 49 -7.81 34.27 -22.75
C GLY A 49 -9.19 34.69 -23.24
N GLY A 50 -10.23 34.11 -22.64
CA GLY A 50 -11.60 34.42 -23.01
C GLY A 50 -12.09 33.61 -24.19
N GLU A 51 -11.24 32.72 -24.69
CA GLU A 51 -11.60 31.88 -25.83
C GLU A 51 -11.80 30.43 -25.40
N PRO A 52 -13.01 29.89 -25.62
CA PRO A 52 -13.31 28.50 -25.26
C PRO A 52 -12.77 27.50 -26.28
N TYR A 53 -12.02 26.52 -25.81
CA TYR A 53 -11.50 25.46 -26.66
C TYR A 53 -12.00 24.10 -26.18
N THR A 54 -12.30 23.21 -27.12
CA THR A 54 -12.83 21.89 -26.76
C THR A 54 -11.80 20.79 -27.03
N LEU A 55 -11.40 20.11 -25.97
CA LEU A 55 -10.44 19.02 -26.06
C LEU A 55 -11.13 17.68 -26.27
N GLY A 56 -10.61 16.88 -27.18
CA GLY A 56 -11.08 15.51 -27.35
C GLY A 56 -10.06 14.57 -26.74
N LEU A 57 -10.39 14.03 -25.57
CA LEU A 57 -9.44 13.23 -24.81
C LEU A 57 -9.58 11.73 -25.09
N PHE A 58 -8.47 11.11 -25.44
CA PHE A 58 -8.43 9.68 -25.76
C PHE A 58 -7.43 8.92 -24.89
N ASP A 59 -7.86 7.79 -24.36
CA ASP A 59 -7.00 6.94 -23.52
C ASP A 59 -6.58 5.68 -24.26
N THR A 60 -5.27 5.48 -24.40
CA THR A 60 -4.74 4.33 -25.12
C THR A 60 -4.34 3.20 -24.19
N ALA A 61 -4.81 3.25 -22.94
CA ALA A 61 -4.50 2.22 -21.97
C ALA A 61 -5.09 0.88 -22.39
N GLY A 62 -4.29 -0.17 -22.31
CA GLY A 62 -4.73 -1.50 -22.66
C GLY A 62 -4.37 -1.85 -24.09
N GLN A 63 -3.78 -0.90 -24.80
CA GLN A 63 -3.42 -1.09 -26.20
C GLN A 63 -1.91 -1.19 -26.38
N GLU A 64 -1.17 -0.93 -25.30
CA GLU A 64 0.29 -0.82 -25.37
C GLU A 64 0.95 -2.07 -25.95
N ASP A 65 0.38 -3.24 -25.66
CA ASP A 65 0.95 -4.50 -26.12
C ASP A 65 0.24 -5.03 -27.37
N TYR A 66 -0.39 -4.13 -28.12
CA TYR A 66 -1.08 -4.52 -29.35
C TYR A 66 -0.79 -3.51 -30.45
N ASP A 67 0.08 -3.90 -31.38
CA ASP A 67 0.66 -2.99 -32.36
C ASP A 67 -0.27 -2.63 -33.51
N ARG A 68 -1.32 -3.42 -33.72
CA ARG A 68 -2.24 -3.18 -34.82
C ARG A 68 -3.51 -2.50 -34.33
N LEU A 69 -3.68 -2.44 -33.02
CA LEU A 69 -4.84 -1.80 -32.43
C LEU A 69 -4.52 -0.37 -31.99
N ARG A 70 -3.28 -0.16 -31.53
CA ARG A 70 -2.81 1.17 -31.15
C ARG A 70 -2.98 2.25 -32.23
N PRO A 71 -2.55 1.98 -33.47
CA PRO A 71 -2.61 3.09 -34.42
C PRO A 71 -4.03 3.41 -34.89
N LEU A 72 -5.01 2.65 -34.44
CA LEU A 72 -6.41 2.92 -34.79
C LEU A 72 -6.88 4.21 -34.14
N SER A 73 -6.26 4.59 -33.03
CA SER A 73 -6.63 5.79 -32.31
C SER A 73 -5.94 7.03 -32.89
N TYR A 74 -4.89 6.79 -33.66
CA TYR A 74 -4.02 7.87 -34.16
C TYR A 74 -4.60 8.79 -35.25
N PRO A 75 -5.48 8.28 -36.15
CA PRO A 75 -6.00 9.19 -37.17
C PRO A 75 -6.66 10.46 -36.62
N GLN A 76 -6.44 11.57 -37.33
CA GLN A 76 -7.03 12.87 -37.00
C GLN A 76 -6.61 13.41 -35.64
N THR A 77 -5.46 12.95 -35.14
CA THR A 77 -4.95 13.43 -33.85
C THR A 77 -4.32 14.81 -34.02
N ASP A 78 -4.70 15.74 -33.15
CA ASP A 78 -4.20 17.11 -33.23
C ASP A 78 -2.97 17.33 -32.33
N VAL A 79 -2.89 16.58 -31.24
CA VAL A 79 -1.74 16.68 -30.34
C VAL A 79 -1.60 15.41 -29.50
N PHE A 80 -0.38 14.93 -29.37
CA PHE A 80 -0.09 13.73 -28.57
C PHE A 80 0.43 14.07 -27.18
N LEU A 81 0.25 13.15 -26.25
CA LEU A 81 0.85 13.25 -24.93
C LEU A 81 1.67 11.99 -24.65
N VAL A 82 2.97 12.06 -24.93
CA VAL A 82 3.87 10.94 -24.67
C VAL A 82 4.23 10.91 -23.19
N CYS A 83 3.76 9.89 -22.48
CA CYS A 83 3.89 9.85 -21.03
C CYS A 83 4.95 8.88 -20.53
N PHE A 84 5.59 9.26 -19.44
CA PHE A 84 6.52 8.39 -18.72
C PHE A 84 6.43 8.73 -17.24
N SER A 85 6.52 7.70 -16.39
CA SER A 85 6.59 7.92 -14.96
C SER A 85 7.98 8.43 -14.60
N VAL A 86 8.05 9.50 -13.82
CA VAL A 86 9.33 10.05 -13.40
C VAL A 86 10.03 9.09 -12.44
N VAL A 87 9.28 8.09 -11.96
CA VAL A 87 9.80 7.06 -11.09
C VAL A 87 10.27 5.85 -11.91
N SER A 88 9.51 5.51 -12.95
CA SER A 88 9.85 4.39 -13.81
C SER A 88 10.80 4.81 -14.93
N PRO A 89 12.06 4.36 -14.87
CA PRO A 89 13.04 4.74 -15.90
C PRO A 89 12.80 4.01 -17.21
N SER A 90 12.26 2.79 -17.13
CA SER A 90 12.00 1.98 -18.32
C SER A 90 10.90 2.61 -19.17
N SER A 91 9.98 3.32 -18.53
CA SER A 91 8.93 4.03 -19.26
C SER A 91 9.51 5.27 -19.91
N PHE A 92 10.60 5.77 -19.34
CA PHE A 92 11.29 6.95 -19.87
C PHE A 92 12.17 6.57 -21.06
N GLU A 93 12.65 5.33 -21.07
CA GLU A 93 13.48 4.85 -22.17
C GLU A 93 12.63 4.52 -23.38
N ASN A 94 11.44 3.98 -23.15
CA ASN A 94 10.53 3.64 -24.23
C ASN A 94 9.97 4.88 -24.94
N VAL A 95 10.22 6.05 -24.36
CA VAL A 95 9.80 7.29 -24.99
C VAL A 95 10.54 7.50 -26.32
N LYS A 96 11.87 7.41 -26.29
CA LYS A 96 12.66 7.60 -27.50
C LYS A 96 12.82 6.30 -28.28
N GLU A 97 12.58 5.17 -27.62
CA GLU A 97 12.77 3.86 -28.23
C GLU A 97 11.49 3.32 -28.86
N LYS A 98 10.35 3.86 -28.46
CA LYS A 98 9.07 3.32 -28.93
C LYS A 98 8.05 4.40 -29.31
N TRP A 99 7.59 5.16 -28.32
CA TRP A 99 6.42 6.01 -28.48
C TRP A 99 6.62 7.19 -29.43
N VAL A 100 7.70 7.95 -29.23
CA VAL A 100 7.98 9.08 -30.11
C VAL A 100 8.29 8.65 -31.57
N PRO A 101 9.07 7.58 -31.76
CA PRO A 101 9.20 7.12 -33.15
C PRO A 101 7.89 6.63 -33.77
N GLU A 102 6.99 6.10 -32.95
CA GLU A 102 5.74 5.54 -33.45
C GLU A 102 4.75 6.62 -33.90
N ILE A 103 4.65 7.69 -33.12
CA ILE A 103 3.73 8.76 -33.48
C ILE A 103 4.30 9.63 -34.60
N THR A 104 5.62 9.62 -34.74
CA THR A 104 6.27 10.35 -35.82
C THR A 104 6.00 9.63 -37.14
N HIS A 105 5.92 8.31 -37.07
CA HIS A 105 5.64 7.49 -38.24
C HIS A 105 4.20 7.67 -38.73
N HIS A 106 3.25 7.61 -37.80
CA HIS A 106 1.84 7.70 -38.15
C HIS A 106 1.37 9.15 -38.31
N CYS A 107 1.84 10.03 -37.43
CA CYS A 107 1.41 11.42 -37.45
C CYS A 107 2.60 12.38 -37.44
N PRO A 108 3.26 12.55 -38.59
CA PRO A 108 4.47 13.39 -38.69
C PRO A 108 4.18 14.88 -38.59
N LYS A 109 2.95 15.28 -38.88
CA LYS A 109 2.58 16.69 -38.83
C LYS A 109 1.93 17.06 -37.50
N THR A 110 1.83 16.07 -36.62
CA THR A 110 1.18 16.27 -35.33
C THR A 110 2.19 16.56 -34.23
N PRO A 111 2.02 17.70 -33.54
CA PRO A 111 2.88 18.08 -32.41
C PRO A 111 2.62 17.24 -31.17
N PHE A 112 3.61 17.13 -30.30
CA PHE A 112 3.46 16.34 -29.09
C PHE A 112 4.23 16.93 -27.92
N LEU A 113 3.68 16.76 -26.72
CA LEU A 113 4.36 17.20 -25.49
C LEU A 113 5.04 16.01 -24.82
N LEU A 114 6.08 16.31 -24.03
CA LEU A 114 6.71 15.30 -23.21
C LEU A 114 6.16 15.41 -21.80
N VAL A 115 5.41 14.40 -21.38
CA VAL A 115 4.72 14.47 -20.09
C VAL A 115 5.34 13.55 -19.05
N GLY A 116 5.87 14.15 -17.99
CA GLY A 116 6.36 13.40 -16.85
C GLY A 116 5.27 13.29 -15.80
N THR A 117 4.92 12.06 -15.43
CA THR A 117 3.81 11.84 -14.52
C THR A 117 4.26 11.24 -13.20
N GLN A 118 3.35 11.23 -12.22
CA GLN A 118 3.62 10.70 -10.89
C GLN A 118 4.78 11.41 -10.20
N ILE A 119 4.82 12.74 -10.33
CA ILE A 119 5.91 13.52 -9.76
C ILE A 119 5.84 13.61 -8.25
N ASP A 120 4.73 13.17 -7.67
CA ASP A 120 4.57 13.22 -6.22
C ASP A 120 5.31 12.05 -5.55
N LEU A 121 5.72 11.08 -6.35
CA LEU A 121 6.43 9.91 -5.83
C LEU A 121 7.94 10.07 -5.96
N ARG A 122 8.37 11.21 -6.47
CA ARG A 122 9.78 11.46 -6.69
C ARG A 122 10.50 11.80 -5.39
N ASP A 123 9.75 12.37 -4.45
CA ASP A 123 10.29 12.73 -3.15
C ASP A 123 9.96 11.69 -2.09
N ASP A 124 9.09 10.74 -2.46
CA ASP A 124 8.67 9.68 -1.56
C ASP A 124 9.83 8.75 -1.19
N PRO A 125 10.17 8.70 0.11
CA PRO A 125 11.28 7.89 0.63
C PRO A 125 11.13 6.40 0.35
N SER A 126 9.91 5.89 0.44
CA SER A 126 9.65 4.47 0.22
C SER A 126 9.94 4.06 -1.22
N THR A 127 9.67 4.98 -2.15
CA THR A 127 9.82 4.69 -3.57
C THR A 127 11.29 4.75 -4.01
N ILE A 128 12.04 5.67 -3.44
CA ILE A 128 13.47 5.80 -3.74
C ILE A 128 14.21 4.54 -3.28
N GLU A 129 13.75 3.96 -2.18
CA GLU A 129 14.35 2.75 -1.64
C GLU A 129 14.25 1.59 -2.64
N LYS A 130 13.08 1.44 -3.26
CA LYS A 130 12.87 0.38 -4.24
C LYS A 130 13.71 0.61 -5.49
N LEU A 131 13.88 1.87 -5.87
CA LEU A 131 14.65 2.22 -7.05
C LEU A 131 16.15 2.07 -6.77
N ALA A 132 16.54 2.26 -5.52
CA ALA A 132 17.93 2.13 -5.13
C ALA A 132 18.39 0.68 -5.20
N LYS A 133 17.47 -0.24 -4.95
CA LYS A 133 17.77 -1.67 -4.98
C LYS A 133 18.07 -2.16 -6.40
N ASN A 134 17.63 -1.39 -7.40
CA ASN A 134 17.92 -1.73 -8.79
C ASN A 134 18.89 -0.73 -9.41
N LYS A 135 19.60 -0.01 -8.55
CA LYS A 135 20.60 0.98 -8.97
C LYS A 135 20.01 2.03 -9.91
N GLN A 136 18.77 2.44 -9.63
CA GLN A 136 18.09 3.43 -10.46
C GLN A 136 17.67 4.64 -9.64
N LYS A 137 17.63 5.79 -10.31
CA LYS A 137 17.20 7.04 -9.67
C LYS A 137 16.07 7.65 -10.48
N PRO A 138 15.11 8.28 -9.79
CA PRO A 138 13.97 8.94 -10.45
C PRO A 138 14.41 10.03 -11.43
N ILE A 139 13.71 10.12 -12.56
CA ILE A 139 14.07 11.07 -13.61
C ILE A 139 13.88 12.52 -13.18
N THR A 140 14.99 13.24 -13.05
CA THR A 140 14.95 14.67 -12.75
C THR A 140 14.47 15.45 -13.97
N PRO A 141 13.75 16.56 -13.75
CA PRO A 141 13.24 17.38 -14.86
C PRO A 141 14.32 17.84 -15.83
N GLU A 142 15.52 18.09 -15.33
CA GLU A 142 16.63 18.49 -16.18
C GLU A 142 16.98 17.39 -17.20
N THR A 143 16.89 16.14 -16.76
CA THR A 143 17.12 14.99 -17.64
C THR A 143 16.05 14.92 -18.72
N ALA A 144 14.79 15.04 -18.32
CA ALA A 144 13.67 14.89 -19.23
C ALA A 144 13.58 16.05 -20.23
N GLU A 145 13.96 17.25 -19.79
CA GLU A 145 13.96 18.41 -20.68
C GLU A 145 15.00 18.24 -21.78
N LYS A 146 16.05 17.48 -21.50
CA LYS A 146 17.07 17.18 -22.49
C LYS A 146 16.51 16.27 -23.59
N LEU A 147 15.69 15.31 -23.18
CA LEU A 147 15.06 14.40 -24.12
C LEU A 147 13.98 15.13 -24.94
N ALA A 148 13.41 16.18 -24.35
CA ALA A 148 12.39 16.96 -25.02
C ALA A 148 12.96 17.70 -26.23
N ARG A 149 14.20 18.17 -26.08
CA ARG A 149 14.89 18.88 -27.17
C ARG A 149 15.36 17.90 -28.23
N ASP A 150 15.96 16.80 -27.78
CA ASP A 150 16.58 15.82 -28.66
C ASP A 150 15.55 15.11 -29.55
N LEU A 151 14.32 15.02 -29.08
CA LEU A 151 13.25 14.39 -29.86
C LEU A 151 12.33 15.41 -30.50
N LYS A 152 12.76 16.67 -30.46
CA LYS A 152 12.01 17.78 -31.08
C LYS A 152 10.59 17.92 -30.53
N ALA A 153 10.41 17.59 -29.26
CA ALA A 153 9.12 17.78 -28.60
C ALA A 153 8.86 19.27 -28.40
N VAL A 154 7.60 19.67 -28.38
CA VAL A 154 7.23 21.06 -28.21
C VAL A 154 7.79 21.63 -26.91
N LYS A 155 7.53 20.93 -25.81
CA LYS A 155 8.10 21.29 -24.51
C LYS A 155 7.91 20.14 -23.53
N TYR A 156 8.43 20.33 -22.32
CA TYR A 156 8.31 19.32 -21.28
C TYR A 156 7.40 19.81 -20.15
N VAL A 157 6.57 18.90 -19.65
CA VAL A 157 5.66 19.23 -18.55
C VAL A 157 5.65 18.13 -17.49
N GLU A 158 5.38 18.52 -16.25
CA GLU A 158 5.26 17.56 -15.16
C GLU A 158 3.91 17.67 -14.49
N CYS A 159 3.38 16.54 -14.04
CA CYS A 159 2.10 16.54 -13.34
C CYS A 159 1.96 15.40 -12.37
N SER A 160 1.08 15.59 -11.39
CA SER A 160 0.70 14.54 -10.46
C SER A 160 -0.82 14.46 -10.44
N ALA A 161 -1.36 13.32 -10.87
CA ALA A 161 -2.80 13.11 -10.84
C ALA A 161 -3.30 13.09 -9.40
N LEU A 162 -2.40 12.83 -8.48
CA LEU A 162 -2.73 12.73 -7.06
C LEU A 162 -2.77 14.10 -6.39
N THR A 163 -1.79 14.94 -6.69
CA THR A 163 -1.67 16.25 -6.08
C THR A 163 -2.33 17.33 -6.95
N GLN A 164 -2.60 16.97 -8.21
CA GLN A 164 -3.10 17.90 -9.22
C GLN A 164 -2.11 19.03 -9.51
N ARG A 165 -0.85 18.83 -9.13
CA ARG A 165 0.18 19.82 -9.38
C ARG A 165 0.61 19.82 -10.84
N GLY A 166 0.38 20.95 -11.51
CA GLY A 166 0.72 21.08 -12.92
C GLY A 166 -0.08 20.15 -13.81
N LEU A 167 -1.21 19.66 -13.28
CA LEU A 167 -2.09 18.78 -14.05
C LEU A 167 -2.88 19.58 -15.08
N LYS A 168 -3.49 20.67 -14.63
CA LYS A 168 -4.23 21.57 -15.51
C LYS A 168 -3.30 22.10 -16.61
N ASN A 169 -2.09 22.46 -16.21
CA ASN A 169 -1.09 23.03 -17.12
C ASN A 169 -0.75 22.13 -18.29
N VAL A 170 -0.73 20.82 -18.06
CA VAL A 170 -0.41 19.86 -19.10
C VAL A 170 -1.36 19.96 -20.29
N PHE A 171 -2.66 19.97 -20.01
CA PHE A 171 -3.67 20.05 -21.06
C PHE A 171 -3.78 21.45 -21.63
N ASP A 172 -3.39 22.44 -20.85
CA ASP A 172 -3.38 23.82 -21.33
C ASP A 172 -2.27 24.01 -22.35
N GLU A 173 -1.10 23.48 -22.06
CA GLU A 173 0.04 23.55 -22.97
C GLU A 173 -0.21 22.66 -24.20
N ALA A 174 -1.03 21.63 -24.01
CA ALA A 174 -1.37 20.71 -25.09
C ALA A 174 -2.19 21.41 -26.17
N ILE A 175 -3.10 22.27 -25.72
CA ILE A 175 -3.95 23.03 -26.63
C ILE A 175 -3.12 24.05 -27.40
N LEU A 176 -2.26 24.77 -26.70
CA LEU A 176 -1.40 25.78 -27.31
C LEU A 176 -0.48 25.17 -28.37
N ALA A 177 -0.16 23.89 -28.21
CA ALA A 177 0.71 23.20 -29.16
C ALA A 177 -0.07 22.81 -30.42
N ALA A 178 -1.39 22.66 -30.28
CA ALA A 178 -2.23 22.24 -31.40
C ALA A 178 -2.74 23.45 -32.18
N LEU A 179 -2.36 24.65 -31.73
CA LEU A 179 -2.76 25.88 -32.39
C LEU A 179 -1.59 26.49 -33.16
N GLU A 180 -0.49 25.75 -33.23
CA GLU A 180 0.71 26.20 -33.94
C GLU A 180 0.50 26.15 -35.46
N LEU B 2 -14.30 -4.56 6.21
CA LEU B 2 -13.93 -4.86 4.84
C LEU B 2 -12.44 -4.59 4.60
N THR B 3 -11.71 -5.61 4.20
CA THR B 3 -10.29 -5.47 3.87
C THR B 3 -10.18 -4.63 2.60
N PRO B 4 -9.09 -3.83 2.49
CA PRO B 4 -8.87 -2.99 1.31
C PRO B 4 -8.87 -3.80 0.02
N THR B 5 -8.39 -5.04 0.09
CA THR B 5 -8.35 -5.93 -1.07
C THR B 5 -9.75 -6.31 -1.54
N GLU B 6 -10.59 -6.76 -0.61
CA GLU B 6 -11.94 -7.19 -0.93
C GLU B 6 -12.83 -6.01 -1.33
N ARG B 7 -12.48 -4.82 -0.85
CA ARG B 7 -13.26 -3.63 -1.17
C ARG B 7 -12.97 -3.19 -2.60
N LYS B 8 -11.75 -3.44 -3.07
CA LYS B 8 -11.36 -3.15 -4.44
C LYS B 8 -12.07 -4.10 -5.40
N ARG B 9 -12.25 -5.34 -4.97
CA ARG B 9 -12.92 -6.35 -5.80
C ARG B 9 -14.36 -5.95 -6.10
N GLN B 10 -15.09 -5.53 -5.07
CA GLN B 10 -16.47 -5.09 -5.24
C GLN B 10 -16.53 -3.87 -6.14
N GLY B 11 -15.47 -3.07 -6.12
CA GLY B 11 -15.39 -1.88 -6.95
C GLY B 11 -15.10 -2.17 -8.40
N TYR B 12 -14.26 -3.17 -8.65
CA TYR B 12 -13.90 -3.53 -10.01
C TYR B 12 -14.98 -4.36 -10.69
N ILE B 13 -15.69 -5.17 -9.92
CA ILE B 13 -16.83 -5.91 -10.45
C ILE B 13 -17.93 -4.91 -10.80
N HIS B 14 -18.07 -3.88 -9.97
CA HIS B 14 -18.99 -2.79 -10.25
C HIS B 14 -18.59 -2.08 -11.55
N GLU B 15 -17.29 -1.84 -11.70
CA GLU B 15 -16.76 -1.19 -12.90
C GLU B 15 -17.12 -1.97 -14.17
N LEU B 16 -16.93 -3.29 -14.10
CA LEU B 16 -17.21 -4.15 -15.25
C LEU B 16 -18.65 -4.00 -15.75
N ILE B 17 -19.60 -4.11 -14.83
CA ILE B 17 -21.00 -4.06 -15.17
C ILE B 17 -21.43 -2.66 -15.60
N VAL B 18 -20.99 -1.64 -14.88
CA VAL B 18 -21.35 -0.26 -15.20
C VAL B 18 -20.81 0.16 -16.57
N THR B 19 -19.54 -0.13 -16.82
CA THR B 19 -18.94 0.22 -18.10
C THR B 19 -19.54 -0.60 -19.24
N GLU B 20 -20.03 -1.80 -18.91
CA GLU B 20 -20.71 -2.62 -19.90
C GLU B 20 -22.05 -2.01 -20.25
N GLU B 21 -22.75 -1.50 -19.23
CA GLU B 21 -24.01 -0.81 -19.44
C GLU B 21 -23.82 0.39 -20.37
N ASN B 22 -22.80 1.18 -20.08
CA ASN B 22 -22.50 2.36 -20.89
C ASN B 22 -22.04 1.98 -22.30
N TYR B 23 -21.32 0.87 -22.41
CA TYR B 23 -20.81 0.44 -23.70
C TYR B 23 -21.92 -0.08 -24.62
N VAL B 24 -22.77 -0.96 -24.10
CA VAL B 24 -23.91 -1.48 -24.86
C VAL B 24 -24.82 -0.33 -25.28
N ASN B 25 -24.99 0.64 -24.40
CA ASN B 25 -25.79 1.82 -24.70
C ASN B 25 -25.15 2.67 -25.79
N ASP B 26 -23.83 2.80 -25.74
CA ASP B 26 -23.09 3.56 -26.75
C ASP B 26 -23.16 2.90 -28.13
N LEU B 27 -23.20 1.57 -28.14
CA LEU B 27 -23.37 0.83 -29.39
C LEU B 27 -24.73 1.14 -30.01
N GLN B 28 -25.75 1.22 -29.16
CA GLN B 28 -27.11 1.42 -29.61
C GLN B 28 -27.37 2.87 -30.01
N LEU B 29 -26.58 3.80 -29.45
CA LEU B 29 -26.69 5.20 -29.82
C LEU B 29 -26.22 5.43 -31.25
N VAL B 30 -25.09 4.81 -31.59
CA VAL B 30 -24.51 4.95 -32.92
C VAL B 30 -25.46 4.42 -33.99
N THR B 31 -26.08 3.28 -33.72
CA THR B 31 -27.03 2.69 -34.64
C THR B 31 -28.24 3.60 -34.84
N GLU B 32 -28.70 4.21 -33.75
CA GLU B 32 -29.90 5.04 -33.79
C GLU B 32 -29.68 6.38 -34.48
N ILE B 33 -28.60 7.08 -34.12
CA ILE B 33 -28.44 8.45 -34.57
C ILE B 33 -27.34 8.65 -35.62
N PHE B 34 -26.65 7.59 -35.98
CA PHE B 34 -25.64 7.69 -37.03
C PHE B 34 -25.92 6.71 -38.17
N GLN B 35 -26.03 5.42 -37.85
CA GLN B 35 -26.15 4.39 -38.87
C GLN B 35 -27.45 4.50 -39.66
N LYS B 36 -28.58 4.51 -38.96
CA LYS B 36 -29.89 4.59 -39.60
C LYS B 36 -30.12 5.92 -40.35
N PRO B 37 -29.71 7.06 -39.77
CA PRO B 37 -29.84 8.28 -40.58
C PRO B 37 -29.00 8.25 -41.87
N LEU B 38 -27.78 7.72 -41.80
CA LEU B 38 -26.92 7.67 -42.98
C LEU B 38 -27.44 6.71 -44.04
N MET B 39 -28.15 5.66 -43.61
CA MET B 39 -28.72 4.69 -44.54
C MET B 39 -29.84 5.33 -45.35
N GLU B 40 -30.55 6.26 -44.73
CA GLU B 40 -31.66 6.94 -45.39
C GLU B 40 -31.20 8.20 -46.11
N SER B 41 -30.05 8.74 -45.69
CA SER B 41 -29.52 9.97 -46.27
C SER B 41 -29.19 9.80 -47.76
N GLU B 42 -28.88 8.57 -48.14
CA GLU B 42 -28.54 8.22 -49.52
C GLU B 42 -27.36 9.02 -50.06
N LEU B 43 -26.51 9.49 -49.15
CA LEU B 43 -25.25 10.12 -49.53
C LEU B 43 -24.20 9.02 -49.69
N LEU B 44 -24.51 7.86 -49.12
CA LEU B 44 -23.66 6.68 -49.21
C LEU B 44 -24.47 5.52 -49.77
N THR B 45 -23.85 4.70 -50.62
CA THR B 45 -24.50 3.51 -51.12
C THR B 45 -24.60 2.46 -50.00
N GLU B 46 -25.35 1.39 -50.25
CA GLU B 46 -25.49 0.32 -49.28
C GLU B 46 -24.13 -0.29 -48.96
N LYS B 47 -23.28 -0.34 -49.97
CA LYS B 47 -21.92 -0.86 -49.81
C LYS B 47 -21.07 0.10 -48.98
N GLU B 48 -21.25 1.39 -49.20
CA GLU B 48 -20.48 2.40 -48.48
C GLU B 48 -20.85 2.46 -47.01
N VAL B 49 -22.12 2.27 -46.70
CA VAL B 49 -22.57 2.22 -45.30
C VAL B 49 -22.02 0.97 -44.64
N ALA B 50 -22.02 -0.14 -45.38
CA ALA B 50 -21.53 -1.42 -44.88
C ALA B 50 -20.02 -1.38 -44.68
N MET B 51 -19.35 -0.45 -45.35
CA MET B 51 -17.91 -0.30 -45.23
C MET B 51 -17.53 0.44 -43.95
N ILE B 52 -18.49 1.18 -43.40
CA ILE B 52 -18.25 1.97 -42.20
C ILE B 52 -18.62 1.21 -40.93
N PHE B 53 -19.91 1.09 -40.67
CA PHE B 53 -20.41 0.43 -39.47
C PHE B 53 -20.20 -1.09 -39.47
N VAL B 54 -20.09 -1.67 -40.68
CA VAL B 54 -19.93 -3.11 -40.91
C VAL B 54 -20.81 -3.92 -39.91
N ASN B 55 -20.26 -4.91 -39.22
CA ASN B 55 -21.09 -5.74 -38.35
C ASN B 55 -21.30 -5.15 -36.95
N TRP B 56 -21.73 -3.89 -36.93
CA TRP B 56 -22.04 -3.19 -35.69
C TRP B 56 -23.22 -3.86 -34.99
N LYS B 57 -24.22 -4.24 -35.77
CA LYS B 57 -25.40 -4.93 -35.27
C LYS B 57 -25.02 -6.25 -34.60
N GLU B 58 -24.06 -6.95 -35.19
CA GLU B 58 -23.61 -8.24 -34.69
C GLU B 58 -22.84 -8.09 -33.38
N LEU B 59 -22.25 -6.91 -33.18
CA LEU B 59 -21.54 -6.62 -31.95
C LEU B 59 -22.51 -6.31 -30.81
N ILE B 60 -23.64 -5.71 -31.15
CA ILE B 60 -24.65 -5.35 -30.16
C ILE B 60 -25.29 -6.60 -29.56
N MET B 61 -25.74 -7.51 -30.44
CA MET B 61 -26.33 -8.77 -29.99
C MET B 61 -25.30 -9.59 -29.21
N CYS B 62 -24.04 -9.40 -29.55
CA CYS B 62 -22.94 -10.12 -28.91
C CYS B 62 -22.74 -9.69 -27.46
N ASN B 63 -22.96 -8.41 -27.17
CA ASN B 63 -22.74 -7.87 -25.84
C ASN B 63 -24.00 -7.80 -24.99
N ILE B 64 -25.17 -7.77 -25.64
CA ILE B 64 -26.43 -7.80 -24.92
C ILE B 64 -26.58 -9.13 -24.18
N LYS B 65 -26.19 -10.22 -24.85
CA LYS B 65 -26.21 -11.55 -24.26
C LYS B 65 -25.30 -11.57 -23.03
N LEU B 66 -24.19 -10.84 -23.11
CA LEU B 66 -23.26 -10.70 -22.00
C LEU B 66 -23.85 -9.80 -20.92
N LEU B 67 -24.45 -8.70 -21.34
CA LEU B 67 -25.00 -7.71 -20.41
C LEU B 67 -26.13 -8.29 -19.57
N LYS B 68 -27.00 -9.08 -20.19
CA LYS B 68 -28.11 -9.68 -19.47
C LYS B 68 -27.63 -10.66 -18.42
N ALA B 69 -26.55 -11.38 -18.73
CA ALA B 69 -25.99 -12.35 -17.80
C ALA B 69 -25.44 -11.68 -16.55
N LEU B 70 -24.78 -10.54 -16.75
CA LEU B 70 -24.21 -9.78 -15.63
C LEU B 70 -25.31 -9.10 -14.81
N ARG B 71 -26.43 -8.81 -15.46
CA ARG B 71 -27.55 -8.14 -14.79
C ARG B 71 -28.35 -9.11 -13.93
N VAL B 72 -28.51 -10.34 -14.41
CA VAL B 72 -29.23 -11.37 -13.69
C VAL B 72 -28.60 -11.64 -12.33
N ARG B 73 -27.28 -11.64 -12.29
CA ARG B 73 -26.53 -11.90 -11.06
C ARG B 73 -26.82 -10.84 -9.99
N LYS B 74 -26.89 -9.58 -10.41
CA LYS B 74 -27.23 -8.48 -9.51
C LYS B 74 -28.71 -8.46 -9.20
N LYS B 75 -29.52 -9.01 -10.09
CA LYS B 75 -30.96 -9.04 -9.92
C LYS B 75 -31.38 -10.02 -8.83
N MET B 76 -30.55 -11.06 -8.65
CA MET B 76 -30.84 -12.10 -7.66
C MET B 76 -30.93 -11.53 -6.26
N SER B 77 -30.07 -10.56 -5.94
CA SER B 77 -30.07 -9.93 -4.63
C SER B 77 -31.20 -8.92 -4.50
N GLY B 78 -31.71 -8.47 -5.64
CA GLY B 78 -32.80 -7.50 -5.66
C GLY B 78 -34.15 -8.18 -5.54
N GLU B 79 -34.31 -9.31 -6.22
CA GLU B 79 -35.56 -10.06 -6.17
C GLU B 79 -35.73 -10.74 -4.81
N LEU B 80 -34.61 -11.12 -4.20
CA LEU B 80 -34.63 -11.79 -2.91
C LEU B 80 -35.00 -10.83 -1.78
N ALA B 81 -34.46 -9.62 -1.85
CA ALA B 81 -34.69 -8.62 -0.80
C ALA B 81 -36.16 -8.21 -0.74
N THR B 82 -36.81 -8.15 -1.90
CA THR B 82 -38.21 -7.77 -1.98
C THR B 82 -39.10 -8.93 -1.54
N THR B 83 -38.54 -10.13 -1.58
CA THR B 83 -39.28 -11.33 -1.18
C THR B 83 -39.18 -11.57 0.32
N LEU B 84 -37.99 -11.41 0.87
CA LEU B 84 -37.76 -11.63 2.30
C LEU B 84 -38.03 -10.37 3.11
N GLU B 85 -38.73 -9.41 2.50
CA GLU B 85 -39.09 -8.17 3.20
C GLU B 85 -40.39 -8.36 3.96
N ARG B 86 -41.15 -9.38 3.59
CA ARG B 86 -42.40 -9.70 4.27
C ARG B 86 -42.16 -10.28 5.66
N ILE B 87 -40.92 -10.74 5.88
CA ILE B 87 -40.53 -11.28 7.18
C ILE B 87 -39.84 -10.21 8.02
N GLU B 88 -40.57 -9.64 8.96
CA GLU B 88 -40.04 -8.57 9.81
C GLU B 88 -39.39 -9.13 11.07
N LYS B 89 -38.44 -10.04 10.88
CA LYS B 89 -37.71 -10.64 11.99
C LYS B 89 -36.21 -10.45 11.84
N ASN B 90 -35.48 -10.58 12.93
CA ASN B 90 -34.02 -10.45 12.92
C ASN B 90 -33.37 -11.70 12.34
N PHE B 91 -32.83 -11.60 11.13
CA PHE B 91 -32.14 -12.73 10.54
C PHE B 91 -31.10 -12.33 9.50
N VAL B 92 -30.07 -13.15 9.34
CA VAL B 92 -29.05 -12.94 8.32
C VAL B 92 -28.84 -14.23 7.53
N ILE B 93 -28.31 -14.10 6.32
CA ILE B 93 -27.97 -15.27 5.50
C ILE B 93 -26.50 -15.24 5.11
N THR B 94 -25.80 -16.35 5.31
CA THR B 94 -24.38 -16.41 5.05
C THR B 94 -24.03 -17.46 3.98
N ASP B 95 -22.90 -17.28 3.33
CA ASP B 95 -22.46 -18.18 2.26
C ASP B 95 -21.18 -18.94 2.65
N PRO B 96 -21.33 -20.21 3.05
CA PRO B 96 -20.23 -21.07 3.47
C PRO B 96 -19.19 -21.28 2.36
N ARG B 97 -19.65 -21.23 1.12
CA ARG B 97 -18.79 -21.47 -0.03
C ARG B 97 -17.85 -20.30 -0.29
N LEU B 98 -18.10 -19.18 0.39
CA LEU B 98 -17.23 -18.01 0.31
C LEU B 98 -16.34 -17.93 1.55
N PRO B 99 -15.14 -17.33 1.40
CA PRO B 99 -14.16 -17.20 2.49
C PRO B 99 -14.73 -16.60 3.78
N ASP B 100 -14.49 -17.27 4.90
CA ASP B 100 -14.87 -16.80 6.23
C ASP B 100 -16.39 -16.68 6.39
N ASN B 101 -17.13 -17.33 5.51
CA ASN B 101 -18.59 -17.41 5.61
C ASN B 101 -19.26 -16.04 5.79
N PRO B 102 -19.25 -15.21 4.75
CA PRO B 102 -19.71 -13.82 4.83
C PRO B 102 -21.24 -13.69 4.80
N ILE B 103 -21.75 -12.64 5.42
CA ILE B 103 -23.17 -12.33 5.33
C ILE B 103 -23.51 -11.82 3.94
N ILE B 104 -24.34 -12.57 3.22
CA ILE B 104 -24.74 -12.18 1.88
C ILE B 104 -26.10 -11.51 1.88
N PHE B 105 -26.76 -11.54 3.04
CA PHE B 105 -28.05 -10.88 3.21
C PHE B 105 -28.34 -10.59 4.67
N ALA B 106 -28.75 -9.36 4.96
CA ALA B 106 -29.15 -8.97 6.30
C ALA B 106 -30.53 -8.30 6.28
N SER B 107 -31.42 -8.76 7.14
CA SER B 107 -32.78 -8.21 7.20
C SER B 107 -32.79 -6.78 7.73
N ASP B 108 -33.87 -6.06 7.44
CA ASP B 108 -34.05 -4.70 7.93
C ASP B 108 -34.13 -4.67 9.44
N SER B 109 -34.82 -5.66 10.01
CA SER B 109 -35.00 -5.76 11.45
C SER B 109 -33.67 -5.99 12.17
N PHE B 110 -32.79 -6.76 11.54
CA PHE B 110 -31.47 -7.05 12.09
C PHE B 110 -30.64 -5.77 12.15
N LEU B 111 -30.79 -4.92 11.14
CA LEU B 111 -30.05 -3.67 11.09
C LEU B 111 -30.55 -2.66 12.12
N GLN B 112 -31.84 -2.72 12.43
CA GLN B 112 -32.44 -1.85 13.44
C GLN B 112 -31.98 -2.26 14.84
N LEU B 113 -31.92 -3.56 15.08
CA LEU B 113 -31.53 -4.10 16.37
C LEU B 113 -30.04 -3.88 16.64
N THR B 114 -29.21 -4.26 15.69
CA THR B 114 -27.76 -4.21 15.85
C THR B 114 -27.20 -2.81 15.62
N GLU B 115 -28.06 -1.89 15.19
CA GLU B 115 -27.69 -0.51 14.91
C GLU B 115 -26.63 -0.40 13.80
N TYR B 116 -26.56 -1.42 12.96
CA TYR B 116 -25.61 -1.43 11.84
C TYR B 116 -26.31 -1.10 10.53
N SER B 117 -25.53 -0.63 9.55
CA SER B 117 -26.04 -0.42 8.20
C SER B 117 -25.66 -1.62 7.34
N ARG B 118 -26.43 -1.85 6.27
CA ARG B 118 -26.20 -3.02 5.42
C ARG B 118 -24.86 -2.95 4.68
N GLU B 119 -24.33 -1.74 4.53
CA GLU B 119 -23.06 -1.55 3.85
C GLU B 119 -21.85 -1.87 4.74
N GLU B 120 -22.07 -1.84 6.05
CA GLU B 120 -20.99 -2.12 7.01
C GLU B 120 -21.02 -3.56 7.47
N ILE B 121 -21.93 -4.34 6.92
CA ILE B 121 -22.15 -5.70 7.38
C ILE B 121 -21.85 -6.76 6.31
N LEU B 122 -22.41 -6.56 5.12
CA LEU B 122 -22.28 -7.52 4.04
C LEU B 122 -20.83 -7.82 3.70
N GLY B 123 -20.47 -9.09 3.71
CA GLY B 123 -19.12 -9.52 3.40
C GLY B 123 -18.27 -9.78 4.62
N ARG B 124 -18.91 -9.79 5.79
CA ARG B 124 -18.21 -10.03 7.04
C ARG B 124 -18.87 -11.13 7.86
N ASN B 125 -18.09 -11.82 8.67
CA ASN B 125 -18.60 -12.86 9.56
C ASN B 125 -19.32 -12.24 10.75
N CYS B 126 -20.38 -12.90 11.20
CA CYS B 126 -21.26 -12.34 12.23
C CYS B 126 -20.63 -12.32 13.62
N ARG B 127 -19.34 -12.61 13.71
CA ARG B 127 -18.65 -12.67 14.99
C ARG B 127 -18.44 -11.28 15.59
N PHE B 128 -18.76 -10.24 14.82
CA PHE B 128 -18.58 -8.87 15.29
C PHE B 128 -19.60 -8.53 16.38
N LEU B 129 -20.66 -9.33 16.47
CA LEU B 129 -21.69 -9.13 17.48
C LEU B 129 -21.21 -9.55 18.87
N GLN B 130 -20.15 -10.35 18.90
CA GLN B 130 -19.64 -10.88 20.16
C GLN B 130 -18.80 -9.84 20.91
N GLY B 131 -18.69 -10.01 22.22
CA GLY B 131 -17.95 -9.08 23.05
C GLY B 131 -17.42 -9.71 24.32
N PRO B 132 -17.18 -8.86 25.34
CA PRO B 132 -16.58 -9.28 26.62
C PRO B 132 -17.39 -10.34 27.36
N GLU B 133 -18.64 -10.03 27.69
CA GLU B 133 -19.47 -10.93 28.48
C GLU B 133 -20.01 -12.11 27.67
N THR B 134 -19.68 -12.13 26.38
CA THR B 134 -20.10 -13.22 25.50
C THR B 134 -19.40 -14.51 25.90
N ASP B 135 -20.18 -15.56 26.16
CA ASP B 135 -19.62 -16.84 26.56
C ASP B 135 -18.93 -17.52 25.39
N ARG B 136 -17.60 -17.58 25.46
CA ARG B 136 -16.79 -18.15 24.39
C ARG B 136 -17.07 -19.63 24.19
N ALA B 137 -17.53 -20.29 25.26
CA ALA B 137 -17.89 -21.70 25.20
C ALA B 137 -19.14 -21.89 24.34
N THR B 138 -20.06 -20.95 24.45
CA THR B 138 -21.29 -20.99 23.66
C THR B 138 -20.98 -20.69 22.20
N VAL B 139 -20.01 -19.80 21.97
CA VAL B 139 -19.61 -19.45 20.61
C VAL B 139 -19.06 -20.67 19.89
N ARG B 140 -18.27 -21.47 20.60
CA ARG B 140 -17.70 -22.68 20.02
C ARG B 140 -18.77 -23.71 19.71
N LYS B 141 -19.92 -23.59 20.37
CA LYS B 141 -21.05 -24.47 20.08
C LYS B 141 -21.66 -24.10 18.73
N ILE B 142 -21.55 -22.83 18.37
CA ILE B 142 -22.05 -22.35 17.08
C ILE B 142 -21.10 -22.76 15.96
N ARG B 143 -19.80 -22.65 16.25
CA ARG B 143 -18.77 -23.01 15.28
C ARG B 143 -18.89 -24.47 14.87
N ASP B 144 -19.07 -25.35 15.86
CA ASP B 144 -19.16 -26.78 15.60
C ASP B 144 -20.33 -27.12 14.70
N ALA B 145 -21.49 -26.54 14.99
CA ALA B 145 -22.71 -26.80 14.22
C ALA B 145 -22.52 -26.42 12.75
N ILE B 146 -21.74 -25.37 12.51
CA ILE B 146 -21.43 -24.94 11.15
C ILE B 146 -20.48 -25.93 10.48
N ASP B 147 -19.46 -26.36 11.21
CA ASP B 147 -18.50 -27.33 10.71
C ASP B 147 -19.16 -28.69 10.52
N ASN B 148 -20.13 -28.99 11.38
CA ASN B 148 -20.87 -30.24 11.31
C ASN B 148 -22.07 -30.16 10.39
N GLN B 149 -22.33 -28.95 9.89
CA GLN B 149 -23.45 -28.68 8.99
C GLN B 149 -24.80 -29.13 9.54
N THR B 150 -25.00 -28.89 10.83
CA THR B 150 -26.28 -29.20 11.47
C THR B 150 -26.83 -27.97 12.18
N GLU B 151 -28.13 -27.94 12.42
CA GLU B 151 -28.76 -26.80 13.05
C GLU B 151 -28.40 -26.71 14.53
N VAL B 152 -28.59 -25.53 15.12
CA VAL B 152 -28.29 -25.32 16.53
C VAL B 152 -29.08 -24.13 17.06
N THR B 153 -29.35 -24.15 18.36
CA THR B 153 -30.07 -23.05 19.01
C THR B 153 -29.49 -22.78 20.39
N VAL B 154 -28.80 -21.65 20.52
CA VAL B 154 -28.14 -21.30 21.78
C VAL B 154 -28.50 -19.89 22.24
N GLN B 155 -28.09 -19.55 23.45
CA GLN B 155 -28.29 -18.21 23.99
C GLN B 155 -26.95 -17.61 24.40
N LEU B 156 -26.67 -16.42 23.92
CA LEU B 156 -25.39 -15.78 24.20
C LEU B 156 -25.50 -14.27 24.17
N ILE B 157 -24.56 -13.59 24.81
CA ILE B 157 -24.54 -12.13 24.86
C ILE B 157 -23.94 -11.55 23.59
N ASN B 158 -24.73 -10.79 22.85
CA ASN B 158 -24.23 -10.06 21.69
C ASN B 158 -24.26 -8.56 21.93
N TYR B 159 -23.45 -7.83 21.19
CA TYR B 159 -23.35 -6.38 21.35
C TYR B 159 -23.75 -5.65 20.08
N THR B 160 -24.28 -4.44 20.24
CA THR B 160 -24.66 -3.61 19.11
C THR B 160 -23.46 -2.84 18.57
N LYS B 161 -23.70 -1.98 17.60
CA LYS B 161 -22.64 -1.16 17.03
C LYS B 161 -22.05 -0.21 18.07
N SER B 162 -22.92 0.39 18.87
CA SER B 162 -22.49 1.31 19.92
C SER B 162 -21.91 0.56 21.11
N GLY B 163 -22.50 -0.60 21.42
CA GLY B 163 -22.01 -1.42 22.52
C GLY B 163 -23.10 -1.78 23.51
N LYS B 164 -24.35 -1.55 23.12
CA LYS B 164 -25.49 -1.88 23.98
C LYS B 164 -25.67 -3.39 24.08
N LYS B 165 -25.56 -3.91 25.30
CA LYS B 165 -25.64 -5.35 25.52
C LYS B 165 -27.06 -5.87 25.37
N PHE B 166 -27.18 -7.11 24.89
CA PHE B 166 -28.46 -7.78 24.80
C PHE B 166 -28.29 -9.29 24.62
N TRP B 167 -29.09 -10.06 25.33
CA TRP B 167 -29.10 -11.51 25.17
C TRP B 167 -29.66 -11.87 23.80
N ASN B 168 -29.12 -12.94 23.20
CA ASN B 168 -29.53 -13.35 21.87
C ASN B 168 -29.94 -14.80 21.82
N LEU B 169 -31.24 -15.05 21.80
CA LEU B 169 -31.77 -16.39 21.59
C LEU B 169 -31.58 -16.74 20.11
N PHE B 170 -30.37 -17.21 19.80
CA PHE B 170 -29.94 -17.39 18.42
C PHE B 170 -30.16 -18.81 17.89
N HIS B 171 -30.76 -18.91 16.72
CA HIS B 171 -30.94 -20.19 16.05
C HIS B 171 -30.27 -20.21 14.69
N LEU B 172 -29.53 -21.29 14.45
CA LEU B 172 -28.81 -21.47 13.19
C LEU B 172 -29.30 -22.75 12.51
N GLN B 173 -29.44 -22.70 11.19
CA GLN B 173 -29.76 -23.90 10.44
C GLN B 173 -29.30 -23.77 8.98
N PRO B 174 -28.75 -24.85 8.42
CA PRO B 174 -28.22 -24.86 7.04
C PRO B 174 -29.33 -24.73 6.01
N MET B 175 -28.95 -24.42 4.77
CA MET B 175 -29.91 -24.40 3.68
C MET B 175 -29.46 -25.32 2.57
N ARG B 176 -29.86 -26.59 2.65
CA ARG B 176 -29.46 -27.59 1.68
C ARG B 176 -30.26 -27.48 0.39
N ASP B 177 -29.63 -27.82 -0.73
CA ASP B 177 -30.31 -27.81 -2.01
C ASP B 177 -30.97 -29.15 -2.29
N GLN B 178 -31.42 -29.35 -3.52
CA GLN B 178 -32.06 -30.60 -3.91
C GLN B 178 -31.06 -31.74 -3.89
N LYS B 179 -29.79 -31.42 -4.16
CA LYS B 179 -28.75 -32.43 -4.20
C LYS B 179 -28.38 -32.88 -2.79
N GLY B 180 -28.65 -32.03 -1.80
CA GLY B 180 -28.43 -32.37 -0.41
C GLY B 180 -27.28 -31.62 0.25
N ASP B 181 -26.47 -30.94 -0.56
CA ASP B 181 -25.31 -30.22 -0.03
C ASP B 181 -25.70 -28.87 0.56
N VAL B 182 -24.96 -28.46 1.59
CA VAL B 182 -25.22 -27.17 2.24
C VAL B 182 -24.71 -26.01 1.38
N GLN B 183 -25.58 -25.04 1.14
CA GLN B 183 -25.22 -23.89 0.31
C GLN B 183 -25.26 -22.58 1.09
N TYR B 184 -26.12 -22.51 2.09
CA TYR B 184 -26.28 -21.29 2.88
C TYR B 184 -26.64 -21.59 4.33
N PHE B 185 -26.48 -20.59 5.19
CA PHE B 185 -26.90 -20.71 6.59
C PHE B 185 -27.90 -19.61 6.96
N ILE B 186 -28.92 -19.98 7.72
CA ILE B 186 -29.90 -19.03 8.22
C ILE B 186 -29.71 -18.78 9.71
N GLY B 187 -29.52 -17.53 10.09
CA GLY B 187 -29.33 -17.18 11.49
C GLY B 187 -30.38 -16.23 12.03
N VAL B 188 -31.27 -16.74 12.88
CA VAL B 188 -32.35 -15.92 13.45
C VAL B 188 -31.99 -15.43 14.85
N GLN B 189 -32.19 -14.14 15.08
CA GLN B 189 -31.92 -13.56 16.40
C GLN B 189 -33.21 -13.13 17.09
N LEU B 190 -33.32 -13.47 18.37
CA LEU B 190 -34.44 -13.02 19.21
C LEU B 190 -33.89 -12.29 20.42
N ASP B 191 -33.78 -10.97 20.31
CA ASP B 191 -33.19 -10.16 21.36
C ASP B 191 -34.00 -10.18 22.64
N GLY B 192 -33.31 -10.08 23.77
CA GLY B 192 -33.95 -10.06 25.07
C GLY B 192 -33.13 -9.27 26.07
N THR B 193 -33.46 -9.41 27.34
CA THR B 193 -32.74 -8.71 28.40
C THR B 193 -32.13 -9.70 29.38
N GLU B 194 -32.66 -10.92 29.41
CA GLU B 194 -32.17 -11.96 30.31
C GLU B 194 -32.12 -13.32 29.63
N HIS B 195 -31.47 -14.27 30.30
CA HIS B 195 -31.39 -15.64 29.82
C HIS B 195 -32.71 -16.36 30.11
N VAL B 196 -33.55 -16.50 29.09
CA VAL B 196 -34.88 -17.09 29.25
C VAL B 196 -34.82 -18.56 29.66
N ARG B 197 -35.72 -18.96 30.54
CA ARG B 197 -35.77 -20.32 31.06
C ARG B 197 -37.20 -20.86 31.06
N ASP B 198 -37.33 -22.18 31.20
CA ASP B 198 -38.63 -22.85 31.34
C ASP B 198 -39.57 -22.57 30.18
N ALA B 199 -40.72 -21.97 30.49
CA ALA B 199 -41.75 -21.72 29.49
C ALA B 199 -41.37 -20.58 28.54
N ALA B 200 -40.66 -19.60 29.06
CA ALA B 200 -40.24 -18.46 28.26
C ALA B 200 -39.22 -18.86 27.20
N GLU B 201 -38.33 -19.77 27.56
CA GLU B 201 -37.31 -20.26 26.64
C GLU B 201 -37.91 -21.17 25.57
N ARG B 202 -38.73 -22.12 26.02
CA ARG B 202 -39.37 -23.08 25.14
C ARG B 202 -40.21 -22.39 24.06
N GLU B 203 -40.87 -21.31 24.45
CA GLU B 203 -41.68 -20.53 23.51
C GLU B 203 -40.79 -19.81 22.50
N GLY B 204 -39.71 -19.22 23.00
CA GLY B 204 -38.79 -18.47 22.15
C GLY B 204 -38.07 -19.33 21.14
N VAL B 205 -37.68 -20.53 21.56
CA VAL B 205 -37.00 -21.48 20.68
C VAL B 205 -37.90 -21.87 19.51
N MET B 206 -39.18 -22.10 19.81
CA MET B 206 -40.15 -22.46 18.78
C MET B 206 -40.35 -21.31 17.78
N LEU B 207 -40.30 -20.09 18.29
CA LEU B 207 -40.54 -18.91 17.46
C LEU B 207 -39.45 -18.72 16.40
N ILE B 208 -38.20 -18.70 16.84
CA ILE B 208 -37.07 -18.46 15.95
C ILE B 208 -36.84 -19.62 14.99
N LYS B 209 -37.17 -20.83 15.42
CA LYS B 209 -37.02 -22.01 14.57
C LYS B 209 -38.08 -22.00 13.48
N LYS B 210 -39.29 -21.58 13.85
CA LYS B 210 -40.38 -21.46 12.89
C LYS B 210 -40.09 -20.32 11.91
N THR B 211 -39.43 -19.28 12.43
CA THR B 211 -39.02 -18.15 11.61
C THR B 211 -38.04 -18.57 10.52
N ALA B 212 -37.04 -19.36 10.92
CA ALA B 212 -36.03 -19.85 9.99
C ALA B 212 -36.63 -20.76 8.94
N GLU B 213 -37.70 -21.47 9.31
CA GLU B 213 -38.38 -22.36 8.38
C GLU B 213 -39.09 -21.56 7.28
N ASN B 214 -39.59 -20.39 7.64
CA ASN B 214 -40.25 -19.52 6.65
C ASN B 214 -39.24 -18.91 5.70
N ILE B 215 -38.07 -18.54 6.22
CA ILE B 215 -37.01 -17.96 5.41
C ILE B 215 -36.47 -18.98 4.41
N ASP B 216 -36.38 -20.23 4.83
CA ASP B 216 -35.90 -21.30 3.96
C ASP B 216 -36.90 -21.59 2.84
N GLU B 217 -38.18 -21.35 3.11
CA GLU B 217 -39.23 -21.63 2.14
C GLU B 217 -39.49 -20.44 1.22
N ALA B 218 -39.45 -19.24 1.79
CA ALA B 218 -39.73 -18.03 1.02
C ALA B 218 -38.59 -17.70 0.07
N ALA B 219 -37.44 -18.32 0.30
CA ALA B 219 -36.27 -18.08 -0.53
C ALA B 219 -35.90 -19.32 -1.35
N LYS B 220 -36.73 -20.35 -1.25
CA LYS B 220 -36.50 -21.59 -1.98
C LYS B 220 -36.95 -21.47 -3.45
N GLU B 221 -36.39 -22.34 -4.29
CA GLU B 221 -36.66 -22.37 -5.74
C GLU B 221 -36.18 -21.10 -6.43
N LEU B 222 -35.47 -20.25 -5.70
CA LEU B 222 -34.87 -19.05 -6.26
C LEU B 222 -33.36 -19.21 -6.36
N LYS B 223 -32.80 -19.05 -7.55
CA LYS B 223 -31.36 -19.16 -7.73
C LYS B 223 -30.69 -18.04 -6.95
N MET B 224 -30.09 -18.40 -5.82
CA MET B 224 -29.49 -17.45 -4.90
C MET B 224 -28.39 -16.60 -5.52
N PRO B 225 -28.24 -15.36 -5.00
CA PRO B 225 -27.18 -14.43 -5.45
C PRO B 225 -25.79 -15.06 -5.34
N VAL B 226 -25.12 -15.18 -6.48
CA VAL B 226 -23.78 -15.77 -6.52
C VAL B 226 -22.73 -14.66 -6.56
N LYS B 227 -21.87 -14.64 -5.56
CA LYS B 227 -20.84 -13.59 -5.47
C LYS B 227 -19.61 -13.93 -6.31
N MET B 228 -19.82 -14.05 -7.62
CA MET B 228 -18.73 -14.27 -8.56
C MET B 228 -19.14 -13.83 -9.96
N ILE B 229 -18.16 -13.41 -10.77
CA ILE B 229 -18.48 -12.86 -12.08
C ILE B 229 -17.62 -13.49 -13.18
N GLY B 230 -16.60 -14.25 -12.77
CA GLY B 230 -15.69 -14.88 -13.71
C GLY B 230 -16.30 -16.05 -14.45
N ASP B 231 -17.27 -16.70 -13.82
CA ASP B 231 -17.94 -17.86 -14.41
C ASP B 231 -18.65 -17.50 -15.71
N ILE B 232 -19.20 -16.28 -15.74
CA ILE B 232 -19.89 -15.79 -16.93
C ILE B 232 -18.91 -15.41 -18.03
N LEU B 233 -17.93 -14.59 -17.67
CA LEU B 233 -16.94 -14.08 -18.61
C LEU B 233 -16.16 -15.20 -19.29
N SER B 234 -15.88 -16.26 -18.54
CA SER B 234 -15.10 -17.38 -19.08
C SER B 234 -15.87 -18.14 -20.16
N ALA B 235 -17.20 -17.99 -20.16
CA ALA B 235 -18.03 -18.73 -21.11
C ALA B 235 -18.64 -17.80 -22.18
N GLN B 236 -18.56 -16.50 -21.94
CA GLN B 236 -19.16 -15.53 -22.86
C GLN B 236 -18.13 -14.96 -23.83
N LEU B 237 -16.90 -14.80 -23.34
CA LEU B 237 -15.81 -14.28 -24.17
C LEU B 237 -15.42 -15.12 -25.39
N PRO B 238 -15.55 -16.47 -25.32
CA PRO B 238 -15.27 -17.20 -26.56
C PRO B 238 -16.26 -16.94 -27.70
N HIS B 239 -17.30 -16.15 -27.44
CA HIS B 239 -18.29 -15.83 -28.46
C HIS B 239 -18.18 -14.38 -28.92
N MET B 240 -17.05 -13.75 -28.64
CA MET B 240 -16.81 -12.36 -29.05
C MET B 240 -16.10 -12.31 -30.39
N GLN B 241 -16.33 -13.35 -31.21
CA GLN B 241 -15.72 -13.45 -32.53
C GLN B 241 -15.95 -12.24 -33.47
N PRO B 242 -17.17 -11.65 -33.48
CA PRO B 242 -17.39 -10.51 -34.40
C PRO B 242 -16.43 -9.33 -34.23
N TYR B 243 -15.74 -9.24 -33.09
CA TYR B 243 -14.79 -8.16 -32.87
C TYR B 243 -13.57 -8.30 -33.77
N ILE B 244 -13.22 -9.54 -34.08
CA ILE B 244 -12.10 -9.82 -34.98
C ILE B 244 -12.40 -9.26 -36.37
N ARG B 245 -13.67 -9.35 -36.77
CA ARG B 245 -14.09 -8.90 -38.09
C ARG B 245 -14.17 -7.38 -38.17
N PHE B 246 -14.73 -6.76 -37.13
CA PHE B 246 -14.93 -5.32 -37.12
C PHE B 246 -13.63 -4.54 -37.22
N CYS B 247 -12.72 -4.79 -36.28
CA CYS B 247 -11.48 -4.02 -36.18
C CYS B 247 -10.58 -4.19 -37.41
N SER B 248 -10.71 -5.32 -38.08
CA SER B 248 -9.90 -5.60 -39.26
C SER B 248 -10.36 -4.75 -40.45
N ARG B 249 -11.59 -4.27 -40.40
CA ARG B 249 -12.16 -3.51 -41.51
C ARG B 249 -12.58 -2.10 -41.10
N GLN B 250 -12.40 -1.77 -39.82
CA GLN B 250 -12.82 -0.45 -39.33
C GLN B 250 -11.90 0.65 -39.84
N LEU B 251 -10.70 0.28 -40.25
CA LEU B 251 -9.72 1.26 -40.72
C LEU B 251 -10.13 1.81 -42.07
N ASN B 252 -10.65 0.95 -42.93
CA ASN B 252 -11.13 1.37 -44.24
C ASN B 252 -12.35 2.28 -44.12
N GLY B 253 -13.13 2.06 -43.06
CA GLY B 253 -14.32 2.86 -42.81
C GLY B 253 -13.99 4.27 -42.38
N ALA B 254 -12.99 4.42 -41.52
CA ALA B 254 -12.56 5.73 -41.05
C ALA B 254 -12.00 6.57 -42.20
N ALA B 255 -11.31 5.89 -43.12
CA ALA B 255 -10.73 6.56 -44.28
C ALA B 255 -11.81 6.90 -45.29
N LEU B 256 -12.92 6.18 -45.24
CA LEU B 256 -14.04 6.43 -46.14
C LEU B 256 -14.76 7.71 -45.73
N ILE B 257 -14.96 7.88 -44.42
CA ILE B 257 -15.62 9.05 -43.87
C ILE B 257 -14.78 10.30 -44.07
N GLN B 258 -13.49 10.20 -43.76
CA GLN B 258 -12.57 11.32 -43.90
C GLN B 258 -12.53 11.80 -45.34
N GLN B 259 -12.59 10.86 -46.26
CA GLN B 259 -12.64 11.17 -47.69
C GLN B 259 -13.92 11.92 -48.02
N LYS B 260 -15.05 11.33 -47.66
CA LYS B 260 -16.36 11.93 -47.92
C LYS B 260 -16.52 13.29 -47.26
N THR B 261 -15.80 13.49 -46.16
CA THR B 261 -15.85 14.74 -45.41
C THR B 261 -15.21 15.89 -46.17
N ASP B 262 -14.04 15.64 -46.76
CA ASP B 262 -13.28 16.68 -47.44
C ASP B 262 -13.85 17.02 -48.82
N GLU B 263 -14.25 16.00 -49.56
CA GLU B 263 -14.71 16.19 -50.94
C GLU B 263 -16.21 16.46 -51.04
N ALA B 264 -16.83 16.74 -49.90
CA ALA B 264 -18.26 17.06 -49.86
C ALA B 264 -18.61 17.84 -48.61
N PRO B 265 -18.80 19.16 -48.74
CA PRO B 265 -19.12 20.03 -47.61
C PRO B 265 -20.49 19.75 -47.02
N ASP B 266 -21.41 19.22 -47.83
CA ASP B 266 -22.74 18.87 -47.36
C ASP B 266 -22.69 17.68 -46.43
N PHE B 267 -21.78 16.75 -46.73
CA PHE B 267 -21.64 15.55 -45.92
C PHE B 267 -21.05 15.86 -44.54
N LYS B 268 -20.05 16.73 -44.51
CA LYS B 268 -19.38 17.10 -43.27
C LYS B 268 -20.35 17.77 -42.29
N GLU B 269 -21.15 18.70 -42.79
CA GLU B 269 -22.10 19.42 -41.94
C GLU B 269 -23.22 18.50 -41.47
N PHE B 270 -23.60 17.56 -42.31
CA PHE B 270 -24.67 16.61 -42.01
C PHE B 270 -24.28 15.70 -40.84
N VAL B 271 -23.05 15.20 -40.88
CA VAL B 271 -22.55 14.32 -39.84
C VAL B 271 -22.36 15.09 -38.53
N LYS B 272 -21.82 16.31 -38.63
CA LYS B 272 -21.62 17.14 -37.44
C LYS B 272 -22.93 17.47 -36.73
N ARG B 273 -24.00 17.62 -37.50
CA ARG B 273 -25.32 17.90 -36.93
C ARG B 273 -25.84 16.69 -36.17
N LEU B 274 -25.51 15.51 -36.67
CA LEU B 274 -25.91 14.27 -36.00
C LEU B 274 -25.22 14.14 -34.66
N ALA B 275 -24.00 14.67 -34.56
CA ALA B 275 -23.21 14.60 -33.35
C ALA B 275 -23.59 15.69 -32.36
N MET B 276 -24.50 16.57 -32.76
CA MET B 276 -24.96 17.64 -31.88
C MET B 276 -25.99 17.12 -30.89
N ASP B 277 -26.33 15.85 -31.03
CA ASP B 277 -27.17 15.16 -30.05
C ASP B 277 -26.46 15.21 -28.71
N PRO B 278 -27.14 15.73 -27.67
CA PRO B 278 -26.57 15.83 -26.32
C PRO B 278 -26.15 14.47 -25.75
N ARG B 279 -26.67 13.39 -26.32
CA ARG B 279 -26.31 12.05 -25.88
C ARG B 279 -24.90 11.68 -26.31
N CYS B 280 -24.33 12.47 -27.20
CA CYS B 280 -22.98 12.21 -27.72
C CYS B 280 -21.90 12.82 -26.83
N LYS B 281 -22.33 13.65 -25.89
CA LYS B 281 -21.43 14.35 -24.98
C LYS B 281 -20.40 15.19 -25.73
N GLY B 282 -20.74 15.57 -26.97
CA GLY B 282 -19.89 16.45 -27.76
C GLY B 282 -18.80 15.72 -28.51
N MET B 283 -18.98 14.42 -28.69
CA MET B 283 -17.99 13.61 -29.39
C MET B 283 -18.44 13.26 -30.80
N PRO B 284 -17.52 13.33 -31.77
CA PRO B 284 -17.80 13.03 -33.18
C PRO B 284 -18.03 11.55 -33.44
N LEU B 285 -18.61 11.22 -34.58
CA LEU B 285 -18.90 9.84 -34.96
C LEU B 285 -17.65 8.98 -35.03
N SER B 286 -16.56 9.54 -35.57
CA SER B 286 -15.32 8.80 -35.77
C SER B 286 -14.76 8.23 -34.47
N SER B 287 -14.97 8.95 -33.38
CA SER B 287 -14.46 8.51 -32.07
C SER B 287 -15.25 7.31 -31.55
N PHE B 288 -16.52 7.22 -31.91
CA PHE B 288 -17.36 6.12 -31.48
C PHE B 288 -16.95 4.79 -32.11
N ILE B 289 -16.23 4.87 -33.23
CA ILE B 289 -15.75 3.67 -33.92
C ILE B 289 -14.65 2.98 -33.11
N LEU B 290 -13.95 3.76 -32.30
CA LEU B 290 -12.87 3.23 -31.47
C LEU B 290 -13.39 2.34 -30.35
N LYS B 291 -14.63 2.58 -29.93
CA LYS B 291 -15.20 1.95 -28.74
C LYS B 291 -15.22 0.41 -28.76
N PRO B 292 -15.60 -0.22 -29.89
CA PRO B 292 -15.49 -1.69 -29.90
C PRO B 292 -14.07 -2.19 -29.66
N MET B 293 -13.09 -1.55 -30.29
CA MET B 293 -11.69 -1.90 -30.08
C MET B 293 -11.25 -1.57 -28.67
N GLN B 294 -11.76 -0.46 -28.15
CA GLN B 294 -11.41 -0.01 -26.81
C GLN B 294 -12.00 -0.93 -25.75
N ARG B 295 -13.12 -1.57 -26.06
CA ARG B 295 -13.79 -2.42 -25.09
C ARG B 295 -13.08 -3.75 -24.90
N VAL B 296 -12.61 -4.36 -25.98
CA VAL B 296 -11.94 -5.66 -25.89
C VAL B 296 -10.59 -5.52 -25.21
N THR B 297 -9.91 -4.39 -25.43
CA THR B 297 -8.59 -4.16 -24.85
C THR B 297 -8.69 -3.81 -23.36
N ARG B 298 -9.88 -3.40 -22.94
CA ARG B 298 -10.10 -3.03 -21.55
C ARG B 298 -10.77 -4.14 -20.75
N TYR B 299 -11.07 -5.24 -21.42
CA TYR B 299 -11.56 -6.43 -20.73
C TYR B 299 -10.46 -7.12 -19.92
N PRO B 300 -9.24 -7.28 -20.49
CA PRO B 300 -8.20 -7.86 -19.63
C PRO B 300 -7.81 -6.95 -18.47
N LEU B 301 -7.88 -5.63 -18.66
CA LEU B 301 -7.53 -4.68 -17.61
C LEU B 301 -8.48 -4.80 -16.42
N ILE B 302 -9.78 -4.93 -16.72
CA ILE B 302 -10.78 -5.05 -15.68
C ILE B 302 -10.68 -6.39 -14.96
N ILE B 303 -10.66 -7.47 -15.73
CA ILE B 303 -10.60 -8.82 -15.18
C ILE B 303 -9.33 -9.04 -14.35
N LYS B 304 -8.22 -8.48 -14.81
CA LYS B 304 -6.95 -8.62 -14.09
C LYS B 304 -7.03 -7.99 -12.71
N ASN B 305 -7.70 -6.84 -12.62
CA ASN B 305 -7.87 -6.15 -11.36
C ASN B 305 -8.90 -6.83 -10.45
N ILE B 306 -9.87 -7.50 -11.06
CA ILE B 306 -10.84 -8.29 -10.30
C ILE B 306 -10.15 -9.54 -9.75
N LEU B 307 -9.23 -10.08 -10.54
CA LEU B 307 -8.50 -11.29 -10.17
C LEU B 307 -7.48 -11.06 -9.06
N GLU B 308 -6.75 -9.94 -9.14
CA GLU B 308 -5.70 -9.64 -8.16
C GLU B 308 -6.28 -9.24 -6.81
N ASN B 309 -7.59 -9.00 -6.78
CA ASN B 309 -8.27 -8.73 -5.52
C ASN B 309 -9.20 -9.86 -5.14
N THR B 310 -8.98 -11.02 -5.76
CA THR B 310 -9.74 -12.23 -5.46
C THR B 310 -8.80 -13.31 -4.93
N PRO B 311 -9.00 -13.72 -3.67
CA PRO B 311 -8.14 -14.69 -2.98
C PRO B 311 -8.10 -16.05 -3.67
N GLU B 312 -7.05 -16.82 -3.39
CA GLU B 312 -6.87 -18.15 -3.99
C GLU B 312 -8.01 -19.09 -3.63
N ASN B 313 -8.43 -19.05 -2.37
CA ASN B 313 -9.45 -19.96 -1.86
C ASN B 313 -10.88 -19.55 -2.24
N HIS B 314 -10.99 -18.50 -3.04
CA HIS B 314 -12.29 -18.05 -3.54
C HIS B 314 -12.66 -18.83 -4.79
N PRO B 315 -13.90 -19.35 -4.85
CA PRO B 315 -14.36 -20.17 -5.98
C PRO B 315 -14.43 -19.40 -7.30
N ASP B 316 -14.23 -18.08 -7.24
CA ASP B 316 -14.26 -17.25 -8.44
C ASP B 316 -12.87 -17.16 -9.06
N HIS B 317 -11.85 -17.46 -8.25
CA HIS B 317 -10.46 -17.36 -8.70
C HIS B 317 -10.16 -18.36 -9.81
N SER B 318 -10.80 -19.52 -9.75
CA SER B 318 -10.61 -20.55 -10.78
C SER B 318 -11.22 -20.12 -12.10
N HIS B 319 -12.26 -19.29 -12.04
CA HIS B 319 -12.95 -18.83 -13.24
C HIS B 319 -12.32 -17.56 -13.79
N LEU B 320 -12.02 -16.61 -12.92
CA LEU B 320 -11.42 -15.34 -13.32
C LEU B 320 -10.06 -15.55 -13.97
N LYS B 321 -9.31 -16.53 -13.49
CA LYS B 321 -8.00 -16.85 -14.03
C LYS B 321 -8.12 -17.38 -15.46
N HIS B 322 -9.11 -18.25 -15.67
CA HIS B 322 -9.37 -18.81 -17.00
C HIS B 322 -10.01 -17.78 -17.92
N ALA B 323 -10.76 -16.84 -17.33
CA ALA B 323 -11.41 -15.80 -18.11
C ALA B 323 -10.40 -14.79 -18.62
N LEU B 324 -9.42 -14.45 -17.78
CA LEU B 324 -8.38 -13.51 -18.18
C LEU B 324 -7.53 -14.09 -19.30
N GLU B 325 -7.37 -15.41 -19.30
CA GLU B 325 -6.65 -16.08 -20.38
C GLU B 325 -7.43 -15.97 -21.68
N LYS B 326 -8.73 -16.20 -21.62
CA LYS B 326 -9.59 -16.14 -22.79
C LYS B 326 -9.76 -14.71 -23.29
N ALA B 327 -9.68 -13.75 -22.37
CA ALA B 327 -9.83 -12.34 -22.71
C ALA B 327 -8.62 -11.85 -23.49
N GLU B 328 -7.43 -12.27 -23.05
CA GLU B 328 -6.19 -11.84 -23.68
C GLU B 328 -5.99 -12.53 -25.02
N GLU B 329 -6.58 -13.71 -25.18
CA GLU B 329 -6.57 -14.41 -26.46
C GLU B 329 -7.37 -13.64 -27.49
N LEU B 330 -8.53 -13.14 -27.06
CA LEU B 330 -9.42 -12.37 -27.91
C LEU B 330 -8.73 -11.14 -28.51
N CYS B 331 -8.01 -10.40 -27.66
CA CYS B 331 -7.28 -9.23 -28.13
C CYS B 331 -6.22 -9.60 -29.15
N SER B 332 -5.51 -10.70 -28.90
CA SER B 332 -4.47 -11.15 -29.80
C SER B 332 -5.08 -11.55 -31.15
N GLN B 333 -6.18 -12.28 -31.12
CA GLN B 333 -6.86 -12.70 -32.33
C GLN B 333 -7.35 -11.49 -33.13
N VAL B 334 -7.84 -10.48 -32.42
CA VAL B 334 -8.27 -9.24 -33.04
C VAL B 334 -7.07 -8.45 -33.56
N ASN B 335 -6.01 -8.39 -32.75
CA ASN B 335 -4.79 -7.70 -33.12
C ASN B 335 -4.21 -8.29 -34.41
N GLU B 336 -4.19 -9.61 -34.50
CA GLU B 336 -3.68 -10.30 -35.68
C GLU B 336 -4.68 -10.18 -36.83
N GLY B 337 -5.96 -10.10 -36.50
CA GLY B 337 -7.00 -9.95 -37.49
C GLY B 337 -6.84 -8.69 -38.31
N VAL B 338 -6.33 -7.64 -37.68
CA VAL B 338 -6.04 -6.39 -38.37
C VAL B 338 -4.88 -6.59 -39.34
N ARG B 339 -3.85 -7.29 -38.87
CA ARG B 339 -2.67 -7.55 -39.67
C ARG B 339 -2.98 -8.46 -40.86
N GLU B 340 -3.82 -9.47 -40.64
CA GLU B 340 -4.15 -10.42 -41.69
C GLU B 340 -5.02 -9.82 -42.78
N LYS B 341 -5.99 -8.99 -42.39
CA LYS B 341 -6.88 -8.36 -43.36
C LYS B 341 -6.13 -7.35 -44.23
N GLU B 342 -5.24 -6.59 -43.60
CA GLU B 342 -4.43 -5.63 -44.35
C GLU B 342 -3.53 -6.36 -45.33
N ASN B 343 -2.93 -7.45 -44.86
CA ASN B 343 -2.03 -8.25 -45.69
C ASN B 343 -2.73 -8.82 -46.92
N SER B 344 -3.90 -9.41 -46.71
CA SER B 344 -4.70 -9.96 -47.80
C SER B 344 -5.09 -8.89 -48.79
N ASP B 345 -5.45 -7.71 -48.28
CA ASP B 345 -5.83 -6.58 -49.13
C ASP B 345 -4.66 -6.12 -50.00
N ARG B 346 -3.46 -6.16 -49.43
CA ARG B 346 -2.26 -5.77 -50.16
C ARG B 346 -1.87 -6.80 -51.21
N LEU B 347 -1.90 -8.07 -50.83
CA LEU B 347 -1.47 -9.16 -51.71
C LEU B 347 -2.43 -9.41 -52.86
N GLU B 348 -3.73 -9.36 -52.59
CA GLU B 348 -4.74 -9.56 -53.63
C GLU B 348 -4.69 -8.40 -54.63
N TRP B 349 -4.26 -7.24 -54.14
CA TRP B 349 -4.08 -6.08 -54.99
C TRP B 349 -2.90 -6.30 -55.93
N ILE B 350 -1.87 -6.95 -55.40
CA ILE B 350 -0.67 -7.28 -56.17
C ILE B 350 -0.90 -8.45 -57.12
N GLN B 351 -1.70 -9.41 -56.68
CA GLN B 351 -1.99 -10.62 -57.46
C GLN B 351 -2.60 -10.32 -58.81
N ALA B 352 -3.49 -9.32 -58.86
CA ALA B 352 -4.19 -8.97 -60.08
C ALA B 352 -3.68 -7.67 -60.69
N HIS B 353 -2.43 -7.33 -60.38
CA HIS B 353 -1.83 -6.11 -60.93
C HIS B 353 -0.39 -6.33 -61.36
N VAL B 354 0.15 -7.51 -61.10
CA VAL B 354 1.54 -7.81 -61.46
C VAL B 354 1.63 -8.98 -62.43
N GLN B 355 2.12 -8.70 -63.63
CA GLN B 355 2.27 -9.71 -64.67
C GLN B 355 3.58 -10.49 -64.50
N CYS B 356 3.47 -11.81 -64.43
CA CYS B 356 4.63 -12.66 -64.24
C CYS B 356 4.97 -13.45 -65.50
N GLU B 357 5.92 -12.95 -66.28
CA GLU B 357 6.33 -13.61 -67.51
C GLU B 357 7.78 -14.08 -67.41
N GLY B 358 8.12 -15.11 -68.18
CA GLY B 358 9.46 -15.65 -68.19
C GLY B 358 9.78 -16.41 -66.90
N LEU B 359 8.75 -16.92 -66.25
CA LEU B 359 8.92 -17.64 -65.00
C LEU B 359 8.54 -19.11 -65.14
N SER B 360 9.26 -19.99 -64.45
CA SER B 360 9.03 -21.42 -64.53
C SER B 360 7.67 -21.81 -63.95
N GLU B 361 7.45 -21.47 -62.68
CA GLU B 361 6.21 -21.81 -62.00
C GLU B 361 5.25 -20.63 -61.94
N GLN B 362 3.97 -20.92 -61.73
CA GLN B 362 2.94 -19.90 -61.62
C GLN B 362 3.00 -19.23 -60.26
N LEU B 363 3.47 -17.98 -60.23
CA LEU B 363 3.65 -17.25 -58.97
C LEU B 363 2.34 -16.82 -58.33
N VAL B 364 2.01 -17.41 -57.19
CA VAL B 364 0.86 -17.00 -56.41
C VAL B 364 1.33 -16.23 -55.18
N PHE B 365 1.02 -14.94 -55.12
CA PHE B 365 1.47 -14.09 -54.03
C PHE B 365 0.91 -14.52 -52.68
N ASN B 366 -0.41 -14.62 -52.60
CA ASN B 366 -1.06 -15.03 -51.35
C ASN B 366 -0.96 -16.54 -51.13
N SER B 367 0.25 -17.02 -50.88
CA SER B 367 0.49 -18.44 -50.68
C SER B 367 1.55 -18.68 -49.62
N VAL B 368 2.05 -19.90 -49.55
CA VAL B 368 3.03 -20.27 -48.53
C VAL B 368 4.46 -20.14 -49.04
N THR B 369 5.33 -19.58 -48.21
CA THR B 369 6.75 -19.47 -48.53
C THR B 369 7.46 -20.79 -48.25
N ASN B 370 8.78 -20.78 -48.37
CA ASN B 370 9.56 -22.01 -48.21
C ASN B 370 9.74 -22.40 -46.75
N CYS B 371 10.05 -21.42 -45.89
CA CYS B 371 10.31 -21.71 -44.49
C CYS B 371 9.69 -20.68 -43.54
N LEU B 372 8.97 -19.70 -44.08
CA LEU B 372 8.40 -18.64 -43.25
C LEU B 372 6.88 -18.72 -43.18
N GLY B 373 6.31 -19.70 -43.87
CA GLY B 373 4.87 -19.86 -43.89
C GLY B 373 4.20 -18.91 -44.86
N PRO B 374 3.10 -18.27 -44.42
CA PRO B 374 2.35 -17.30 -45.23
C PRO B 374 3.20 -16.11 -45.66
N ARG B 375 3.05 -15.70 -46.92
CA ARG B 375 3.82 -14.57 -47.44
C ARG B 375 3.29 -13.25 -46.91
N LYS B 376 4.19 -12.36 -46.51
CA LYS B 376 3.80 -11.07 -45.94
C LYS B 376 4.39 -9.89 -46.71
N PHE B 377 3.54 -8.96 -47.10
CA PHE B 377 3.99 -7.72 -47.73
C PHE B 377 4.58 -6.79 -46.67
N LEU B 378 5.71 -6.16 -47.00
CA LEU B 378 6.41 -5.33 -46.02
C LEU B 378 6.47 -3.86 -46.44
N HIS B 379 7.19 -3.58 -47.52
CA HIS B 379 7.38 -2.21 -47.98
C HIS B 379 7.32 -2.13 -49.50
N SER B 380 7.01 -0.94 -50.01
CA SER B 380 6.97 -0.70 -51.45
C SER B 380 7.03 0.79 -51.75
N GLY B 381 7.87 1.15 -52.71
CA GLY B 381 8.02 2.55 -53.08
C GLY B 381 8.73 2.73 -54.42
N LYS B 382 8.73 3.96 -54.91
CA LYS B 382 9.37 4.29 -56.18
C LYS B 382 10.88 4.14 -56.11
N LEU B 383 11.45 3.38 -57.03
CA LEU B 383 12.89 3.15 -57.07
C LEU B 383 13.48 3.42 -58.44
N TYR B 384 14.47 4.32 -58.49
CA TYR B 384 15.19 4.61 -59.72
C TYR B 384 16.54 3.91 -59.73
N LYS B 385 16.83 3.23 -60.84
CA LYS B 385 18.10 2.52 -60.97
C LYS B 385 19.18 3.45 -61.51
N ALA B 386 20.26 3.60 -60.75
CA ALA B 386 21.38 4.45 -61.15
C ALA B 386 22.03 3.94 -62.42
N LYS B 387 22.64 4.85 -63.17
CA LYS B 387 23.32 4.56 -64.44
C LYS B 387 22.36 4.03 -65.51
N SER B 388 21.06 4.03 -65.20
CA SER B 388 20.04 3.62 -66.15
C SER B 388 18.83 4.54 -66.08
N ASN B 389 18.51 4.97 -64.86
CA ASN B 389 17.37 5.86 -64.61
C ASN B 389 16.05 5.28 -65.09
N LYS B 390 15.92 3.95 -65.02
CA LYS B 390 14.71 3.28 -65.45
C LYS B 390 13.64 3.36 -64.36
N GLU B 391 12.43 3.76 -64.77
CA GLU B 391 11.32 3.88 -63.84
C GLU B 391 10.88 2.51 -63.32
N LEU B 392 11.41 2.14 -62.16
CA LEU B 392 11.10 0.83 -61.58
C LEU B 392 10.23 0.96 -60.34
N TYR B 393 9.68 -0.16 -59.90
CA TYR B 393 8.84 -0.19 -58.71
C TYR B 393 8.96 -1.55 -58.01
N GLY B 394 9.41 -1.53 -56.76
CA GLY B 394 9.68 -2.76 -56.04
C GLY B 394 8.69 -3.10 -54.93
N PHE B 395 8.26 -4.35 -54.89
CA PHE B 395 7.40 -4.84 -53.83
C PHE B 395 8.19 -5.77 -52.90
N LEU B 396 8.43 -5.32 -51.68
CA LEU B 396 9.19 -6.12 -50.72
C LEU B 396 8.30 -7.07 -49.93
N PHE B 397 8.71 -8.34 -49.90
CA PHE B 397 8.01 -9.35 -49.12
C PHE B 397 8.93 -9.89 -48.03
N ASN B 398 8.44 -10.82 -47.23
CA ASN B 398 9.23 -11.37 -46.13
C ASN B 398 10.23 -12.43 -46.61
N ASP B 399 10.01 -12.95 -47.81
CA ASP B 399 10.86 -14.00 -48.33
C ASP B 399 11.66 -13.55 -49.55
N PHE B 400 11.08 -12.66 -50.37
CA PHE B 400 11.79 -12.18 -51.55
C PHE B 400 11.44 -10.74 -51.89
N LEU B 401 12.24 -10.15 -52.78
CA LEU B 401 11.99 -8.80 -53.29
C LEU B 401 11.65 -8.87 -54.77
N LEU B 402 10.53 -8.27 -55.16
CA LEU B 402 10.10 -8.30 -56.55
C LEU B 402 10.21 -6.92 -57.19
N LEU B 403 11.02 -6.84 -58.24
CA LEU B 403 11.18 -5.59 -58.97
C LEU B 403 10.27 -5.56 -60.19
N THR B 404 9.45 -4.51 -60.29
CA THR B 404 8.51 -4.39 -61.40
C THR B 404 8.75 -3.09 -62.17
N GLN B 405 7.81 -2.76 -63.05
CA GLN B 405 7.90 -1.54 -63.84
C GLN B 405 6.50 -1.01 -64.15
N ILE B 406 6.34 0.31 -64.07
CA ILE B 406 5.04 0.92 -64.31
C ILE B 406 4.69 0.91 -65.79
N TYR B 427 1.41 -4.08 -63.72
CA TYR B 427 2.83 -4.09 -63.42
C TYR B 427 3.53 -5.22 -64.16
N LYS B 428 4.58 -4.90 -64.91
CA LYS B 428 5.34 -5.92 -65.62
C LYS B 428 6.68 -6.16 -64.92
N MET B 429 6.91 -7.42 -64.54
CA MET B 429 8.12 -7.83 -63.83
C MET B 429 9.41 -7.38 -64.53
N TYR B 430 10.36 -6.91 -63.74
CA TYR B 430 11.64 -6.43 -64.27
C TYR B 430 12.65 -7.56 -64.42
N LYS B 431 12.96 -8.24 -63.32
CA LYS B 431 13.91 -9.34 -63.34
C LYS B 431 13.42 -10.52 -62.48
N THR B 432 14.27 -11.54 -62.37
CA THR B 432 13.96 -12.71 -61.56
C THR B 432 13.77 -12.30 -60.09
N PRO B 433 12.66 -12.73 -59.47
CA PRO B 433 12.35 -12.41 -58.08
C PRO B 433 13.52 -12.66 -57.13
N ILE B 434 14.08 -11.57 -56.60
CA ILE B 434 15.26 -11.63 -55.74
C ILE B 434 14.90 -12.13 -54.35
N PHE B 435 15.37 -13.33 -54.02
CA PHE B 435 15.13 -13.89 -52.69
C PHE B 435 16.01 -13.19 -51.66
N LEU B 436 15.66 -13.32 -50.40
CA LEU B 436 16.31 -12.53 -49.34
C LEU B 436 17.25 -13.37 -48.49
N ASN B 437 17.37 -14.65 -48.81
CA ASN B 437 18.34 -15.51 -48.14
C ASN B 437 19.70 -15.37 -48.79
N GLU B 438 19.72 -14.68 -49.93
CA GLU B 438 20.95 -14.47 -50.68
C GLU B 438 21.08 -13.01 -51.10
N VAL B 439 20.58 -12.11 -50.28
CA VAL B 439 20.63 -10.69 -50.57
C VAL B 439 21.45 -9.98 -49.50
N LEU B 440 22.00 -8.82 -49.83
CA LEU B 440 22.82 -8.06 -48.91
C LEU B 440 22.48 -6.57 -48.97
N VAL B 441 22.88 -5.83 -47.94
CA VAL B 441 22.61 -4.41 -47.88
C VAL B 441 23.89 -3.58 -47.83
N PHE B 454 21.16 3.81 -52.21
CA PHE B 454 21.75 2.78 -51.36
C PHE B 454 22.24 1.60 -52.19
N HIS B 455 23.06 0.75 -51.58
CA HIS B 455 23.62 -0.41 -52.26
C HIS B 455 23.03 -1.72 -51.76
N ILE B 456 22.38 -2.46 -52.65
CA ILE B 456 21.84 -3.77 -52.34
C ILE B 456 22.54 -4.86 -53.16
N SER B 457 23.11 -5.84 -52.48
CA SER B 457 23.94 -6.85 -53.12
C SER B 457 23.27 -8.22 -53.15
N HIS B 458 23.23 -8.82 -54.34
CA HIS B 458 22.71 -10.18 -54.49
C HIS B 458 23.76 -11.09 -55.12
N ILE B 459 24.20 -12.09 -54.35
CA ILE B 459 25.30 -12.98 -54.71
C ILE B 459 26.49 -12.16 -55.25
N ASP B 460 26.78 -12.31 -56.55
CA ASP B 460 27.84 -11.56 -57.20
C ASP B 460 27.34 -10.20 -57.67
N ARG B 461 26.13 -10.19 -58.23
CA ARG B 461 25.54 -8.99 -58.82
C ARG B 461 25.36 -7.88 -57.79
N VAL B 462 25.68 -6.65 -58.18
CA VAL B 462 25.54 -5.51 -57.29
C VAL B 462 24.52 -4.52 -57.82
N TYR B 463 23.46 -4.26 -57.05
CA TYR B 463 22.44 -3.32 -57.46
C TYR B 463 22.64 -1.96 -56.80
N THR B 464 22.52 -0.90 -57.60
CA THR B 464 22.62 0.46 -57.09
C THR B 464 21.32 1.20 -57.37
N LEU B 465 20.56 1.48 -56.30
CA LEU B 465 19.25 2.09 -56.44
C LEU B 465 19.15 3.42 -55.71
N ARG B 466 18.60 4.42 -56.40
CA ARG B 466 18.41 5.74 -55.81
C ARG B 466 17.04 5.86 -55.17
N ALA B 467 17.02 6.37 -53.93
CA ALA B 467 15.76 6.58 -53.22
C ALA B 467 15.27 8.00 -53.43
N GLU B 468 13.97 8.21 -53.26
CA GLU B 468 13.37 9.53 -53.43
C GLU B 468 13.85 10.49 -52.35
N SER B 469 14.02 9.97 -51.14
CA SER B 469 14.47 10.76 -50.00
C SER B 469 15.38 9.97 -49.08
N ILE B 470 15.97 10.65 -48.10
CA ILE B 470 16.84 9.99 -47.13
C ILE B 470 16.02 9.12 -46.18
N ASN B 471 14.83 9.59 -45.82
CA ASN B 471 13.94 8.85 -44.94
C ASN B 471 13.41 7.59 -45.60
N GLU B 472 13.24 7.64 -46.92
CA GLU B 472 12.76 6.48 -47.67
C GLU B 472 13.91 5.49 -47.86
N ARG B 473 15.11 6.03 -48.02
CA ARG B 473 16.30 5.19 -48.12
C ARG B 473 16.55 4.49 -46.80
N THR B 474 16.12 5.12 -45.71
CA THR B 474 16.22 4.53 -44.39
C THR B 474 15.18 3.43 -44.23
N ALA B 475 13.98 3.67 -44.76
CA ALA B 475 12.89 2.70 -44.67
C ALA B 475 13.24 1.41 -45.41
N TRP B 476 13.80 1.55 -46.61
CA TRP B 476 14.19 0.39 -47.41
C TRP B 476 15.28 -0.43 -46.74
N VAL B 477 16.39 0.23 -46.43
CA VAL B 477 17.55 -0.45 -45.83
C VAL B 477 17.19 -1.18 -44.53
N GLN B 478 16.47 -0.49 -43.64
CA GLN B 478 16.10 -1.08 -42.35
C GLN B 478 15.20 -2.30 -42.52
N LYS B 479 14.27 -2.24 -43.46
CA LYS B 479 13.31 -3.32 -43.64
C LYS B 479 13.88 -4.48 -44.46
N ILE B 480 14.73 -4.17 -45.43
CA ILE B 480 15.36 -5.21 -46.25
C ILE B 480 16.32 -6.03 -45.38
N LYS B 481 17.12 -5.34 -44.57
CA LYS B 481 18.08 -6.02 -43.71
C LYS B 481 17.36 -6.89 -42.68
N ALA B 482 16.28 -6.37 -42.12
CA ALA B 482 15.51 -7.09 -41.12
C ALA B 482 14.87 -8.34 -41.70
N ALA B 483 14.33 -8.21 -42.91
CA ALA B 483 13.67 -9.33 -43.58
C ALA B 483 14.68 -10.36 -44.07
N SER B 484 15.88 -9.89 -44.44
CA SER B 484 16.93 -10.77 -44.91
C SER B 484 17.47 -11.63 -43.76
N GLU B 485 17.73 -10.98 -42.63
CA GLU B 485 18.24 -11.66 -41.45
C GLU B 485 17.22 -12.66 -40.90
N LEU B 486 15.93 -12.34 -41.04
CA LEU B 486 14.87 -13.23 -40.58
C LEU B 486 14.81 -14.50 -41.42
N TYR B 487 15.01 -14.37 -42.72
CA TYR B 487 15.01 -15.51 -43.62
C TYR B 487 16.17 -16.43 -43.26
N ILE B 488 17.36 -15.85 -43.17
CA ILE B 488 18.59 -16.59 -42.92
C ILE B 488 18.54 -17.38 -41.61
N GLU B 489 18.18 -16.72 -40.52
CA GLU B 489 18.13 -17.36 -39.21
C GLU B 489 17.10 -18.48 -39.15
N THR B 490 15.99 -18.31 -39.87
CA THR B 490 14.95 -19.33 -39.92
C THR B 490 15.40 -20.49 -40.80
N GLU B 491 16.11 -20.17 -41.88
CA GLU B 491 16.65 -21.19 -42.77
C GLU B 491 17.79 -21.97 -42.11
N LYS B 492 18.43 -21.35 -41.12
CA LYS B 492 19.50 -22.02 -40.38
C LYS B 492 18.94 -22.87 -39.23
N LYS B 493 17.81 -23.53 -39.48
CA LYS B 493 17.21 -24.42 -38.51
C LYS B 493 16.68 -25.68 -39.20
N THR C 5 -6.14 -13.19 37.68
CA THR C 5 -5.65 -12.45 36.53
C THR C 5 -4.54 -13.22 35.82
N ILE C 6 -4.73 -13.48 34.53
CA ILE C 6 -3.77 -14.22 33.73
C ILE C 6 -2.90 -13.29 32.88
N LYS C 7 -1.59 -13.33 33.11
CA LYS C 7 -0.67 -12.49 32.35
C LYS C 7 -0.25 -13.13 31.03
N CYS C 8 -0.63 -12.50 29.94
CA CYS C 8 -0.25 -12.97 28.61
C CYS C 8 0.72 -12.00 27.95
N VAL C 9 1.84 -12.54 27.46
CA VAL C 9 2.86 -11.73 26.81
C VAL C 9 3.06 -12.16 25.36
N VAL C 10 3.02 -11.19 24.45
CA VAL C 10 3.17 -11.48 23.02
C VAL C 10 4.59 -11.16 22.54
N VAL C 11 5.29 -12.17 22.03
CA VAL C 11 6.64 -11.99 21.53
C VAL C 11 6.74 -12.40 20.06
N GLY C 12 7.79 -11.93 19.39
CA GLY C 12 7.99 -12.24 17.98
C GLY C 12 8.72 -11.12 17.26
N ASP C 13 9.07 -11.37 16.01
CA ASP C 13 9.81 -10.40 15.20
C ASP C 13 9.04 -9.10 15.00
N GLY C 14 9.74 -8.07 14.53
CA GLY C 14 9.11 -6.79 14.25
C GLY C 14 8.18 -6.87 13.05
N ALA C 15 7.13 -6.06 13.08
CA ALA C 15 6.18 -5.93 11.98
C ALA C 15 5.55 -7.26 11.56
N VAL C 16 5.38 -8.17 12.52
CA VAL C 16 4.67 -9.42 12.26
C VAL C 16 3.19 -9.27 12.57
N GLY C 17 2.87 -8.23 13.33
CA GLY C 17 1.48 -7.92 13.63
C GLY C 17 1.11 -8.10 15.09
N LYS C 18 2.09 -7.95 15.97
CA LYS C 18 1.85 -8.09 17.40
C LYS C 18 0.95 -6.98 17.93
N THR C 19 1.34 -5.74 17.67
CA THR C 19 0.59 -4.59 18.14
C THR C 19 -0.81 -4.56 17.55
N CYS C 20 -0.92 -4.89 16.26
CA CYS C 20 -2.21 -4.87 15.59
C CYS C 20 -3.21 -5.87 16.16
N LEU C 21 -2.78 -7.10 16.39
CA LEU C 21 -3.68 -8.13 16.88
C LEU C 21 -4.13 -7.83 18.31
N LEU C 22 -3.28 -7.13 19.05
CA LEU C 22 -3.62 -6.71 20.40
C LEU C 22 -4.65 -5.59 20.38
N ILE C 23 -4.43 -4.61 19.51
CA ILE C 23 -5.36 -3.49 19.36
C ILE C 23 -6.70 -3.97 18.80
N SER C 24 -6.63 -4.81 17.78
CA SER C 24 -7.82 -5.35 17.14
C SER C 24 -8.64 -6.23 18.09
N TYR C 25 -7.97 -6.85 19.04
CA TYR C 25 -8.64 -7.73 20.00
C TYR C 25 -9.32 -6.94 21.11
N THR C 26 -8.62 -5.95 21.64
CA THR C 26 -9.11 -5.19 22.78
C THR C 26 -10.10 -4.09 22.41
N THR C 27 -9.88 -3.45 21.27
CA THR C 27 -10.73 -2.34 20.85
C THR C 27 -11.73 -2.76 19.77
N ASN C 28 -11.69 -4.04 19.40
CA ASN C 28 -12.60 -4.61 18.41
C ASN C 28 -12.54 -3.90 17.06
N LYS C 29 -11.41 -3.28 16.75
CA LYS C 29 -11.22 -2.61 15.47
C LYS C 29 -9.76 -2.57 15.06
N PHE C 30 -9.51 -2.78 13.78
CA PHE C 30 -8.15 -2.75 13.24
C PHE C 30 -7.65 -1.31 13.15
N PRO C 31 -6.41 -1.06 13.60
CA PRO C 31 -5.79 0.26 13.59
C PRO C 31 -5.74 0.87 12.20
N SER C 32 -6.26 2.10 12.05
CA SER C 32 -6.20 2.80 10.77
C SER C 32 -4.75 3.08 10.37
N GLU C 33 -4.49 3.02 9.08
CA GLU C 33 -3.14 3.25 8.57
C GLU C 33 -2.69 4.69 8.80
N TYR C 34 -3.66 5.60 8.85
CA TYR C 34 -3.37 7.02 9.00
C TYR C 34 -3.48 7.46 10.46
N VAL C 35 -4.13 6.64 11.27
CA VAL C 35 -4.26 6.92 12.70
C VAL C 35 -3.65 5.76 13.50
N PRO C 36 -2.30 5.73 13.58
CA PRO C 36 -1.58 4.65 14.26
C PRO C 36 -1.27 4.97 15.70
N THR C 37 -1.41 3.98 16.58
CA THR C 37 -1.13 4.17 18.00
C THR C 37 -0.31 3.02 18.56
N VAL C 38 0.07 3.14 19.83
CA VAL C 38 0.78 2.07 20.51
C VAL C 38 -0.20 1.21 21.29
N PHE C 39 0.31 0.21 22.01
CA PHE C 39 -0.55 -0.64 22.82
C PHE C 39 -0.11 -0.63 24.28
N ASP C 40 -0.76 0.19 25.09
CA ASP C 40 -0.49 0.24 26.52
C ASP C 40 -0.99 -1.02 27.19
N ASN C 41 -0.44 -1.32 28.37
CA ASN C 41 -0.82 -2.50 29.13
C ASN C 41 -2.32 -2.48 29.44
N TYR C 42 -3.05 -3.44 28.89
CA TYR C 42 -4.50 -3.43 28.96
C TYR C 42 -5.03 -4.70 29.64
N ALA C 43 -6.20 -4.58 30.26
CA ALA C 43 -6.83 -5.71 30.91
C ALA C 43 -8.24 -5.95 30.37
N VAL C 44 -8.49 -7.17 29.88
CA VAL C 44 -9.81 -7.55 29.39
C VAL C 44 -10.35 -8.74 30.19
N THR C 45 -11.67 -8.85 30.27
CA THR C 45 -12.30 -9.94 31.00
C THR C 45 -13.24 -10.73 30.10
N VAL C 46 -12.88 -11.99 29.82
CA VAL C 46 -13.69 -12.82 28.95
C VAL C 46 -14.49 -13.85 29.75
N MET C 47 -15.50 -14.44 29.11
CA MET C 47 -16.35 -15.42 29.77
C MET C 47 -16.22 -16.77 29.08
N ILE C 48 -15.68 -17.76 29.79
CA ILE C 48 -15.50 -19.10 29.24
C ILE C 48 -16.19 -20.17 30.08
N GLY C 49 -17.34 -20.64 29.61
CA GLY C 49 -18.07 -21.67 30.30
C GLY C 49 -18.73 -21.18 31.58
N GLY C 50 -19.08 -19.91 31.61
CA GLY C 50 -19.69 -19.31 32.79
C GLY C 50 -18.66 -18.84 33.79
N GLU C 51 -17.40 -19.01 33.45
CA GLU C 51 -16.30 -18.61 34.33
C GLU C 51 -15.57 -17.39 33.77
N PRO C 52 -15.59 -16.28 34.53
CA PRO C 52 -14.90 -15.05 34.12
C PRO C 52 -13.40 -15.08 34.36
N TYR C 53 -12.63 -14.80 33.32
CA TYR C 53 -11.17 -14.73 33.43
C TYR C 53 -10.68 -13.36 32.98
N THR C 54 -9.65 -12.85 33.65
CA THR C 54 -9.10 -11.54 33.33
C THR C 54 -7.70 -11.66 32.71
N LEU C 55 -7.57 -11.25 31.47
CA LEU C 55 -6.26 -11.29 30.79
C LEU C 55 -5.48 -10.00 30.97
N GLY C 56 -4.19 -10.14 31.27
CA GLY C 56 -3.28 -9.01 31.30
C GLY C 56 -2.42 -9.05 30.05
N LEU C 57 -2.72 -8.16 29.11
CA LEU C 57 -2.05 -8.18 27.80
C LEU C 57 -0.85 -7.23 27.75
N PHE C 58 0.30 -7.77 27.35
CA PHE C 58 1.53 -7.00 27.25
C PHE C 58 2.10 -7.05 25.83
N ASP C 59 2.48 -5.90 25.30
CA ASP C 59 3.06 -5.83 23.96
C ASP C 59 4.57 -5.57 24.05
N THR C 60 5.36 -6.48 23.49
CA THR C 60 6.81 -6.36 23.54
C THR C 60 7.40 -5.75 22.27
N ALA C 61 6.53 -5.14 21.46
CA ALA C 61 6.97 -4.51 20.22
C ALA C 61 7.92 -3.34 20.49
N GLY C 62 9.01 -3.29 19.73
CA GLY C 62 10.00 -2.24 19.89
C GLY C 62 11.16 -2.65 20.77
N GLN C 63 11.09 -3.86 21.32
CA GLN C 63 12.10 -4.38 22.22
C GLN C 63 12.90 -5.49 21.56
N GLU C 64 12.48 -5.88 20.36
CA GLU C 64 13.02 -7.04 19.65
C GLU C 64 14.54 -6.99 19.48
N ASP C 65 15.09 -5.79 19.29
CA ASP C 65 16.52 -5.64 19.06
C ASP C 65 17.28 -5.26 20.32
N TYR C 66 16.70 -5.55 21.48
CA TYR C 66 17.35 -5.24 22.74
C TYR C 66 17.18 -6.41 23.71
N ASP C 67 18.25 -7.18 23.88
CA ASP C 67 18.17 -8.47 24.57
C ASP C 67 18.11 -8.36 26.08
N ARG C 68 18.47 -7.20 26.63
CA ARG C 68 18.46 -7.05 28.09
C ARG C 68 17.24 -6.26 28.55
N LEU C 69 16.49 -5.71 27.61
CA LEU C 69 15.27 -4.99 27.92
C LEU C 69 14.06 -5.90 27.77
N ARG C 70 14.15 -6.82 26.80
CA ARG C 70 13.09 -7.80 26.57
C ARG C 70 12.69 -8.64 27.80
N PRO C 71 13.67 -9.19 28.54
CA PRO C 71 13.23 -10.07 29.64
C PRO C 71 12.63 -9.31 30.83
N LEU C 72 12.59 -7.98 30.76
CA LEU C 72 12.00 -7.18 31.83
C LEU C 72 10.49 -7.40 31.91
N SER C 73 9.89 -7.75 30.78
CA SER C 73 8.45 -7.96 30.68
C SER C 73 8.05 -9.38 31.06
N TYR C 74 9.03 -10.28 31.04
CA TYR C 74 8.78 -11.72 31.23
C TYR C 74 8.37 -12.19 32.64
N PRO C 75 8.82 -11.50 33.73
CA PRO C 75 8.42 -12.00 35.05
C PRO C 75 6.91 -12.16 35.25
N GLN C 76 6.54 -13.21 35.98
CA GLN C 76 5.15 -13.49 36.36
C GLN C 76 4.24 -13.72 35.15
N THR C 77 4.82 -14.12 34.03
CA THR C 77 4.04 -14.42 32.84
C THR C 77 3.35 -15.78 32.95
N ASP C 78 2.06 -15.81 32.66
CA ASP C 78 1.28 -17.05 32.78
C ASP C 78 1.23 -17.80 31.46
N VAL C 79 1.29 -17.07 30.35
CA VAL C 79 1.29 -17.69 29.02
C VAL C 79 1.91 -16.77 27.98
N PHE C 80 2.74 -17.34 27.11
CA PHE C 80 3.39 -16.58 26.05
C PHE C 80 2.68 -16.78 24.71
N LEU C 81 2.84 -15.80 23.81
CA LEU C 81 2.37 -15.92 22.44
C LEU C 81 3.50 -15.67 21.47
N VAL C 82 4.13 -16.74 21.01
CA VAL C 82 5.21 -16.62 20.03
C VAL C 82 4.62 -16.44 18.63
N CYS C 83 4.78 -15.23 18.08
CA CYS C 83 4.12 -14.88 16.84
C CYS C 83 5.04 -14.84 15.63
N PHE C 84 4.49 -15.22 14.47
CA PHE C 84 5.20 -15.09 13.20
C PHE C 84 4.20 -14.80 12.10
N SER C 85 4.59 -13.97 11.15
CA SER C 85 3.76 -13.72 9.98
C SER C 85 3.78 -14.96 9.08
N VAL C 86 2.61 -15.43 8.67
CA VAL C 86 2.52 -16.59 7.80
C VAL C 86 3.05 -16.25 6.41
N VAL C 87 3.24 -14.96 6.18
CA VAL C 87 3.81 -14.47 4.92
C VAL C 87 5.32 -14.34 5.03
N SER C 88 5.80 -13.85 6.17
CA SER C 88 7.23 -13.68 6.41
C SER C 88 7.87 -14.94 6.95
N PRO C 89 8.72 -15.61 6.15
CA PRO C 89 9.37 -16.84 6.56
C PRO C 89 10.49 -16.60 7.57
N SER C 90 11.12 -15.43 7.50
CA SER C 90 12.22 -15.11 8.42
C SER C 90 11.72 -14.98 9.86
N SER C 91 10.46 -14.56 10.00
CA SER C 91 9.84 -14.46 11.31
C SER C 91 9.48 -15.84 11.84
N PHE C 92 9.29 -16.77 10.92
CA PHE C 92 8.96 -18.15 11.26
C PHE C 92 10.21 -18.91 11.67
N GLU C 93 11.35 -18.48 11.14
CA GLU C 93 12.63 -19.10 11.47
C GLU C 93 13.13 -18.63 12.83
N ASN C 94 12.90 -17.36 13.14
CA ASN C 94 13.31 -16.79 14.42
C ASN C 94 12.50 -17.35 15.60
N VAL C 95 11.43 -18.07 15.28
CA VAL C 95 10.62 -18.72 16.31
C VAL C 95 11.44 -19.77 17.04
N LYS C 96 12.06 -20.67 16.28
CA LYS C 96 12.86 -21.75 16.85
C LYS C 96 14.30 -21.33 17.10
N GLU C 97 14.73 -20.24 16.47
CA GLU C 97 16.11 -19.79 16.57
C GLU C 97 16.32 -18.77 17.68
N LYS C 98 15.24 -18.12 18.11
CA LYS C 98 15.38 -17.08 19.14
C LYS C 98 14.27 -17.12 20.19
N TRP C 99 13.04 -16.91 19.77
CA TRP C 99 11.95 -16.63 20.71
C TRP C 99 11.59 -17.78 21.64
N VAL C 100 11.37 -18.98 21.07
CA VAL C 100 11.06 -20.14 21.91
C VAL C 100 12.25 -20.50 22.82
N PRO C 101 13.50 -20.44 22.31
CA PRO C 101 14.60 -20.65 23.26
C PRO C 101 14.69 -19.55 24.33
N GLU C 102 14.29 -18.33 24.00
CA GLU C 102 14.40 -17.22 24.94
C GLU C 102 13.38 -17.31 26.08
N ILE C 103 12.14 -17.68 25.75
CA ILE C 103 11.12 -17.81 26.77
C ILE C 103 11.30 -19.10 27.56
N THR C 104 11.99 -20.06 26.96
CA THR C 104 12.29 -21.31 27.66
C THR C 104 13.40 -21.08 28.69
N HIS C 105 14.31 -20.19 28.36
CA HIS C 105 15.44 -19.88 29.25
C HIS C 105 14.97 -19.17 30.51
N HIS C 106 14.14 -18.15 30.34
CA HIS C 106 13.67 -17.35 31.46
C HIS C 106 12.47 -17.98 32.17
N CYS C 107 11.55 -18.54 31.39
CA CYS C 107 10.32 -19.10 31.95
C CYS C 107 10.08 -20.51 31.44
N PRO C 108 10.79 -21.49 32.01
CA PRO C 108 10.70 -22.89 31.55
C PRO C 108 9.38 -23.56 31.92
N LYS C 109 8.69 -23.04 32.92
CA LYS C 109 7.42 -23.61 33.36
C LYS C 109 6.22 -22.88 32.75
N THR C 110 6.50 -21.89 31.93
CA THR C 110 5.43 -21.09 31.32
C THR C 110 5.05 -21.63 29.94
N PRO C 111 3.77 -21.96 29.76
CA PRO C 111 3.26 -22.47 28.48
C PRO C 111 3.20 -21.37 27.42
N PHE C 112 3.25 -21.76 26.16
CA PHE C 112 3.17 -20.80 25.07
C PHE C 112 2.44 -21.38 23.87
N LEU C 113 1.73 -20.52 23.16
CA LEU C 113 1.07 -20.90 21.93
C LEU C 113 1.91 -20.46 20.74
N LEU C 114 1.76 -21.17 19.62
CA LEU C 114 2.39 -20.74 18.38
C LEU C 114 1.35 -20.01 17.55
N VAL C 115 1.54 -18.71 17.37
CA VAL C 115 0.55 -17.88 16.69
C VAL C 115 1.01 -17.46 15.30
N GLY C 116 0.27 -17.90 14.29
CA GLY C 116 0.51 -17.47 12.92
C GLY C 116 -0.38 -16.27 12.63
N THR C 117 0.23 -15.16 12.20
CA THR C 117 -0.51 -13.92 12.02
C THR C 117 -0.57 -13.48 10.57
N GLN C 118 -1.44 -12.52 10.29
CA GLN C 118 -1.63 -11.96 8.94
C GLN C 118 -2.04 -13.02 7.93
N ILE C 119 -2.95 -13.91 8.33
CA ILE C 119 -3.37 -15.01 7.46
C ILE C 119 -4.22 -14.52 6.28
N ASP C 120 -4.63 -13.26 6.34
CA ASP C 120 -5.44 -12.69 5.27
C ASP C 120 -4.58 -12.34 4.07
N LEU C 121 -3.26 -12.36 4.28
CA LEU C 121 -2.32 -12.04 3.21
C LEU C 121 -1.79 -13.32 2.56
N ARG C 122 -2.24 -14.46 3.04
CA ARG C 122 -1.77 -15.74 2.52
C ARG C 122 -2.47 -16.09 1.21
N ASP C 123 -3.70 -15.60 1.05
CA ASP C 123 -4.47 -15.83 -0.16
C ASP C 123 -4.43 -14.62 -1.07
N ASP C 124 -3.91 -13.51 -0.55
CA ASP C 124 -3.80 -12.28 -1.32
C ASP C 124 -2.80 -12.45 -2.46
N PRO C 125 -3.28 -12.32 -3.71
CA PRO C 125 -2.45 -12.49 -4.90
C PRO C 125 -1.26 -11.54 -4.95
N SER C 126 -1.46 -10.31 -4.48
CA SER C 126 -0.41 -9.30 -4.46
C SER C 126 0.74 -9.71 -3.54
N THR C 127 0.41 -10.36 -2.43
CA THR C 127 1.39 -10.74 -1.44
C THR C 127 2.19 -11.98 -1.85
N ILE C 128 1.51 -12.93 -2.50
CA ILE C 128 2.18 -14.13 -2.99
C ILE C 128 3.20 -13.78 -4.06
N GLU C 129 2.86 -12.75 -4.85
CA GLU C 129 3.73 -12.28 -5.92
C GLU C 129 5.06 -11.78 -5.38
N LYS C 130 5.02 -11.02 -4.29
CA LYS C 130 6.22 -10.48 -3.68
C LYS C 130 7.11 -11.60 -3.12
N LEU C 131 6.46 -12.64 -2.61
CA LEU C 131 7.17 -13.79 -2.07
C LEU C 131 7.74 -14.67 -3.17
N ALA C 132 7.07 -14.66 -4.32
CA ALA C 132 7.50 -15.46 -5.47
C ALA C 132 8.80 -14.92 -6.06
N LYS C 133 8.99 -13.61 -5.97
CA LYS C 133 10.19 -12.98 -6.51
C LYS C 133 11.43 -13.35 -5.70
N ASN C 134 11.23 -13.80 -4.47
CA ASN C 134 12.33 -14.27 -3.64
C ASN C 134 12.29 -15.78 -3.44
N LYS C 135 11.56 -16.46 -4.32
CA LYS C 135 11.43 -17.92 -4.30
C LYS C 135 10.92 -18.43 -2.96
N GLN C 136 9.96 -17.70 -2.38
CA GLN C 136 9.39 -18.08 -1.09
C GLN C 136 7.89 -18.28 -1.17
N LYS C 137 7.38 -19.16 -0.32
CA LYS C 137 5.94 -19.42 -0.24
C LYS C 137 5.45 -19.20 1.17
N PRO C 138 4.22 -18.67 1.31
CA PRO C 138 3.62 -18.44 2.63
C PRO C 138 3.52 -19.71 3.47
N ILE C 139 3.75 -19.58 4.78
CA ILE C 139 3.76 -20.73 5.68
C ILE C 139 2.38 -21.36 5.81
N THR C 140 2.24 -22.58 5.29
CA THR C 140 1.00 -23.33 5.42
C THR C 140 0.85 -23.82 6.87
N PRO C 141 -0.40 -23.91 7.36
CA PRO C 141 -0.66 -24.37 8.72
C PRO C 141 -0.05 -25.74 9.04
N GLU C 142 0.01 -26.63 8.04
CA GLU C 142 0.61 -27.94 8.24
C GLU C 142 2.09 -27.83 8.58
N THR C 143 2.76 -26.86 7.97
CA THR C 143 4.16 -26.59 8.26
C THR C 143 4.32 -26.07 9.69
N ALA C 144 3.48 -25.10 10.04
CA ALA C 144 3.56 -24.44 11.34
C ALA C 144 3.12 -25.36 12.48
N GLU C 145 2.13 -26.22 12.22
CA GLU C 145 1.67 -27.18 13.22
C GLU C 145 2.76 -28.20 13.52
N LYS C 146 3.63 -28.44 12.54
CA LYS C 146 4.76 -29.34 12.72
C LYS C 146 5.78 -28.71 13.66
N LEU C 147 5.97 -27.40 13.53
CA LEU C 147 6.89 -26.67 14.40
C LEU C 147 6.33 -26.57 15.82
N ALA C 148 5.00 -26.60 15.93
CA ALA C 148 4.33 -26.54 17.21
C ALA C 148 4.62 -27.80 18.03
N ARG C 149 4.74 -28.94 17.36
CA ARG C 149 5.04 -30.19 18.03
C ARG C 149 6.50 -30.24 18.43
N ASP C 150 7.38 -29.87 17.49
CA ASP C 150 8.82 -29.97 17.67
C ASP C 150 9.37 -29.01 18.72
N LEU C 151 8.66 -27.90 18.95
CA LEU C 151 9.11 -26.92 19.93
C LEU C 151 8.32 -27.03 21.24
N LYS C 152 7.58 -28.12 21.38
CA LYS C 152 6.80 -28.41 22.59
C LYS C 152 5.80 -27.30 22.92
N ALA C 153 5.29 -26.63 21.90
CA ALA C 153 4.25 -25.62 22.09
C ALA C 153 2.94 -26.29 22.48
N VAL C 154 2.12 -25.57 23.23
CA VAL C 154 0.83 -26.10 23.66
C VAL C 154 -0.01 -26.48 22.45
N LYS C 155 -0.13 -25.55 21.51
CA LYS C 155 -0.80 -25.81 20.24
C LYS C 155 -0.53 -24.68 19.25
N TYR C 156 -1.05 -24.82 18.04
CA TYR C 156 -0.89 -23.80 17.01
C TYR C 156 -2.21 -23.11 16.68
N VAL C 157 -2.17 -21.80 16.50
CA VAL C 157 -3.35 -21.03 16.16
C VAL C 157 -3.07 -20.01 15.06
N GLU C 158 -4.10 -19.69 14.28
CA GLU C 158 -3.99 -18.70 13.22
C GLU C 158 -4.97 -17.56 13.43
N CYS C 159 -4.57 -16.34 13.08
CA CYS C 159 -5.45 -15.20 13.22
C CYS C 159 -5.11 -14.09 12.23
N SER C 160 -6.10 -13.25 11.98
CA SER C 160 -5.91 -12.04 11.18
C SER C 160 -6.42 -10.85 11.98
N ALA C 161 -5.54 -9.92 12.31
CA ALA C 161 -5.95 -8.72 13.03
C ALA C 161 -6.86 -7.86 12.18
N LEU C 162 -6.81 -8.08 10.86
CA LEU C 162 -7.59 -7.30 9.92
C LEU C 162 -9.01 -7.86 9.78
N THR C 163 -9.11 -9.17 9.71
CA THR C 163 -10.40 -9.84 9.52
C THR C 163 -11.02 -10.24 10.86
N GLN C 164 -10.19 -10.22 11.91
CA GLN C 164 -10.55 -10.71 13.24
C GLN C 164 -10.89 -12.20 13.22
N ARG C 165 -10.47 -12.88 12.16
CA ARG C 165 -10.72 -14.31 12.03
C ARG C 165 -9.79 -15.11 12.93
N GLY C 166 -10.38 -15.83 13.88
CA GLY C 166 -9.61 -16.63 14.82
C GLY C 166 -8.75 -15.79 15.73
N LEU C 167 -9.06 -14.50 15.82
CA LEU C 167 -8.34 -13.59 16.70
C LEU C 167 -8.78 -13.81 18.14
N LYS C 168 -10.09 -13.83 18.36
CA LYS C 168 -10.66 -14.13 19.67
C LYS C 168 -10.20 -15.50 20.13
N ASN C 169 -10.18 -16.44 19.20
CA ASN C 169 -9.80 -17.82 19.48
C ASN C 169 -8.40 -17.96 20.07
N VAL C 170 -7.48 -17.12 19.60
CA VAL C 170 -6.10 -17.16 20.07
C VAL C 170 -6.02 -16.91 21.58
N PHE C 171 -6.69 -15.87 22.04
CA PHE C 171 -6.66 -15.50 23.44
C PHE C 171 -7.53 -16.42 24.29
N ASP C 172 -8.51 -17.06 23.65
CA ASP C 172 -9.33 -18.03 24.35
C ASP C 172 -8.50 -19.28 24.66
N GLU C 173 -7.72 -19.72 23.67
CA GLU C 173 -6.82 -20.86 23.85
C GLU C 173 -5.66 -20.51 24.77
N ALA C 174 -5.31 -19.23 24.80
CA ALA C 174 -4.21 -18.76 25.64
C ALA C 174 -4.57 -18.93 27.12
N ILE C 175 -5.82 -18.63 27.44
CA ILE C 175 -6.32 -18.78 28.80
C ILE C 175 -6.39 -20.25 29.19
N LEU C 176 -6.96 -21.06 28.30
CA LEU C 176 -7.08 -22.50 28.54
C LEU C 176 -5.71 -23.16 28.72
N ALA C 177 -4.69 -22.57 28.10
CA ALA C 177 -3.34 -23.09 28.20
C ALA C 177 -2.68 -22.70 29.51
N ALA C 178 -3.15 -21.59 30.09
CA ALA C 178 -2.57 -21.08 31.33
C ALA C 178 -3.25 -21.65 32.57
N LEU C 179 -4.25 -22.49 32.36
CA LEU C 179 -4.98 -23.09 33.48
C LEU C 179 -4.62 -24.56 33.67
N GLU C 180 -3.63 -25.03 32.91
CA GLU C 180 -3.18 -26.41 33.00
C GLU C 180 -2.36 -26.65 34.27
N LEU D 2 -4.64 15.44 -0.24
CA LEU D 2 -3.57 14.96 0.63
C LEU D 2 -3.07 13.58 0.19
N THR D 3 -1.78 13.51 -0.13
CA THR D 3 -1.16 12.25 -0.50
C THR D 3 -1.07 11.32 0.72
N PRO D 4 -1.18 10.00 0.51
CA PRO D 4 -1.09 9.02 1.58
C PRO D 4 0.19 9.15 2.41
N THR D 5 1.28 9.53 1.75
CA THR D 5 2.57 9.72 2.43
C THR D 5 2.51 10.89 3.41
N GLU D 6 2.05 12.04 2.92
CA GLU D 6 1.93 13.23 3.76
C GLU D 6 0.83 13.05 4.80
N ARG D 7 -0.13 12.19 4.49
CA ARG D 7 -1.24 11.91 5.39
C ARG D 7 -0.83 11.01 6.56
N LYS D 8 0.07 10.08 6.29
CA LYS D 8 0.60 9.21 7.34
C LYS D 8 1.52 9.99 8.28
N ARG D 9 2.25 10.94 7.73
CA ARG D 9 3.18 11.75 8.51
C ARG D 9 2.44 12.51 9.61
N GLN D 10 1.34 13.16 9.24
CA GLN D 10 0.52 13.89 10.20
C GLN D 10 -0.06 12.94 11.25
N GLY D 11 -0.28 11.70 10.85
CA GLY D 11 -0.85 10.70 11.75
C GLY D 11 0.15 10.19 12.77
N TYR D 12 1.40 10.04 12.35
CA TYR D 12 2.44 9.55 13.24
C TYR D 12 2.94 10.65 14.18
N ILE D 13 2.94 11.89 13.69
CA ILE D 13 3.27 13.03 14.54
C ILE D 13 2.18 13.19 15.60
N HIS D 14 0.94 12.95 15.20
CA HIS D 14 -0.18 12.93 16.14
C HIS D 14 0.03 11.86 17.19
N GLU D 15 0.46 10.68 16.75
CA GLU D 15 0.72 9.56 17.65
C GLU D 15 1.74 9.95 18.70
N LEU D 16 2.80 10.61 18.25
CA LEU D 16 3.89 11.02 19.15
C LEU D 16 3.40 11.88 20.31
N ILE D 17 2.65 12.93 19.98
CA ILE D 17 2.19 13.88 21.00
C ILE D 17 1.13 13.27 21.90
N VAL D 18 0.18 12.55 21.31
CA VAL D 18 -0.90 11.94 22.07
C VAL D 18 -0.36 10.88 23.05
N THR D 19 0.50 10.00 22.55
CA THR D 19 1.07 8.96 23.39
C THR D 19 2.03 9.54 24.45
N GLU D 20 2.61 10.70 24.15
CA GLU D 20 3.48 11.35 25.11
C GLU D 20 2.65 11.90 26.26
N GLU D 21 1.51 12.51 25.93
CA GLU D 21 0.60 13.02 26.95
C GLU D 21 0.13 11.90 27.86
N ASN D 22 -0.29 10.79 27.24
CA ASN D 22 -0.78 9.65 27.99
C ASN D 22 0.32 9.04 28.85
N TYR D 23 1.55 9.07 28.34
CA TYR D 23 2.69 8.51 29.08
C TYR D 23 3.03 9.37 30.29
N VAL D 24 3.10 10.68 30.08
CA VAL D 24 3.37 11.62 31.18
C VAL D 24 2.29 11.48 32.25
N ASN D 25 1.07 11.26 31.80
CA ASN D 25 -0.05 11.05 32.70
C ASN D 25 0.11 9.76 33.50
N ASP D 26 0.58 8.70 32.83
CA ASP D 26 0.81 7.43 33.50
C ASP D 26 1.92 7.56 34.54
N LEU D 27 2.90 8.40 34.25
CA LEU D 27 3.98 8.68 35.20
C LEU D 27 3.41 9.37 36.44
N GLN D 28 2.49 10.31 36.22
CA GLN D 28 1.92 11.08 37.32
C GLN D 28 0.87 10.29 38.11
N LEU D 29 0.23 9.32 37.46
CA LEU D 29 -0.73 8.47 38.15
C LEU D 29 -0.03 7.56 39.16
N VAL D 30 1.09 6.98 38.76
CA VAL D 30 1.84 6.08 39.63
C VAL D 30 2.33 6.81 40.89
N THR D 31 2.82 8.03 40.71
CA THR D 31 3.29 8.82 41.84
C THR D 31 2.15 9.17 42.78
N GLU D 32 0.99 9.50 42.21
CA GLU D 32 -0.15 9.94 43.00
C GLU D 32 -0.83 8.80 43.76
N ILE D 33 -1.07 7.68 43.09
CA ILE D 33 -1.91 6.64 43.68
C ILE D 33 -1.15 5.37 44.08
N PHE D 34 0.15 5.34 43.85
CA PHE D 34 0.97 4.21 44.30
C PHE D 34 2.11 4.65 45.22
N GLN D 35 2.97 5.53 44.74
CA GLN D 35 4.16 5.90 45.50
C GLN D 35 3.83 6.62 46.80
N LYS D 36 3.06 7.70 46.71
CA LYS D 36 2.68 8.47 47.89
C LYS D 36 1.84 7.68 48.90
N PRO D 37 0.85 6.88 48.43
CA PRO D 37 0.15 6.05 49.41
C PRO D 37 1.07 5.06 50.14
N LEU D 38 2.03 4.48 49.43
CA LEU D 38 2.95 3.53 50.02
C LEU D 38 3.90 4.21 51.01
N MET D 39 4.18 5.48 50.77
CA MET D 39 5.06 6.25 51.65
C MET D 39 4.41 6.52 53.00
N GLU D 40 3.09 6.67 53.00
CA GLU D 40 2.37 6.96 54.23
C GLU D 40 1.91 5.69 54.95
N SER D 41 1.79 4.60 54.19
CA SER D 41 1.34 3.33 54.73
C SER D 41 2.32 2.78 55.76
N GLU D 42 3.59 3.20 55.63
CA GLU D 42 4.67 2.74 56.51
C GLU D 42 4.85 1.22 56.42
N LEU D 43 4.46 0.65 55.29
CA LEU D 43 4.69 -0.76 55.03
C LEU D 43 6.07 -0.95 54.39
N LEU D 44 6.62 0.14 53.87
CA LEU D 44 7.96 0.12 53.30
C LEU D 44 8.83 1.21 53.92
N THR D 45 10.09 0.87 54.17
CA THR D 45 11.06 1.85 54.64
C THR D 45 11.44 2.78 53.50
N GLU D 46 12.16 3.85 53.82
CA GLU D 46 12.62 4.80 52.81
C GLU D 46 13.51 4.12 51.78
N LYS D 47 14.28 3.13 52.25
CA LYS D 47 15.16 2.38 51.38
C LYS D 47 14.37 1.49 50.43
N GLU D 48 13.30 0.89 50.94
CA GLU D 48 12.46 0.00 50.14
C GLU D 48 11.69 0.76 49.08
N VAL D 49 11.25 1.97 49.42
CA VAL D 49 10.54 2.81 48.48
C VAL D 49 11.47 3.30 47.36
N ALA D 50 12.70 3.65 47.75
CA ALA D 50 13.69 4.13 46.79
C ALA D 50 14.19 3.02 45.86
N MET D 51 14.03 1.77 46.30
CA MET D 51 14.47 0.64 45.49
C MET D 51 13.48 0.33 44.37
N ILE D 52 12.23 0.75 44.56
CA ILE D 52 11.18 0.49 43.59
C ILE D 52 11.03 1.65 42.60
N PHE D 53 10.46 2.75 43.08
CA PHE D 53 10.18 3.90 42.23
C PHE D 53 11.43 4.64 41.78
N VAL D 54 12.51 4.51 42.55
CA VAL D 54 13.81 5.15 42.30
C VAL D 54 13.64 6.58 41.71
N ASN D 55 14.26 6.91 40.58
CA ASN D 55 14.18 8.27 40.05
C ASN D 55 12.96 8.49 39.15
N TRP D 56 11.79 8.11 39.66
CA TRP D 56 10.55 8.29 38.92
C TRP D 56 10.25 9.77 38.69
N LYS D 57 10.47 10.57 39.72
CA LYS D 57 10.27 12.00 39.66
C LYS D 57 11.16 12.62 38.59
N GLU D 58 12.37 12.10 38.45
CA GLU D 58 13.34 12.62 37.49
C GLU D 58 12.91 12.28 36.06
N LEU D 59 12.13 11.21 35.92
CA LEU D 59 11.61 10.83 34.61
C LEU D 59 10.46 11.73 34.19
N ILE D 60 9.67 12.18 35.17
CA ILE D 60 8.53 13.04 34.89
C ILE D 60 8.98 14.41 34.40
N MET D 61 9.91 15.03 35.12
CA MET D 61 10.46 16.32 34.72
C MET D 61 11.11 16.21 33.35
N CYS D 62 11.61 15.02 33.05
CA CYS D 62 12.28 14.73 31.80
C CYS D 62 11.32 14.72 30.61
N ASN D 63 10.09 14.25 30.85
CA ASN D 63 9.11 14.12 29.78
C ASN D 63 8.15 15.29 29.68
N ILE D 64 7.98 16.02 30.78
CA ILE D 64 7.15 17.22 30.77
C ILE D 64 7.81 18.26 29.86
N LYS D 65 9.12 18.37 29.98
CA LYS D 65 9.88 19.30 29.14
C LYS D 65 9.73 18.94 27.66
N LEU D 66 9.64 17.64 27.37
CA LEU D 66 9.43 17.17 26.00
C LEU D 66 7.99 17.40 25.55
N LEU D 67 7.04 17.09 26.43
CA LEU D 67 5.62 17.21 26.09
C LEU D 67 5.24 18.66 25.82
N LYS D 68 5.74 19.57 26.64
CA LYS D 68 5.46 20.99 26.47
C LYS D 68 6.13 21.52 25.21
N ALA D 69 7.30 20.98 24.88
CA ALA D 69 8.04 21.43 23.71
C ALA D 69 7.32 21.09 22.41
N LEU D 70 6.73 19.90 22.34
CA LEU D 70 6.02 19.48 21.14
C LEU D 70 4.71 20.24 21.00
N ARG D 71 4.17 20.69 22.13
CA ARG D 71 2.92 21.44 22.14
C ARG D 71 3.14 22.90 21.76
N VAL D 72 4.25 23.47 22.19
CA VAL D 72 4.60 24.84 21.83
C VAL D 72 4.69 25.00 20.32
N ARG D 73 5.27 24.00 19.65
CA ARG D 73 5.38 24.00 18.20
C ARG D 73 3.99 23.98 17.56
N LYS D 74 3.09 23.20 18.16
CA LYS D 74 1.71 23.11 17.68
C LYS D 74 0.93 24.36 18.10
N LYS D 75 1.41 25.03 19.14
CA LYS D 75 0.77 26.23 19.66
C LYS D 75 0.97 27.41 18.73
N MET D 76 2.06 27.39 17.97
CA MET D 76 2.41 28.48 17.06
C MET D 76 1.32 28.75 16.02
N SER D 77 0.69 27.69 15.53
CA SER D 77 -0.36 27.84 14.54
C SER D 77 -1.66 28.32 15.16
N GLY D 78 -1.79 28.12 16.48
CA GLY D 78 -2.97 28.53 17.22
C GLY D 78 -2.90 29.99 17.64
N GLU D 79 -1.71 30.42 18.04
CA GLU D 79 -1.50 31.80 18.48
C GLU D 79 -1.62 32.77 17.30
N LEU D 80 -1.26 32.31 16.12
CA LEU D 80 -1.31 33.13 14.92
C LEU D 80 -2.76 33.40 14.52
N ALA D 81 -3.60 32.39 14.65
CA ALA D 81 -5.00 32.49 14.28
C ALA D 81 -5.74 33.53 15.13
N THR D 82 -5.36 33.62 16.40
CA THR D 82 -5.99 34.57 17.32
C THR D 82 -5.49 35.99 17.08
N THR D 83 -4.35 36.13 16.44
CA THR D 83 -3.76 37.44 16.16
C THR D 83 -4.30 38.01 14.84
N LEU D 84 -4.35 37.17 13.82
CA LEU D 84 -4.82 37.59 12.51
C LEU D 84 -6.33 37.42 12.38
N GLU D 85 -7.00 37.33 13.53
CA GLU D 85 -8.46 37.21 13.55
C GLU D 85 -9.09 38.59 13.50
N ARG D 86 -8.29 39.60 13.83
CA ARG D 86 -8.74 40.99 13.77
C ARG D 86 -8.90 41.45 12.33
N ILE D 87 -8.26 40.73 11.41
CA ILE D 87 -8.40 41.00 9.98
C ILE D 87 -9.48 40.11 9.37
N GLU D 88 -10.66 40.67 9.18
CA GLU D 88 -11.79 39.91 8.66
C GLU D 88 -11.85 39.97 7.13
N LYS D 89 -10.75 39.60 6.48
CA LYS D 89 -10.69 39.58 5.03
C LYS D 89 -10.29 38.20 4.52
N ASN D 90 -10.60 37.91 3.27
CA ASN D 90 -10.23 36.64 2.67
C ASN D 90 -8.76 36.63 2.29
N PHE D 91 -7.96 35.87 3.04
CA PHE D 91 -6.55 35.74 2.71
C PHE D 91 -5.97 34.42 3.22
N VAL D 92 -4.96 33.94 2.51
CA VAL D 92 -4.23 32.74 2.91
C VAL D 92 -2.73 33.00 2.90
N ILE D 93 -1.99 32.19 3.65
CA ILE D 93 -0.55 32.29 3.67
C ILE D 93 0.08 30.95 3.33
N THR D 94 1.03 30.96 2.40
CA THR D 94 1.64 29.72 1.91
C THR D 94 3.15 29.68 2.19
N ASP D 95 3.69 28.48 2.27
CA ASP D 95 5.11 28.27 2.56
C ASP D 95 5.85 27.67 1.37
N PRO D 96 6.60 28.50 0.64
CA PRO D 96 7.36 28.07 -0.54
C PRO D 96 8.41 27.01 -0.23
N ARG D 97 8.94 27.01 0.99
CA ARG D 97 9.98 26.06 1.38
C ARG D 97 9.43 24.65 1.56
N LEU D 98 8.11 24.53 1.55
CA LEU D 98 7.45 23.22 1.60
C LEU D 98 6.98 22.83 0.21
N PRO D 99 6.92 21.50 -0.07
CA PRO D 99 6.53 20.98 -1.39
C PRO D 99 5.20 21.54 -1.91
N ASP D 100 5.22 21.99 -3.16
CA ASP D 100 4.02 22.48 -3.85
C ASP D 100 3.40 23.72 -3.19
N ASN D 101 4.18 24.40 -2.37
CA ASN D 101 3.77 25.67 -1.75
C ASN D 101 2.40 25.59 -1.06
N PRO D 102 2.33 24.83 0.05
CA PRO D 102 1.04 24.57 0.72
C PRO D 102 0.56 25.75 1.55
N ILE D 103 -0.75 25.85 1.73
CA ILE D 103 -1.33 26.85 2.62
C ILE D 103 -1.05 26.49 4.07
N ILE D 104 -0.31 27.34 4.77
CA ILE D 104 0.02 27.09 6.17
C ILE D 104 -0.90 27.88 7.10
N PHE D 105 -1.70 28.76 6.52
CA PHE D 105 -2.68 29.52 7.29
C PHE D 105 -3.81 30.05 6.41
N ALA D 106 -5.04 29.84 6.86
CA ALA D 106 -6.21 30.36 6.18
C ALA D 106 -7.07 31.13 7.16
N SER D 107 -7.44 32.35 6.79
CA SER D 107 -8.25 33.19 7.65
C SER D 107 -9.65 32.62 7.81
N ASP D 108 -10.33 33.04 8.86
CA ASP D 108 -11.70 32.60 9.11
C ASP D 108 -12.60 33.06 7.96
N SER D 109 -12.34 34.25 7.46
CA SER D 109 -13.13 34.82 6.37
C SER D 109 -12.95 34.02 5.08
N PHE D 110 -11.73 33.53 4.85
CA PHE D 110 -11.45 32.71 3.67
C PHE D 110 -12.21 31.40 3.73
N LEU D 111 -12.35 30.86 4.93
CA LEU D 111 -13.08 29.61 5.14
C LEU D 111 -14.58 29.84 4.96
N GLN D 112 -15.03 31.04 5.27
CA GLN D 112 -16.43 31.41 5.10
C GLN D 112 -16.79 31.50 3.62
N LEU D 113 -15.88 32.08 2.84
CA LEU D 113 -16.09 32.25 1.41
C LEU D 113 -16.04 30.93 0.65
N THR D 114 -14.97 30.17 0.87
CA THR D 114 -14.74 28.94 0.11
C THR D 114 -15.53 27.76 0.65
N GLU D 115 -16.20 27.96 1.78
CA GLU D 115 -17.02 26.93 2.43
C GLU D 115 -16.19 25.71 2.83
N TYR D 116 -14.90 25.91 3.01
CA TYR D 116 -14.00 24.82 3.41
C TYR D 116 -13.67 24.89 4.90
N SER D 117 -13.25 23.77 5.46
CA SER D 117 -12.77 23.73 6.84
C SER D 117 -11.25 23.82 6.85
N ARG D 118 -10.69 24.29 7.97
CA ARG D 118 -9.26 24.49 8.08
C ARG D 118 -8.50 23.16 7.99
N GLU D 119 -9.20 22.06 8.26
CA GLU D 119 -8.58 20.74 8.20
C GLU D 119 -8.50 20.24 6.77
N GLU D 120 -9.32 20.81 5.89
CA GLU D 120 -9.34 20.41 4.48
C GLU D 120 -8.50 21.35 3.61
N ILE D 121 -7.85 22.31 4.25
CA ILE D 121 -7.12 23.35 3.51
C ILE D 121 -5.62 23.31 3.78
N LEU D 122 -5.26 23.29 5.06
CA LEU D 122 -3.86 23.34 5.47
C LEU D 122 -3.07 22.18 4.89
N GLY D 123 -1.98 22.50 4.18
CA GLY D 123 -1.13 21.48 3.59
C GLY D 123 -1.42 21.20 2.13
N ARG D 124 -2.25 22.05 1.53
CA ARG D 124 -2.63 21.87 0.13
C ARG D 124 -2.40 23.16 -0.66
N ASN D 125 -2.12 23.03 -1.96
CA ASN D 125 -1.94 24.19 -2.82
C ASN D 125 -3.27 24.84 -3.15
N CYS D 126 -3.27 26.16 -3.24
CA CYS D 126 -4.50 26.94 -3.38
C CYS D 126 -5.13 26.85 -4.78
N ARG D 127 -4.64 25.94 -5.60
CA ARG D 127 -5.14 25.80 -6.97
C ARG D 127 -6.51 25.12 -7.03
N PHE D 128 -6.99 24.63 -5.89
CA PHE D 128 -8.26 23.92 -5.84
C PHE D 128 -9.46 24.83 -6.08
N LEU D 129 -9.24 26.14 -5.98
CA LEU D 129 -10.31 27.11 -6.17
C LEU D 129 -10.69 27.26 -7.64
N GLN D 130 -9.80 26.81 -8.52
CA GLN D 130 -10.00 26.96 -9.96
C GLN D 130 -10.96 25.91 -10.51
N GLY D 131 -11.57 26.21 -11.65
CA GLY D 131 -12.53 25.31 -12.27
C GLY D 131 -12.67 25.48 -13.77
N PRO D 132 -13.82 25.09 -14.32
CA PRO D 132 -14.11 25.12 -15.76
C PRO D 132 -14.02 26.52 -16.37
N GLU D 133 -14.83 27.44 -15.85
CA GLU D 133 -14.90 28.79 -16.40
C GLU D 133 -13.69 29.65 -16.02
N THR D 134 -12.78 29.06 -15.25
CA THR D 134 -11.57 29.77 -14.85
C THR D 134 -10.65 30.00 -16.06
N ASP D 135 -10.28 31.26 -16.27
CA ASP D 135 -9.43 31.63 -17.39
C ASP D 135 -7.99 31.15 -17.16
N ARG D 136 -7.57 30.16 -17.94
CA ARG D 136 -6.25 29.56 -17.78
C ARG D 136 -5.12 30.54 -18.11
N ALA D 137 -5.41 31.52 -18.95
CA ALA D 137 -4.44 32.54 -19.31
C ALA D 137 -4.14 33.44 -18.10
N THR D 138 -5.18 33.71 -17.31
CA THR D 138 -5.05 34.54 -16.12
C THR D 138 -4.26 33.81 -15.03
N VAL D 139 -4.47 32.51 -14.95
CA VAL D 139 -3.79 31.68 -13.95
C VAL D 139 -2.27 31.68 -14.14
N ARG D 140 -1.84 31.61 -15.39
CA ARG D 140 -0.41 31.59 -15.70
C ARG D 140 0.28 32.91 -15.32
N LYS D 141 -0.50 33.97 -15.20
CA LYS D 141 0.03 35.25 -14.74
C LYS D 141 0.35 35.19 -13.25
N ILE D 142 -0.39 34.38 -12.52
CA ILE D 142 -0.16 34.20 -11.09
C ILE D 142 1.03 33.29 -10.84
N ARG D 143 1.13 32.23 -11.65
CA ARG D 143 2.24 31.28 -11.54
C ARG D 143 3.58 31.96 -11.76
N ASP D 144 3.64 32.82 -12.77
CA ASP D 144 4.86 33.55 -13.10
C ASP D 144 5.29 34.46 -11.95
N ALA D 145 4.33 35.18 -11.38
CA ALA D 145 4.60 36.10 -10.28
C ALA D 145 5.22 35.39 -9.08
N ILE D 146 4.80 34.15 -8.84
CA ILE D 146 5.36 33.35 -7.76
C ILE D 146 6.79 32.93 -8.08
N ASP D 147 7.01 32.48 -9.32
CA ASP D 147 8.33 32.06 -9.76
C ASP D 147 9.29 33.26 -9.84
N ASN D 148 8.76 34.42 -10.19
CA ASN D 148 9.56 35.64 -10.27
C ASN D 148 9.65 36.35 -8.93
N GLN D 149 8.91 35.84 -7.95
CA GLN D 149 8.87 36.40 -6.61
C GLN D 149 8.49 37.88 -6.63
N THR D 150 7.51 38.23 -7.46
CA THR D 150 7.02 39.59 -7.55
C THR D 150 5.50 39.63 -7.34
N GLU D 151 4.99 40.78 -6.93
CA GLU D 151 3.57 40.92 -6.65
C GLU D 151 2.74 40.92 -7.94
N VAL D 152 1.45 40.66 -7.81
CA VAL D 152 0.55 40.63 -8.96
C VAL D 152 -0.89 40.85 -8.50
N THR D 153 -1.72 41.39 -9.39
CA THR D 153 -3.13 41.60 -9.09
C THR D 153 -3.99 41.31 -10.31
N VAL D 154 -4.73 40.19 -10.26
CA VAL D 154 -5.55 39.77 -11.40
C VAL D 154 -6.97 39.43 -10.97
N GLN D 155 -7.84 39.19 -11.97
CA GLN D 155 -9.21 38.79 -11.72
C GLN D 155 -9.54 37.48 -12.44
N LEU D 156 -10.09 36.52 -11.71
CA LEU D 156 -10.39 35.21 -12.27
C LEU D 156 -11.57 34.53 -11.57
N ILE D 157 -12.17 33.57 -12.26
CA ILE D 157 -13.29 32.81 -11.72
C ILE D 157 -12.83 31.70 -10.78
N ASN D 158 -13.22 31.80 -9.51
CA ASN D 158 -12.96 30.74 -8.55
C ASN D 158 -14.23 30.06 -8.08
N TYR D 159 -14.10 28.84 -7.58
CA TYR D 159 -15.25 28.04 -7.16
C TYR D 159 -15.18 27.69 -5.68
N THR D 160 -16.35 27.52 -5.07
CA THR D 160 -16.42 27.10 -3.67
C THR D 160 -16.31 25.58 -3.58
N LYS D 161 -16.44 25.06 -2.37
CA LYS D 161 -16.39 23.62 -2.14
C LYS D 161 -17.56 22.93 -2.84
N SER D 162 -18.73 23.54 -2.75
CA SER D 162 -19.94 23.00 -3.36
C SER D 162 -19.93 23.21 -4.86
N GLY D 163 -19.38 24.34 -5.30
CA GLY D 163 -19.27 24.63 -6.72
C GLY D 163 -19.86 25.97 -7.12
N LYS D 164 -20.15 26.81 -6.13
CA LYS D 164 -20.70 28.14 -6.40
C LYS D 164 -19.64 29.06 -6.98
N LYS D 165 -19.88 29.56 -8.18
CA LYS D 165 -18.92 30.41 -8.87
C LYS D 165 -18.86 31.80 -8.24
N PHE D 166 -17.68 32.41 -8.29
CA PHE D 166 -17.50 33.79 -7.86
C PHE D 166 -16.23 34.39 -8.43
N TRP D 167 -16.32 35.63 -8.91
CA TRP D 167 -15.13 36.34 -9.40
C TRP D 167 -14.21 36.68 -8.24
N ASN D 168 -12.90 36.67 -8.51
CA ASN D 168 -11.92 36.89 -7.47
C ASN D 168 -10.92 37.99 -7.81
N LEU D 169 -11.09 39.17 -7.21
CA LEU D 169 -10.10 40.22 -7.33
C LEU D 169 -8.90 39.85 -6.46
N PHE D 170 -8.02 39.04 -7.02
CA PHE D 170 -6.93 38.42 -6.26
C PHE D 170 -5.64 39.21 -6.34
N HIS D 171 -5.04 39.46 -5.18
CA HIS D 171 -3.74 40.10 -5.10
C HIS D 171 -2.74 39.21 -4.39
N LEU D 172 -1.56 39.05 -4.98
CA LEU D 172 -0.51 38.23 -4.39
C LEU D 172 0.72 39.09 -4.14
N GLN D 173 1.37 38.87 -3.01
CA GLN D 173 2.64 39.54 -2.72
C GLN D 173 3.46 38.75 -1.71
N PRO D 174 4.77 38.67 -1.94
CA PRO D 174 5.70 37.90 -1.10
C PRO D 174 5.87 38.50 0.29
N MET D 175 6.47 37.72 1.19
CA MET D 175 6.78 38.17 2.54
C MET D 175 8.29 38.05 2.78
N ARG D 176 9.00 39.15 2.59
CA ARG D 176 10.46 39.14 2.64
C ARG D 176 10.99 38.93 4.06
N ASP D 177 12.12 38.26 4.16
CA ASP D 177 12.77 38.01 5.43
C ASP D 177 13.75 39.14 5.75
N GLN D 178 14.54 38.95 6.81
CA GLN D 178 15.56 39.94 7.17
C GLN D 178 16.68 39.97 6.15
N LYS D 179 16.97 38.79 5.59
CA LYS D 179 18.03 38.65 4.59
C LYS D 179 17.59 39.16 3.23
N GLY D 180 16.28 39.22 3.02
CA GLY D 180 15.73 39.72 1.77
C GLY D 180 15.04 38.64 0.97
N ASP D 181 15.23 37.39 1.39
CA ASP D 181 14.65 36.25 0.69
C ASP D 181 13.17 36.07 1.02
N VAL D 182 12.41 35.56 0.05
CA VAL D 182 10.99 35.31 0.24
C VAL D 182 10.78 34.11 1.16
N GLN D 183 9.94 34.29 2.18
CA GLN D 183 9.70 33.23 3.15
C GLN D 183 8.25 32.75 3.11
N TYR D 184 7.34 33.64 2.75
CA TYR D 184 5.93 33.31 2.67
C TYR D 184 5.23 34.11 1.57
N PHE D 185 4.04 33.67 1.19
CA PHE D 185 3.23 34.41 0.22
C PHE D 185 1.87 34.77 0.80
N ILE D 186 1.43 35.98 0.53
CA ILE D 186 0.12 36.45 0.97
C ILE D 186 -0.82 36.56 -0.22
N GLY D 187 -1.95 35.85 -0.16
CA GLY D 187 -2.93 35.90 -1.22
C GLY D 187 -4.27 36.39 -0.72
N VAL D 188 -4.62 37.62 -1.10
CA VAL D 188 -5.87 38.21 -0.64
C VAL D 188 -6.97 38.08 -1.69
N GLN D 189 -8.14 37.62 -1.25
CA GLN D 189 -9.28 37.44 -2.16
C GLN D 189 -10.40 38.45 -1.90
N LEU D 190 -10.94 39.02 -2.97
CA LEU D 190 -12.10 39.90 -2.87
C LEU D 190 -13.20 39.39 -3.79
N ASP D 191 -14.11 38.60 -3.24
CA ASP D 191 -15.17 37.96 -4.02
C ASP D 191 -16.15 38.98 -4.60
N GLY D 192 -16.70 38.65 -5.76
CA GLY D 192 -17.68 39.50 -6.42
C GLY D 192 -18.63 38.69 -7.29
N THR D 193 -19.36 39.38 -8.16
CA THR D 193 -20.31 38.71 -9.04
C THR D 193 -19.96 38.95 -10.51
N GLU D 194 -19.23 40.03 -10.76
CA GLU D 194 -18.83 40.38 -12.13
C GLU D 194 -17.40 40.90 -12.20
N HIS D 195 -16.89 41.03 -13.41
CA HIS D 195 -15.56 41.57 -13.64
C HIS D 195 -15.54 43.09 -13.49
N VAL D 196 -15.06 43.56 -12.35
CA VAL D 196 -15.09 44.99 -12.04
C VAL D 196 -14.20 45.80 -13.00
N ARG D 197 -14.67 46.99 -13.36
CA ARG D 197 -13.97 47.85 -14.29
C ARG D 197 -13.89 49.29 -13.80
N ASP D 198 -12.99 50.06 -14.43
CA ASP D 198 -12.86 51.50 -14.17
C ASP D 198 -12.60 51.87 -12.72
N ALA D 199 -13.52 52.64 -12.14
CA ALA D 199 -13.36 53.17 -10.79
C ALA D 199 -13.54 52.09 -9.73
N ALA D 200 -14.40 51.11 -10.02
CA ALA D 200 -14.66 50.02 -9.08
C ALA D 200 -13.41 49.15 -8.91
N GLU D 201 -12.67 48.98 -10.01
CA GLU D 201 -11.46 48.17 -9.99
C GLU D 201 -10.33 48.88 -9.24
N ARG D 202 -10.14 50.17 -9.52
CA ARG D 202 -9.08 50.96 -8.91
C ARG D 202 -9.20 50.99 -7.38
N GLU D 203 -10.43 51.10 -6.89
CA GLU D 203 -10.68 51.12 -5.46
C GLU D 203 -10.38 49.77 -4.82
N GLY D 204 -10.80 48.70 -5.48
CA GLY D 204 -10.64 47.36 -4.97
C GLY D 204 -9.18 46.93 -4.86
N VAL D 205 -8.38 47.29 -5.86
CA VAL D 205 -6.96 46.94 -5.87
C VAL D 205 -6.23 47.58 -4.69
N MET D 206 -6.52 48.86 -4.43
CA MET D 206 -5.89 49.57 -3.33
C MET D 206 -6.29 48.98 -1.98
N LEU D 207 -7.53 48.51 -1.88
CA LEU D 207 -8.05 47.96 -0.63
C LEU D 207 -7.34 46.65 -0.26
N ILE D 208 -7.32 45.71 -1.19
CA ILE D 208 -6.71 44.40 -0.93
C ILE D 208 -5.19 44.49 -0.80
N LYS D 209 -4.60 45.47 -1.47
CA LYS D 209 -3.15 45.66 -1.39
C LYS D 209 -2.80 46.17 0.00
N LYS D 210 -3.64 47.06 0.53
CA LYS D 210 -3.45 47.57 1.88
C LYS D 210 -3.69 46.46 2.90
N THR D 211 -4.62 45.57 2.58
CA THR D 211 -4.91 44.43 3.44
C THR D 211 -3.70 43.52 3.55
N ALA D 212 -3.08 43.22 2.41
CA ALA D 212 -1.90 42.37 2.36
C ALA D 212 -0.72 43.03 3.07
N GLU D 213 -0.68 44.36 3.03
CA GLU D 213 0.38 45.11 3.69
C GLU D 213 0.24 45.01 5.21
N ASN D 214 -1.00 44.96 5.68
CA ASN D 214 -1.27 44.84 7.11
C ASN D 214 -0.94 43.45 7.63
N ILE D 215 -1.20 42.44 6.81
CA ILE D 215 -0.90 41.06 7.16
C ILE D 215 0.61 40.85 7.27
N ASP D 216 1.35 41.49 6.38
CA ASP D 216 2.80 41.37 6.36
C ASP D 216 3.45 42.01 7.60
N GLU D 217 2.78 43.03 8.13
CA GLU D 217 3.31 43.76 9.29
C GLU D 217 2.83 43.15 10.60
N ALA D 218 1.56 42.72 10.61
CA ALA D 218 0.96 42.16 11.82
C ALA D 218 1.51 40.78 12.14
N ALA D 219 2.20 40.17 11.18
CA ALA D 219 2.73 38.83 11.36
C ALA D 219 4.25 38.86 11.51
N LYS D 220 4.81 40.07 11.53
CA LYS D 220 6.26 40.23 11.71
C LYS D 220 6.60 40.09 13.20
N GLU D 221 7.85 39.70 13.47
CA GLU D 221 8.35 39.47 14.82
C GLU D 221 7.60 38.34 15.52
N LEU D 222 6.75 37.64 14.76
CA LEU D 222 6.05 36.46 15.25
C LEU D 222 6.63 35.21 14.62
N LYS D 223 7.05 34.27 15.45
CA LYS D 223 7.60 33.01 14.97
C LYS D 223 6.54 32.21 14.22
N MET D 224 6.64 32.22 12.89
CA MET D 224 5.67 31.54 12.02
C MET D 224 5.57 30.05 12.32
N PRO D 225 4.39 29.47 12.09
CA PRO D 225 4.14 28.03 12.29
C PRO D 225 5.14 27.15 11.53
N VAL D 226 5.89 26.34 12.27
CA VAL D 226 6.88 25.46 11.68
C VAL D 226 6.32 24.05 11.53
N LYS D 227 6.22 23.58 10.29
CA LYS D 227 5.66 22.26 9.99
C LYS D 227 6.70 21.15 10.09
N MET D 228 7.30 21.00 11.27
CA MET D 228 8.25 19.93 11.51
C MET D 228 8.37 19.66 13.00
N ILE D 229 8.70 18.42 13.37
CA ILE D 229 8.74 18.02 14.76
C ILE D 229 10.05 17.31 15.11
N GLY D 230 10.84 16.99 14.10
CA GLY D 230 12.10 16.28 14.30
C GLY D 230 13.17 17.13 14.94
N ASP D 231 13.09 18.43 14.73
CA ASP D 231 14.07 19.37 15.28
C ASP D 231 14.03 19.37 16.80
N ILE D 232 12.83 19.18 17.36
CA ILE D 232 12.65 19.14 18.80
C ILE D 232 13.20 17.85 19.39
N LEU D 233 12.78 16.72 18.81
CA LEU D 233 13.20 15.40 19.29
C LEU D 233 14.71 15.24 19.25
N SER D 234 15.34 15.80 18.22
CA SER D 234 16.79 15.69 18.06
C SER D 234 17.55 16.43 19.16
N ALA D 235 16.87 17.38 19.79
CA ALA D 235 17.50 18.20 20.82
C ALA D 235 16.99 17.87 22.22
N GLN D 236 15.89 17.12 22.29
CA GLN D 236 15.28 16.79 23.58
C GLN D 236 15.71 15.41 24.08
N LEU D 237 15.92 14.49 23.14
CA LEU D 237 16.35 13.12 23.46
C LEU D 237 17.73 13.01 24.15
N PRO D 238 18.68 13.91 23.85
CA PRO D 238 19.93 13.82 24.62
C PRO D 238 19.77 14.08 26.13
N HIS D 239 18.58 14.43 26.57
CA HIS D 239 18.34 14.70 27.98
C HIS D 239 17.54 13.58 28.64
N MET D 240 17.47 12.43 27.98
CA MET D 240 16.73 11.28 28.51
C MET D 240 17.64 10.35 29.30
N GLN D 241 18.72 10.89 29.86
CA GLN D 241 19.66 10.11 30.65
C GLN D 241 19.06 9.34 31.84
N PRO D 242 18.10 9.94 32.59
CA PRO D 242 17.54 9.20 33.72
C PRO D 242 16.90 7.86 33.38
N TYR D 243 16.57 7.62 32.10
CA TYR D 243 15.99 6.35 31.70
C TYR D 243 16.99 5.20 31.83
N ILE D 244 18.26 5.51 31.61
CA ILE D 244 19.32 4.52 31.72
C ILE D 244 19.42 4.00 33.15
N ARG D 245 19.16 4.89 34.10
CA ARG D 245 19.24 4.54 35.51
C ARG D 245 18.04 3.72 35.98
N PHE D 246 16.84 4.12 35.58
CA PHE D 246 15.63 3.45 36.03
C PHE D 246 15.59 1.99 35.61
N CYS D 247 15.72 1.75 34.31
CA CYS D 247 15.60 0.40 33.78
C CYS D 247 16.69 -0.54 34.30
N SER D 248 17.83 0.03 34.66
CA SER D 248 18.93 -0.76 35.19
C SER D 248 18.65 -1.22 36.62
N ARG D 249 17.77 -0.51 37.32
CA ARG D 249 17.51 -0.80 38.72
C ARG D 249 16.05 -1.17 38.96
N GLN D 250 15.24 -1.16 37.90
CA GLN D 250 13.83 -1.49 38.01
C GLN D 250 13.64 -2.99 38.28
N LEU D 251 14.66 -3.77 37.93
CA LEU D 251 14.58 -5.22 38.05
C LEU D 251 14.60 -5.64 39.53
N ASN D 252 15.41 -4.96 40.33
CA ASN D 252 15.47 -5.23 41.76
C ASN D 252 14.18 -4.79 42.46
N GLY D 253 13.54 -3.77 41.92
CA GLY D 253 12.31 -3.26 42.49
C GLY D 253 11.12 -4.17 42.27
N ALA D 254 11.03 -4.74 41.07
CA ALA D 254 9.95 -5.66 40.75
C ALA D 254 10.07 -6.94 41.57
N ALA D 255 11.30 -7.35 41.83
CA ALA D 255 11.56 -8.54 42.63
C ALA D 255 11.31 -8.25 44.10
N LEU D 256 11.39 -6.98 44.47
CA LEU D 256 11.15 -6.56 45.84
C LEU D 256 9.65 -6.63 46.13
N ILE D 257 8.84 -6.20 45.17
CA ILE D 257 7.39 -6.22 45.32
C ILE D 257 6.86 -7.64 45.34
N GLN D 258 7.32 -8.46 44.40
CA GLN D 258 6.88 -9.85 44.30
C GLN D 258 7.21 -10.65 45.55
N GLN D 259 8.39 -10.39 46.11
CA GLN D 259 8.80 -11.02 47.36
C GLN D 259 7.92 -10.57 48.51
N LYS D 260 7.83 -9.26 48.68
CA LYS D 260 7.05 -8.65 49.76
C LYS D 260 5.58 -9.03 49.69
N THR D 261 5.12 -9.33 48.47
CA THR D 261 3.72 -9.69 48.26
C THR D 261 3.40 -11.06 48.86
N ASP D 262 4.31 -12.01 48.66
CA ASP D 262 4.09 -13.38 49.11
C ASP D 262 4.29 -13.53 50.62
N GLU D 263 5.32 -12.87 51.14
CA GLU D 263 5.68 -13.02 52.55
C GLU D 263 4.95 -12.02 53.44
N ALA D 264 3.94 -11.36 52.90
CA ALA D 264 3.14 -10.41 53.66
C ALA D 264 1.77 -10.21 53.02
N PRO D 265 0.73 -10.84 53.59
CA PRO D 265 -0.64 -10.75 53.08
C PRO D 265 -1.23 -9.35 53.24
N ASP D 266 -0.72 -8.60 54.23
CA ASP D 266 -1.19 -7.23 54.45
C ASP D 266 -0.74 -6.32 53.32
N PHE D 267 0.47 -6.58 52.81
CA PHE D 267 1.03 -5.81 51.72
C PHE D 267 0.31 -6.10 50.41
N LYS D 268 0.03 -7.37 50.16
CA LYS D 268 -0.63 -7.81 48.93
C LYS D 268 -2.01 -7.17 48.78
N GLU D 269 -2.78 -7.18 49.86
CA GLU D 269 -4.14 -6.64 49.83
C GLU D 269 -4.14 -5.12 49.69
N PHE D 270 -3.15 -4.47 50.29
CA PHE D 270 -3.06 -3.01 50.24
C PHE D 270 -2.77 -2.52 48.82
N VAL D 271 -1.84 -3.20 48.15
CA VAL D 271 -1.48 -2.82 46.78
C VAL D 271 -2.63 -3.11 45.82
N LYS D 272 -3.28 -4.25 45.99
CA LYS D 272 -4.41 -4.62 45.15
C LYS D 272 -5.55 -3.61 45.32
N ARG D 273 -5.64 -3.04 46.52
CA ARG D 273 -6.65 -2.03 46.81
C ARG D 273 -6.34 -0.74 46.06
N LEU D 274 -5.06 -0.44 45.91
CA LEU D 274 -4.62 0.74 45.16
C LEU D 274 -4.90 0.59 43.67
N ALA D 275 -4.84 -0.64 43.17
CA ALA D 275 -5.04 -0.91 41.75
C ALA D 275 -6.51 -0.98 41.38
N MET D 276 -7.39 -0.86 42.38
CA MET D 276 -8.82 -0.87 42.13
C MET D 276 -9.31 0.50 41.67
N ASP D 277 -8.39 1.46 41.65
CA ASP D 277 -8.67 2.77 41.06
C ASP D 277 -8.99 2.59 39.58
N PRO D 278 -10.17 3.08 39.15
CA PRO D 278 -10.62 2.97 37.77
C PRO D 278 -9.68 3.61 36.75
N ARG D 279 -8.79 4.49 37.21
CA ARG D 279 -7.83 5.15 36.33
C ARG D 279 -6.72 4.20 35.90
N CYS D 280 -6.63 3.04 36.55
CA CYS D 280 -5.58 2.07 36.27
C CYS D 280 -5.95 1.10 35.15
N LYS D 281 -7.22 1.14 34.74
CA LYS D 281 -7.74 0.24 33.71
C LYS D 281 -7.57 -1.23 34.13
N GLY D 282 -7.44 -1.46 35.42
CA GLY D 282 -7.34 -2.82 35.95
C GLY D 282 -5.96 -3.42 35.92
N MET D 283 -4.93 -2.60 35.83
CA MET D 283 -3.55 -3.08 35.78
C MET D 283 -2.80 -2.86 37.11
N PRO D 284 -2.00 -3.86 37.52
CA PRO D 284 -1.23 -3.81 38.77
C PRO D 284 -0.07 -2.83 38.73
N LEU D 285 0.46 -2.51 39.91
CA LEU D 285 1.60 -1.59 40.03
C LEU D 285 2.81 -2.10 39.28
N SER D 286 3.05 -3.40 39.37
CA SER D 286 4.21 -4.04 38.77
C SER D 286 4.26 -3.80 37.26
N SER D 287 3.09 -3.74 36.62
CA SER D 287 3.02 -3.53 35.18
C SER D 287 3.36 -2.09 34.80
N PHE D 288 3.04 -1.14 35.68
CA PHE D 288 3.32 0.26 35.42
C PHE D 288 4.82 0.56 35.42
N ILE D 289 5.59 -0.32 36.05
CA ILE D 289 7.04 -0.17 36.09
C ILE D 289 7.66 -0.41 34.72
N LEU D 290 6.96 -1.19 33.89
CA LEU D 290 7.43 -1.49 32.55
C LEU D 290 7.36 -0.28 31.61
N LYS D 291 6.45 0.64 31.91
CA LYS D 291 6.14 1.75 31.01
C LYS D 291 7.31 2.67 30.64
N PRO D 292 8.17 3.05 31.60
CA PRO D 292 9.33 3.86 31.20
C PRO D 292 10.22 3.16 30.16
N MET D 293 10.45 1.86 30.33
CA MET D 293 11.20 1.09 29.36
C MET D 293 10.45 1.00 28.04
N GLN D 294 9.13 0.89 28.13
CA GLN D 294 8.30 0.77 26.95
C GLN D 294 8.26 2.06 26.15
N ARG D 295 8.44 3.19 26.83
CA ARG D 295 8.35 4.48 26.17
C ARG D 295 9.58 4.79 25.33
N VAL D 296 10.77 4.46 25.85
CA VAL D 296 12.00 4.73 25.12
C VAL D 296 12.17 3.81 23.91
N THR D 297 11.71 2.57 24.04
CA THR D 297 11.85 1.60 22.97
C THR D 297 10.88 1.85 21.82
N ARG D 298 9.84 2.64 22.08
CA ARG D 298 8.83 2.94 21.07
C ARG D 298 9.08 4.32 20.45
N TYR D 299 10.12 4.98 20.94
CA TYR D 299 10.56 6.25 20.36
C TYR D 299 11.23 6.08 18.99
N PRO D 300 12.13 5.07 18.83
CA PRO D 300 12.67 4.90 17.48
C PRO D 300 11.61 4.43 16.47
N LEU D 301 10.63 3.67 16.94
CA LEU D 301 9.58 3.18 16.06
C LEU D 301 8.75 4.31 15.48
N ILE D 302 8.42 5.28 16.32
CA ILE D 302 7.61 6.42 15.88
C ILE D 302 8.39 7.33 14.95
N ILE D 303 9.60 7.71 15.37
CA ILE D 303 10.44 8.61 14.57
C ILE D 303 10.72 8.03 13.18
N LYS D 304 10.94 6.71 13.13
CA LYS D 304 11.22 6.04 11.87
C LYS D 304 10.05 6.14 10.90
N ASN D 305 8.83 5.99 11.42
CA ASN D 305 7.63 6.07 10.59
C ASN D 305 7.31 7.51 10.17
N ILE D 306 7.69 8.47 11.00
CA ILE D 306 7.54 9.87 10.65
C ILE D 306 8.55 10.20 9.56
N LEU D 307 9.72 9.57 9.64
CA LEU D 307 10.81 9.80 8.69
C LEU D 307 10.49 9.23 7.31
N GLU D 308 9.93 8.02 7.28
CA GLU D 308 9.63 7.36 6.02
C GLU D 308 8.42 7.96 5.32
N ASN D 309 7.71 8.84 6.02
CA ASN D 309 6.62 9.58 5.41
C ASN D 309 6.99 11.05 5.27
N THR D 310 8.28 11.33 5.37
CA THR D 310 8.81 12.68 5.19
C THR D 310 9.78 12.72 4.01
N PRO D 311 9.41 13.45 2.96
CA PRO D 311 10.20 13.54 1.71
C PRO D 311 11.60 14.13 1.91
N GLU D 312 12.48 13.85 0.96
CA GLU D 312 13.86 14.31 1.01
C GLU D 312 13.96 15.84 1.02
N ASN D 313 13.13 16.48 0.20
CA ASN D 313 13.16 17.93 0.07
C ASN D 313 12.42 18.63 1.21
N HIS D 314 11.93 17.85 2.17
CA HIS D 314 11.29 18.42 3.34
C HIS D 314 12.34 18.74 4.39
N PRO D 315 12.30 19.96 4.94
CA PRO D 315 13.28 20.42 5.93
C PRO D 315 13.25 19.63 7.23
N ASP D 316 12.26 18.74 7.38
CA ASP D 316 12.16 17.92 8.58
C ASP D 316 12.95 16.63 8.43
N HIS D 317 13.23 16.24 7.19
CA HIS D 317 13.95 15.00 6.89
C HIS D 317 15.36 15.02 7.45
N SER D 318 15.98 16.20 7.45
CA SER D 318 17.33 16.36 7.97
C SER D 318 17.35 16.20 9.49
N HIS D 319 16.23 16.52 10.12
CA HIS D 319 16.13 16.47 11.58
C HIS D 319 15.67 15.09 12.06
N LEU D 320 14.65 14.55 11.39
CA LEU D 320 14.11 13.24 11.75
C LEU D 320 15.15 12.13 11.60
N LYS D 321 16.01 12.26 10.59
CA LYS D 321 17.07 11.29 10.35
C LYS D 321 18.08 11.33 11.49
N HIS D 322 18.43 12.53 11.93
CA HIS D 322 19.37 12.70 13.03
C HIS D 322 18.73 12.34 14.37
N ALA D 323 17.42 12.51 14.46
CA ALA D 323 16.69 12.21 15.68
C ALA D 323 16.58 10.71 15.91
N LEU D 324 16.35 9.96 14.84
CA LEU D 324 16.27 8.51 14.92
C LEU D 324 17.60 7.93 15.37
N GLU D 325 18.68 8.60 14.99
CA GLU D 325 20.02 8.22 15.43
C GLU D 325 20.15 8.43 16.94
N LYS D 326 19.64 9.56 17.42
CA LYS D 326 19.70 9.89 18.84
C LYS D 326 18.81 8.99 19.68
N ALA D 327 17.70 8.56 19.11
CA ALA D 327 16.75 7.70 19.81
C ALA D 327 17.29 6.29 20.01
N GLU D 328 17.91 5.74 18.97
CA GLU D 328 18.43 4.38 19.01
C GLU D 328 19.69 4.28 19.86
N GLU D 329 20.41 5.38 20.01
CA GLU D 329 21.55 5.41 20.91
C GLU D 329 21.06 5.31 22.35
N LEU D 330 19.98 6.04 22.64
CA LEU D 330 19.37 6.04 23.96
C LEU D 330 18.94 4.63 24.37
N CYS D 331 18.28 3.94 23.45
CA CYS D 331 17.85 2.57 23.70
C CYS D 331 19.04 1.65 23.97
N SER D 332 20.11 1.83 23.20
CA SER D 332 21.31 1.04 23.38
C SER D 332 21.94 1.33 24.74
N GLN D 333 22.00 2.61 25.08
CA GLN D 333 22.55 3.02 26.38
C GLN D 333 21.73 2.46 27.53
N VAL D 334 20.41 2.45 27.37
CA VAL D 334 19.53 1.85 28.37
C VAL D 334 19.71 0.34 28.40
N ASN D 335 19.81 -0.26 27.21
CA ASN D 335 20.04 -1.70 27.08
C ASN D 335 21.31 -2.15 27.78
N GLU D 336 22.40 -1.42 27.57
CA GLU D 336 23.69 -1.77 28.18
C GLU D 336 23.70 -1.46 29.67
N GLY D 337 23.00 -0.42 30.07
CA GLY D 337 22.91 -0.06 31.47
C GLY D 337 22.30 -1.17 32.28
N VAL D 338 21.36 -1.88 31.67
CA VAL D 338 20.74 -3.05 32.30
C VAL D 338 21.73 -4.20 32.39
N ARG D 339 22.48 -4.41 31.31
CA ARG D 339 23.46 -5.49 31.26
C ARG D 339 24.60 -5.26 32.27
N GLU D 340 24.99 -4.00 32.45
CA GLU D 340 26.07 -3.66 33.35
C GLU D 340 25.67 -3.92 34.80
N LYS D 341 24.42 -3.62 35.14
CA LYS D 341 23.92 -3.85 36.48
C LYS D 341 23.83 -5.35 36.74
N GLU D 342 23.45 -6.10 35.71
CA GLU D 342 23.40 -7.55 35.80
C GLU D 342 24.80 -8.11 36.03
N ASN D 343 25.77 -7.56 35.32
CA ASN D 343 27.16 -7.96 35.46
C ASN D 343 27.65 -7.73 36.88
N SER D 344 27.34 -6.55 37.42
CA SER D 344 27.71 -6.19 38.78
C SER D 344 27.09 -7.14 39.80
N ASP D 345 25.83 -7.51 39.58
CA ASP D 345 25.13 -8.43 40.48
C ASP D 345 25.76 -9.82 40.47
N ARG D 346 26.27 -10.24 39.31
CA ARG D 346 26.93 -11.54 39.19
C ARG D 346 28.27 -11.52 39.93
N LEU D 347 29.02 -10.44 39.74
CA LEU D 347 30.34 -10.32 40.35
C LEU D 347 30.24 -10.16 41.87
N GLU D 348 29.25 -9.40 42.32
CA GLU D 348 29.03 -9.22 43.75
C GLU D 348 28.57 -10.52 44.40
N TRP D 349 27.90 -11.37 43.62
CA TRP D 349 27.46 -12.67 44.11
C TRP D 349 28.68 -13.58 44.31
N ILE D 350 29.65 -13.46 43.41
CA ILE D 350 30.86 -14.26 43.46
C ILE D 350 31.76 -13.78 44.60
N GLN D 351 31.75 -12.47 44.82
CA GLN D 351 32.56 -11.85 45.86
C GLN D 351 32.24 -12.39 47.24
N ALA D 352 30.95 -12.67 47.48
CA ALA D 352 30.52 -13.13 48.79
C ALA D 352 30.13 -14.62 48.79
N HIS D 353 30.67 -15.38 47.84
CA HIS D 353 30.43 -16.81 47.78
C HIS D 353 31.69 -17.59 47.44
N VAL D 354 32.76 -16.86 47.12
CA VAL D 354 34.03 -17.49 46.79
C VAL D 354 35.12 -17.00 47.74
N GLN D 355 35.68 -17.93 48.51
CA GLN D 355 36.73 -17.59 49.47
C GLN D 355 38.09 -17.53 48.78
N CYS D 356 38.76 -16.39 48.92
CA CYS D 356 40.06 -16.18 48.27
C CYS D 356 41.18 -16.18 49.30
N GLU D 357 41.83 -17.33 49.48
CA GLU D 357 42.94 -17.45 50.42
C GLU D 357 44.24 -17.76 49.70
N GLY D 358 45.36 -17.43 50.35
CA GLY D 358 46.67 -17.67 49.78
C GLY D 358 47.00 -16.75 48.63
N LEU D 359 46.38 -15.57 48.63
CA LEU D 359 46.62 -14.59 47.58
C LEU D 359 47.26 -13.34 48.18
N SER D 360 48.15 -12.72 47.41
CA SER D 360 48.89 -11.55 47.88
C SER D 360 47.96 -10.37 48.18
N GLU D 361 47.24 -9.92 47.15
CA GLU D 361 46.32 -8.80 47.30
C GLU D 361 44.89 -9.29 47.43
N GLN D 362 44.02 -8.48 48.01
CA GLN D 362 42.61 -8.85 48.16
C GLN D 362 41.90 -8.71 46.82
N LEU D 363 41.59 -9.84 46.19
CA LEU D 363 40.98 -9.83 44.88
C LEU D 363 39.51 -9.43 44.95
N VAL D 364 39.18 -8.30 44.34
CA VAL D 364 37.80 -7.84 44.25
C VAL D 364 37.24 -8.13 42.87
N PHE D 365 36.25 -9.01 42.81
CA PHE D 365 35.67 -9.43 41.55
C PHE D 365 35.02 -8.27 40.81
N ASN D 366 34.09 -7.60 41.48
CA ASN D 366 33.39 -6.46 40.87
C ASN D 366 34.27 -5.22 40.84
N SER D 367 35.35 -5.29 40.05
CA SER D 367 36.31 -4.20 39.97
C SER D 367 36.86 -4.07 38.55
N VAL D 368 37.96 -3.32 38.44
CA VAL D 368 38.56 -3.04 37.13
C VAL D 368 39.71 -3.98 36.80
N THR D 369 39.76 -4.41 35.55
CA THR D 369 40.84 -5.26 35.08
C THR D 369 42.07 -4.40 34.77
N ASN D 370 43.13 -5.02 34.26
CA ASN D 370 44.38 -4.33 34.00
C ASN D 370 44.37 -3.52 32.71
N CYS D 371 43.79 -4.09 31.65
CA CYS D 371 43.81 -3.44 30.34
C CYS D 371 42.46 -3.51 29.61
N LEU D 372 41.47 -4.11 30.26
CA LEU D 372 40.16 -4.30 29.63
C LEU D 372 39.07 -3.46 30.27
N GLY D 373 39.43 -2.71 31.31
CA GLY D 373 38.48 -1.89 32.03
C GLY D 373 37.66 -2.69 33.02
N PRO D 374 36.35 -2.44 33.06
CA PRO D 374 35.44 -3.15 33.97
C PRO D 374 35.43 -4.66 33.73
N ARG D 375 35.47 -5.43 34.81
CA ARG D 375 35.49 -6.88 34.71
C ARG D 375 34.11 -7.43 34.35
N LYS D 376 34.09 -8.40 33.45
CA LYS D 376 32.83 -8.99 32.98
C LYS D 376 32.84 -10.51 33.18
N PHE D 377 31.80 -11.02 33.84
CA PHE D 377 31.64 -12.46 33.98
C PHE D 377 31.16 -13.05 32.66
N LEU D 378 31.73 -14.20 32.28
CA LEU D 378 31.42 -14.80 30.99
C LEU D 378 30.73 -16.14 31.11
N HIS D 379 31.43 -17.13 31.67
CA HIS D 379 30.88 -18.47 31.77
C HIS D 379 31.24 -19.14 33.10
N SER D 380 30.44 -20.12 33.49
CA SER D 380 30.69 -20.89 34.71
C SER D 380 29.92 -22.19 34.68
N GLY D 381 30.59 -23.29 35.00
CA GLY D 381 29.96 -24.60 34.96
C GLY D 381 30.76 -25.67 35.70
N LYS D 382 30.16 -26.85 35.83
CA LYS D 382 30.80 -27.97 36.49
C LYS D 382 32.03 -28.43 35.72
N LEU D 383 33.17 -28.51 36.39
CA LEU D 383 34.40 -28.93 35.74
C LEU D 383 35.08 -30.07 36.52
N TYR D 384 35.30 -31.17 35.83
CA TYR D 384 36.00 -32.30 36.42
C TYR D 384 37.44 -32.34 35.92
N LYS D 385 38.39 -32.47 36.84
CA LYS D 385 39.80 -32.54 36.48
C LYS D 385 40.22 -33.97 36.17
N ALA D 386 40.71 -34.19 34.96
CA ALA D 386 41.16 -35.51 34.55
C ALA D 386 42.35 -35.98 35.38
N LYS D 387 42.49 -37.30 35.51
CA LYS D 387 43.58 -37.91 36.29
C LYS D 387 43.51 -37.56 37.78
N SER D 388 42.44 -36.89 38.18
CA SER D 388 42.23 -36.53 39.58
C SER D 388 40.79 -36.76 40.00
N ASN D 389 39.87 -36.49 39.08
CA ASN D 389 38.43 -36.62 39.31
C ASN D 389 37.97 -35.77 40.49
N LYS D 390 38.64 -34.64 40.70
CA LYS D 390 38.31 -33.74 41.79
C LYS D 390 37.14 -32.84 41.39
N GLU D 391 36.14 -32.75 42.27
CA GLU D 391 34.96 -31.93 42.01
C GLU D 391 35.33 -30.44 42.00
N LEU D 392 35.60 -29.92 40.81
CA LEU D 392 35.99 -28.52 40.67
C LEU D 392 34.89 -27.67 40.03
N TYR D 393 35.05 -26.36 40.10
CA TYR D 393 34.08 -25.44 39.53
C TYR D 393 34.78 -24.17 39.07
N GLY D 394 34.67 -23.85 37.78
CA GLY D 394 35.42 -22.73 37.22
C GLY D 394 34.58 -21.52 36.86
N PHE D 395 35.07 -20.35 37.25
CA PHE D 395 34.43 -19.08 36.91
C PHE D 395 35.25 -18.33 35.87
N LEU D 396 34.72 -18.23 34.66
CA LEU D 396 35.42 -17.54 33.57
C LEU D 396 35.10 -16.05 33.55
N PHE D 397 36.14 -15.23 33.49
CA PHE D 397 36.00 -13.78 33.39
C PHE D 397 36.61 -13.31 32.08
N ASN D 398 36.54 -12.01 31.82
CA ASN D 398 37.07 -11.48 30.56
C ASN D 398 38.59 -11.30 30.58
N ASP D 399 39.18 -11.30 31.77
CA ASP D 399 40.61 -11.10 31.90
C ASP D 399 41.34 -12.34 32.42
N PHE D 400 40.68 -13.13 33.26
CA PHE D 400 41.30 -14.35 33.78
C PHE D 400 40.28 -15.46 34.05
N LEU D 401 40.78 -16.67 34.25
CA LEU D 401 39.94 -17.81 34.60
C LEU D 401 40.24 -18.28 36.02
N LEU D 402 39.20 -18.39 36.84
CA LEU D 402 39.35 -18.80 38.22
C LEU D 402 38.77 -20.18 38.49
N LEU D 403 39.61 -21.11 38.94
CA LEU D 403 39.17 -22.46 39.28
C LEU D 403 38.92 -22.58 40.78
N THR D 404 37.73 -23.07 41.13
CA THR D 404 37.36 -23.21 42.54
C THR D 404 36.99 -24.65 42.88
N GLN D 405 36.42 -24.84 44.07
CA GLN D 405 35.99 -26.16 44.52
C GLN D 405 34.76 -26.05 45.41
N ILE D 406 33.82 -26.97 45.22
CA ILE D 406 32.57 -26.97 45.98
C ILE D 406 32.80 -27.44 47.42
N THR D 407 32.24 -26.70 48.37
CA THR D 407 32.36 -27.06 49.79
C THR D 407 30.99 -27.21 50.43
N VAL D 418 23.01 -21.89 40.80
CA VAL D 418 24.35 -21.41 40.49
C VAL D 418 24.50 -19.94 40.87
N PHE D 419 23.49 -19.15 40.57
CA PHE D 419 23.49 -17.73 40.93
C PHE D 419 22.29 -17.37 41.80
N SER D 420 21.79 -18.35 42.55
CA SER D 420 20.64 -18.15 43.42
C SER D 420 20.98 -17.25 44.61
N PRO D 421 20.18 -16.19 44.81
CA PRO D 421 20.42 -15.23 45.89
C PRO D 421 20.19 -15.82 47.28
N LYS D 422 19.21 -16.70 47.41
CA LYS D 422 18.89 -17.32 48.69
C LYS D 422 19.96 -18.35 49.09
N SER D 423 20.46 -19.08 48.10
CA SER D 423 21.46 -20.11 48.32
C SER D 423 22.74 -19.52 48.91
N ASN D 424 23.26 -20.15 49.97
CA ASN D 424 24.46 -19.69 50.63
C ASN D 424 25.52 -20.78 50.72
N LEU D 425 26.03 -21.21 49.56
CA LEU D 425 27.05 -22.24 49.51
C LEU D 425 28.42 -21.62 49.22
N GLN D 426 29.44 -22.11 49.91
CA GLN D 426 30.79 -21.55 49.79
C GLN D 426 31.60 -22.18 48.66
N TYR D 427 32.39 -21.35 47.99
CA TYR D 427 33.39 -21.82 47.03
C TYR D 427 34.78 -21.50 47.54
N LYS D 428 35.64 -22.51 47.62
CA LYS D 428 37.02 -22.29 48.02
C LYS D 428 37.94 -22.43 46.82
N MET D 429 38.70 -21.37 46.54
CA MET D 429 39.61 -21.32 45.39
C MET D 429 40.57 -22.50 45.35
N TYR D 430 40.78 -23.04 44.15
CA TYR D 430 41.65 -24.20 43.98
C TYR D 430 43.10 -23.78 43.79
N LYS D 431 43.37 -22.97 42.76
CA LYS D 431 44.72 -22.49 42.49
C LYS D 431 44.74 -21.01 42.10
N THR D 432 45.93 -20.52 41.75
CA THR D 432 46.12 -19.14 41.31
C THR D 432 45.33 -18.83 40.03
N PRO D 433 44.55 -17.73 40.04
CA PRO D 433 43.75 -17.27 38.91
C PRO D 433 44.50 -17.20 37.59
N ILE D 434 44.13 -18.06 36.65
CA ILE D 434 44.80 -18.18 35.36
C ILE D 434 44.43 -17.02 34.43
N PHE D 435 45.40 -16.16 34.14
CA PHE D 435 45.19 -15.03 33.24
C PHE D 435 45.11 -15.50 31.79
N LEU D 436 44.53 -14.66 30.93
CA LEU D 436 44.24 -15.07 29.57
C LEU D 436 45.14 -14.43 28.52
N ASN D 437 46.06 -13.58 28.96
CA ASN D 437 47.03 -12.97 28.06
C ASN D 437 48.23 -13.88 27.84
N GLU D 438 48.30 -14.94 28.63
CA GLU D 438 49.39 -15.90 28.57
C GLU D 438 48.85 -17.32 28.59
N VAL D 439 47.67 -17.50 28.01
CA VAL D 439 47.00 -18.80 28.02
C VAL D 439 46.80 -19.35 26.61
N LEU D 440 46.63 -20.67 26.51
CA LEU D 440 46.41 -21.34 25.24
C LEU D 440 45.29 -22.36 25.37
N VAL D 441 44.71 -22.76 24.24
CA VAL D 441 43.63 -23.73 24.24
C VAL D 441 43.99 -24.98 23.45
N PHE D 454 39.57 -31.09 27.64
CA PHE D 454 40.38 -30.31 26.71
C PHE D 454 41.70 -29.91 27.36
N HIS D 455 42.64 -29.43 26.55
CA HIS D 455 43.95 -29.02 27.04
C HIS D 455 44.11 -27.51 27.01
N ILE D 456 44.36 -26.94 28.19
CA ILE D 456 44.64 -25.52 28.32
C ILE D 456 46.10 -25.37 28.72
N SER D 457 46.87 -24.64 27.93
CA SER D 457 48.32 -24.65 28.06
C SER D 457 48.96 -23.38 28.59
N HIS D 458 49.76 -23.55 29.64
CA HIS D 458 50.61 -22.50 30.19
C HIS D 458 52.02 -23.04 30.21
N ILE D 459 52.94 -22.37 29.52
CA ILE D 459 54.33 -22.83 29.33
C ILE D 459 54.94 -23.53 30.55
N ASP D 460 54.64 -23.06 31.75
CA ASP D 460 55.13 -23.69 32.96
C ASP D 460 54.27 -24.86 33.43
N ARG D 461 52.95 -24.68 33.41
CA ARG D 461 52.03 -25.70 33.92
C ARG D 461 50.91 -26.02 32.94
N VAL D 462 50.59 -27.30 32.79
CA VAL D 462 49.54 -27.71 31.87
C VAL D 462 48.35 -28.33 32.60
N TYR D 463 47.18 -27.72 32.44
CA TYR D 463 45.96 -28.20 33.08
C TYR D 463 45.12 -29.03 32.10
N THR D 464 44.61 -30.16 32.57
CA THR D 464 43.73 -30.99 31.75
C THR D 464 42.37 -31.19 32.43
N LEU D 465 41.34 -30.56 31.86
CA LEU D 465 40.01 -30.63 32.45
C LEU D 465 38.99 -31.18 31.47
N ARG D 466 38.19 -32.14 31.92
CA ARG D 466 37.12 -32.70 31.11
C ARG D 466 35.81 -31.97 31.38
N ALA D 467 35.06 -31.67 30.32
CA ALA D 467 33.80 -30.98 30.45
C ALA D 467 32.66 -31.98 30.66
N GLU D 468 31.55 -31.49 31.21
CA GLU D 468 30.41 -32.33 31.52
C GLU D 468 29.73 -32.87 30.26
N SER D 469 29.72 -32.06 29.20
CA SER D 469 29.10 -32.47 27.94
C SER D 469 29.87 -31.95 26.74
N ILE D 470 29.47 -32.40 25.56
CA ILE D 470 30.11 -31.97 24.31
C ILE D 470 29.77 -30.51 24.02
N ASN D 471 28.56 -30.11 24.39
CA ASN D 471 28.12 -28.72 24.19
C ASN D 471 28.88 -27.75 25.10
N GLU D 472 29.25 -28.21 26.28
CA GLU D 472 29.98 -27.37 27.22
C GLU D 472 31.46 -27.25 26.87
N ARG D 473 32.07 -28.32 26.37
CA ARG D 473 33.48 -28.27 25.99
C ARG D 473 33.68 -27.32 24.82
N THR D 474 32.64 -27.18 23.99
CA THR D 474 32.66 -26.21 22.90
C THR D 474 32.46 -24.81 23.45
N ALA D 475 31.58 -24.70 24.45
CA ALA D 475 31.27 -23.42 25.08
C ALA D 475 32.49 -22.83 25.78
N TRP D 476 33.24 -23.66 26.49
CA TRP D 476 34.43 -23.21 27.19
C TRP D 476 35.48 -22.69 26.21
N VAL D 477 35.84 -23.53 25.25
CA VAL D 477 36.85 -23.20 24.25
C VAL D 477 36.53 -21.92 23.49
N GLN D 478 35.28 -21.80 23.04
CA GLN D 478 34.85 -20.65 22.27
C GLN D 478 34.96 -19.34 23.06
N LYS D 479 34.59 -19.39 24.33
CA LYS D 479 34.59 -18.19 25.17
C LYS D 479 35.98 -17.85 25.69
N ILE D 480 36.77 -18.87 26.00
CA ILE D 480 38.13 -18.65 26.48
C ILE D 480 39.02 -18.07 25.38
N LYS D 481 38.93 -18.65 24.18
CA LYS D 481 39.72 -18.19 23.05
C LYS D 481 39.34 -16.76 22.65
N ALA D 482 38.04 -16.48 22.64
CA ALA D 482 37.55 -15.16 22.27
C ALA D 482 38.01 -14.09 23.26
N ALA D 483 37.96 -14.44 24.55
CA ALA D 483 38.36 -13.51 25.60
C ALA D 483 39.87 -13.32 25.64
N SER D 484 40.60 -14.39 25.30
CA SER D 484 42.06 -14.34 25.28
C SER D 484 42.58 -13.47 24.14
N GLU D 485 42.04 -13.68 22.94
CA GLU D 485 42.45 -12.91 21.77
C GLU D 485 42.14 -11.43 21.94
N LEU D 486 41.04 -11.15 22.64
CA LEU D 486 40.65 -9.77 22.93
C LEU D 486 41.64 -9.14 23.88
N TYR D 487 42.11 -9.92 24.86
CA TYR D 487 43.08 -9.44 25.83
C TYR D 487 44.41 -9.11 25.14
N ILE D 488 44.90 -10.05 24.34
CA ILE D 488 46.19 -9.90 23.68
C ILE D 488 46.25 -8.65 22.80
N GLU D 489 45.25 -8.51 21.92
CA GLU D 489 45.19 -7.36 21.02
C GLU D 489 45.00 -6.05 21.78
N THR D 490 44.25 -6.11 22.88
CA THR D 490 44.02 -4.93 23.71
C THR D 490 45.27 -4.61 24.53
N GLU D 491 45.98 -5.65 24.96
CA GLU D 491 47.24 -5.45 25.67
C GLU D 491 48.27 -4.93 24.66
N LYS D 492 47.99 -5.18 23.38
CA LYS D 492 48.80 -4.69 22.28
C LYS D 492 48.41 -3.27 21.89
N LYS D 493 47.18 -2.88 22.24
CA LYS D 493 46.63 -1.56 21.93
C LYS D 493 47.55 -0.42 22.35
N LYS D 494 48.37 -0.67 23.38
CA LYS D 494 49.41 0.26 23.78
C LYS D 494 50.72 -0.05 23.06
#